data_6X40
#
_entry.id   6X40
#
_cell.length_a   1.00
_cell.length_b   1.00
_cell.length_c   1.00
_cell.angle_alpha   90.00
_cell.angle_beta   90.00
_cell.angle_gamma   90.00
#
_symmetry.space_group_name_H-M   'P 1'
#
loop_
_entity.id
_entity.type
_entity.pdbx_description
1 polymer 'Gamma-aminobutyric acid receptor subunit beta-2'
2 polymer 'Gamma-aminobutyric acid receptor subunit alpha-1'
3 polymer 'Gamma-aminobutyric acid receptor subunit gamma-2'
4 polymer 'Kappa Fab Light Chain'
5 polymer 'IgG2b Fab Heavy Chain'
6 branched beta-D-mannopyranose-(1-4)-2-acetamido-2-deoxy-beta-D-glucopyranose-(1-4)-2-acetamido-2-deoxy-beta-D-glucopyranose
7 branched alpha-D-mannopyranose-(1-2)-alpha-D-mannopyranose-(1-2)-alpha-D-mannopyranose-(1-3)-[alpha-D-mannopyranose-(1-2)-alpha-D-mannopyranose-(1-6)-[alpha-D-mannopyranose-(1-3)]alpha-D-mannopyranose-(1-6)]beta-D-mannopyranose-(1-4)-2-acetamido-2-deoxy-beta-D-glucopyranose-(1-4)-2-acetamido-2-deoxy-beta-D-glucopyranose
8 branched 2-acetamido-2-deoxy-beta-D-glucopyranose-(1-4)-2-acetamido-2-deoxy-beta-D-glucopyranose
9 non-polymer 2-acetamido-2-deoxy-beta-D-glucopyranose
10 non-polymer 'GAMMA-AMINO-BUTANOIC ACID'
11 non-polymer '(1aR,2aR,3S,6R,6aS,8aS,8bR,9R)-2a-hydroxy-8b-methyl-9-(prop-1-en-2-yl)hexahydro-3,6-methano-1,5,7-trioxacyclopenta[ij]c yclopropa[a]azulene-4,8(3H)-dione'
#
loop_
_entity_poly.entity_id
_entity_poly.type
_entity_poly.pdbx_seq_one_letter_code
_entity_poly.pdbx_strand_id
1 'polypeptide(L)'
;QSVNDPSNMSLVKETVDRLLKGYDIRLRPDFGGPPVAVGMNIDIASIDMVSEVNMDYTLTMYFQQAWRDKRLSYNVIPLN
LTLDNRVADQLWVPDTYFLNDKKSFVHGVTVKNRMIRLHPDGTVLYGLRITTTAACMMDLRRYPLDEQNCTLEIESYGYT
TDDIEFYWRGDDNAVTGVTKIELPQFSIVDYKLITKKVVFSTGSYPRLSLSFKLKRNIGYFILQTYMPSILITILSWVSF
WINYDASAARVALGITTVLTMTTINTHLRETLPKIPYVKAIDMYLMGCFVFVFMALLEYALVNYIFFSQPARAAAIDRWS
RIFFPVVFSFFNIVYWLYYVNVDGSGATNFSLLKQAGDVEENPG
;
A,C
2 'polypeptide(L)'
;QPSLQDELKDNTTVFTRILDRLLDGYDNRLRPGLGERVTEVKTDIFVTSFGPVSDHDMEYTIDVFFRQSWKDERLKFKGP
MTVLRLNNLMASKIWTPDTFFHNGKKSVAHNMTMPNKLLRITEDGTLLYTMRLTVRAECPMHLEDFPMDAHACPLKFGSY
AYTRAEVVYEWTREPARSVVVAEDGSRLNQYDLLGQTVDSGIVQSSTGEYVVMTTHFHLKRKIGYFVIQTYLPCIMTVIL
SQVSFWLNRESVPARTVFGVTTVLTMTTLSISARNSLPKVAYATAMDWFIAVCYAFVFSALIEFATVNYFTKSQPARAAK
IDRLSRIAFPLLFGIFNLVYWATYLNREPQLKAPTPHQ
;
B,D
3 'polypeptide(L)'
;WSHPQFEKGGGSGGGSGGSSAWSHPQFEKLEVLFQGPQKSDDDYEDYASNKTWVLTPKVPEGDVTVILNNLLEGYDNKLR
PDIGVKPTLIHTDMYVNSIGPVNAINMEYTIDIFFAQTWYDRRLKFNSTIKVLRLNSNMVGKIWIPDTFFRNSKKADAHW
ITTPNRMLRIWNDGRVLYTLRLTIDAECQLQLHNFPMDEHSCPLEFSSYGYPREEIVYQWKRSSVEVGDTRSWRLYQFSF
VGLRNTTEVVKTTSGDYVVMSVYFDLSRRMGYFTIQTYIPCTLIVVLSWVSFWINKDAVPARTSLGITTVLTMTTLSTIA
RKSLPKVSYVTAMDLFVSVCFIFVFSALVEYGTLHYFVSSQPARAAKMDSYARIFFPTAFCLFNLVYWVSYLYLSRGSGA
TNFSLLKQAGDVEENPG
;
E
4 'polypeptide(L)'
;NIVMTQSPKSMSMSVGERVTLSCKASEYVGTYVSWYQQKPEQSPKLLIYGASNRYTGVPDRFTGSGSATDFTLTIGSVQA
EDLADYHCGQSYSYPTFGAGTKLELKRADAAPTVSIFPPSSEQLTSGGASVVCFLNNFYPKDINVKWKIDGSERQNGVLN
SWTDQDSKDSTYSMSSTLTLTKDEYERHNSYTCEATHKTSTSPIVKSFNRNEC
;
I,L
5 'polypeptide(L)'
;EVQLQQSGAELVKPGASVKLSCTASGFNIKDTYMYWVKQRPEQGLEWIGRIDPANGDTKYDPKFQGKATITTDTFSNTAY
LQLSSLTSEDTAVYYCARKGLRWAMDYWGQGTSVTVSTAKTTPPSVYPLAPGCGDTTGSSVTLGCLVKGYFPESVTVTWN
SGSLSSSVHTFPALLQSGLYTMSSSVTVPSSTWPSQTVTCSVAHPASSTTVDKKLEPSGPISTINPCPPCKECHKCPAPN
LEGGPSVFIFPPNIKDVLMISLTPKVTCVVVDVSEDDPDVQISWFVNNVEVHTAQTQTHREDYNSTIRVVSTLPIQHQDW
MSGKEFKCKVNNKDLPSPIERTISKIKGLVRAPQVYILPPPAEQLSRKDVSLTCLVVGFNPGDISVEWTSNGHTEENYKD
TAPVLDSDGSYFIYSKLNMKTSKWEKTDSFSCNVRHEGLKNYYLKKTISRSPGK
;
J,K
#
loop_
_chem_comp.id
_chem_comp.type
_chem_comp.name
_chem_comp.formula
ABU non-polymer 'GAMMA-AMINO-BUTANOIC ACID' 'C4 H9 N O2'
BMA D-saccharide, beta linking beta-D-mannopyranose 'C6 H12 O6'
MAN D-saccharide, alpha linking alpha-D-mannopyranose 'C6 H12 O6'
NAG D-saccharide, beta linking 2-acetamido-2-deoxy-beta-D-glucopyranose 'C8 H15 N O6'
RI5 non-polymer '(1aR,2aR,3S,6R,6aS,8aS,8bR,9R)-2a-hydroxy-8b-methyl-9-(prop-1-en-2-yl)hexahydro-3,6-methano-1,5,7-trioxacyclopenta[ij]c yclopropa[a]azulene-4,8(3H)-dione' 'C15 H16 O6'
#
# COMPACT_ATOMS: atom_id res chain seq x y z
N SER A 7 11.33 -38.73 38.75
CA SER A 7 10.86 -37.36 38.92
C SER A 7 9.46 -37.20 38.37
N ASN A 8 8.99 -35.95 38.31
CA ASN A 8 7.65 -35.65 37.79
C ASN A 8 7.69 -35.15 36.36
N MET A 9 8.76 -34.45 35.98
CA MET A 9 8.89 -33.92 34.63
C MET A 9 9.03 -35.04 33.61
N SER A 10 9.73 -36.12 33.98
CA SER A 10 9.94 -37.27 33.12
C SER A 10 8.62 -37.96 32.79
N LEU A 11 7.73 -38.05 33.79
CA LEU A 11 6.40 -38.63 33.58
C LEU A 11 5.62 -37.83 32.56
N VAL A 12 5.62 -36.50 32.71
CA VAL A 12 4.94 -35.60 31.78
C VAL A 12 5.54 -35.72 30.38
N LYS A 13 6.87 -35.86 30.31
CA LYS A 13 7.58 -36.00 29.03
C LYS A 13 7.16 -37.27 28.32
N GLU A 14 7.13 -38.38 29.05
CA GLU A 14 6.74 -39.66 28.46
C GLU A 14 5.27 -39.67 28.10
N THR A 15 4.43 -38.99 28.88
CA THR A 15 3.01 -38.86 28.56
C THR A 15 2.80 -38.10 27.25
N VAL A 16 3.45 -36.96 27.09
CA VAL A 16 3.31 -36.16 25.88
C VAL A 16 3.91 -36.88 24.69
N ASP A 17 5.01 -37.60 24.89
CA ASP A 17 5.63 -38.35 23.81
C ASP A 17 4.79 -39.55 23.40
N ARG A 18 4.04 -40.14 24.35
CA ARG A 18 3.16 -41.25 24.02
C ARG A 18 1.90 -40.77 23.32
N LEU A 19 1.37 -39.61 23.72
CA LEU A 19 0.16 -39.06 23.12
C LEU A 19 0.38 -38.75 21.65
N LEU A 20 1.55 -38.21 21.30
CA LEU A 20 1.85 -37.79 19.94
C LEU A 20 2.45 -38.90 19.11
N LYS A 21 2.65 -40.09 19.69
CA LYS A 21 3.21 -41.22 18.99
C LYS A 21 2.09 -41.99 18.31
N GLY A 22 2.13 -42.04 16.98
CA GLY A 22 1.08 -42.69 16.23
C GLY A 22 -0.19 -41.87 16.19
N TYR A 23 -0.07 -40.56 16.03
CA TYR A 23 -1.21 -39.66 16.00
C TYR A 23 -1.42 -39.22 14.56
N ASP A 24 -2.60 -39.49 14.03
CA ASP A 24 -2.91 -39.17 12.65
C ASP A 24 -3.62 -37.82 12.62
N ILE A 25 -2.92 -36.80 12.11
CA ILE A 25 -3.48 -35.46 12.03
C ILE A 25 -4.51 -35.33 10.92
N ARG A 26 -4.60 -36.32 10.04
CA ARG A 26 -5.57 -36.28 8.96
C ARG A 26 -6.98 -36.61 9.44
N LEU A 27 -7.08 -37.36 10.54
CA LEU A 27 -8.37 -37.85 11.02
C LEU A 27 -8.81 -37.04 12.24
N ARG A 28 -10.08 -36.68 12.23
CA ARG A 28 -10.69 -36.00 13.36
C ARG A 28 -11.01 -37.01 14.46
N PRO A 29 -11.28 -36.56 15.68
CA PRO A 29 -11.78 -37.48 16.71
C PRO A 29 -13.11 -38.11 16.29
N ASP A 30 -13.19 -39.43 16.46
CA ASP A 30 -14.32 -40.28 16.05
C ASP A 30 -14.58 -40.12 14.55
N PHE A 31 -13.56 -40.51 13.76
CA PHE A 31 -13.60 -40.31 12.32
C PHE A 31 -14.68 -41.14 11.62
N GLY A 32 -15.12 -42.24 12.22
CA GLY A 32 -16.14 -43.06 11.62
C GLY A 32 -17.40 -43.06 12.45
N GLY A 33 -17.29 -42.55 13.66
CA GLY A 33 -18.39 -42.57 14.61
C GLY A 33 -19.20 -41.29 14.56
N PRO A 34 -19.69 -40.86 15.71
CA PRO A 34 -20.54 -39.66 15.78
C PRO A 34 -19.71 -38.41 15.53
N PRO A 35 -20.34 -37.27 15.23
CA PRO A 35 -19.57 -36.04 15.02
C PRO A 35 -18.94 -35.55 16.31
N VAL A 36 -17.92 -34.74 16.16
CA VAL A 36 -17.24 -34.15 17.30
C VAL A 36 -17.89 -32.80 17.59
N ALA A 37 -18.06 -32.49 18.86
CA ALA A 37 -18.71 -31.25 19.27
C ALA A 37 -17.63 -30.28 19.71
N VAL A 38 -17.66 -29.09 19.13
CA VAL A 38 -16.67 -28.06 19.40
C VAL A 38 -17.40 -26.88 20.03
N GLY A 39 -16.92 -26.44 21.18
CA GLY A 39 -17.53 -25.34 21.90
C GLY A 39 -16.67 -24.11 21.77
N MET A 40 -17.31 -22.96 21.57
CA MET A 40 -16.62 -21.74 21.22
C MET A 40 -16.73 -20.73 22.36
N ASN A 41 -15.62 -20.06 22.63
CA ASN A 41 -15.61 -18.90 23.48
C ASN A 41 -14.93 -17.80 22.69
N ILE A 42 -15.41 -16.57 22.88
CA ILE A 42 -14.80 -15.40 22.26
C ILE A 42 -14.67 -14.36 23.35
N ASP A 43 -13.48 -13.85 23.54
CA ASP A 43 -13.25 -12.77 24.49
C ASP A 43 -12.81 -11.61 23.62
N ILE A 44 -13.69 -10.64 23.44
CA ILE A 44 -13.46 -9.58 22.47
C ILE A 44 -12.57 -8.54 23.14
N ALA A 45 -11.39 -8.34 22.58
CA ALA A 45 -10.44 -7.40 23.16
C ALA A 45 -10.75 -5.98 22.75
N SER A 46 -11.17 -5.81 21.50
CA SER A 46 -11.45 -4.49 20.96
C SER A 46 -12.24 -4.64 19.68
N ILE A 47 -12.92 -3.56 19.31
CA ILE A 47 -13.51 -3.38 17.98
C ILE A 47 -12.89 -2.10 17.49
N ASP A 48 -12.05 -2.20 16.46
CA ASP A 48 -11.10 -1.13 16.17
C ASP A 48 -11.74 0.00 15.39
N MET A 49 -12.18 -0.27 14.17
CA MET A 49 -12.61 0.79 13.28
C MET A 49 -13.78 0.30 12.44
N VAL A 50 -14.94 0.91 12.64
CA VAL A 50 -16.14 0.55 11.89
C VAL A 50 -16.18 1.51 10.71
N SER A 51 -15.75 1.04 9.55
CA SER A 51 -15.58 1.88 8.37
C SER A 51 -16.83 1.81 7.50
N GLU A 52 -17.39 2.98 7.18
CA GLU A 52 -18.53 3.04 6.29
C GLU A 52 -18.14 3.08 4.83
N VAL A 53 -16.92 3.51 4.52
CA VAL A 53 -16.50 3.59 3.13
C VAL A 53 -16.06 2.23 2.63
N ASN A 54 -15.43 1.43 3.48
CA ASN A 54 -15.03 0.08 3.14
C ASN A 54 -16.11 -0.95 3.44
N MET A 55 -17.12 -0.57 4.23
CA MET A 55 -18.24 -1.42 4.65
C MET A 55 -17.71 -2.65 5.40
N ASP A 56 -16.94 -2.37 6.43
CA ASP A 56 -16.34 -3.42 7.24
C ASP A 56 -16.05 -2.88 8.63
N TYR A 57 -15.67 -3.80 9.52
CA TYR A 57 -15.30 -3.48 10.91
C TYR A 57 -14.15 -4.40 11.30
N THR A 58 -13.29 -3.94 12.22
CA THR A 58 -12.15 -4.71 12.65
C THR A 58 -12.33 -5.04 14.11
N LEU A 59 -12.04 -6.27 14.48
CA LEU A 59 -12.17 -6.64 15.89
C LEU A 59 -11.04 -7.58 16.27
N THR A 60 -10.50 -7.38 17.46
CA THR A 60 -9.54 -8.28 18.05
C THR A 60 -10.28 -9.16 19.04
N MET A 61 -9.98 -10.45 19.03
CA MET A 61 -10.70 -11.39 19.86
C MET A 61 -9.73 -12.42 20.40
N TYR A 62 -10.06 -12.97 21.55
CA TYR A 62 -9.46 -14.21 22.01
C TYR A 62 -10.46 -15.30 21.68
N PHE A 63 -10.14 -16.10 20.68
CA PHE A 63 -11.05 -17.09 20.14
C PHE A 63 -10.60 -18.45 20.61
N GLN A 64 -11.45 -19.13 21.36
CA GLN A 64 -11.10 -20.38 21.99
C GLN A 64 -12.06 -21.46 21.53
N GLN A 65 -11.52 -22.63 21.26
CA GLN A 65 -12.32 -23.77 20.86
C GLN A 65 -12.04 -24.92 21.80
N ALA A 66 -13.07 -25.63 22.20
CA ALA A 66 -12.94 -26.76 23.10
C ALA A 66 -13.67 -27.94 22.51
N TRP A 67 -12.96 -29.06 22.40
CA TRP A 67 -13.54 -30.30 21.94
C TRP A 67 -12.91 -31.41 22.76
N ARG A 68 -13.23 -32.65 22.42
CA ARG A 68 -12.75 -33.80 23.18
C ARG A 68 -12.20 -34.83 22.22
N ASP A 69 -10.90 -35.10 22.33
CA ASP A 69 -10.25 -36.11 21.53
C ASP A 69 -9.79 -37.20 22.49
N LYS A 70 -10.30 -38.42 22.30
CA LYS A 70 -9.97 -39.50 23.21
C LYS A 70 -8.54 -39.97 23.04
N ARG A 71 -7.89 -39.65 21.92
CA ARG A 71 -6.51 -40.09 21.74
C ARG A 71 -5.58 -39.27 22.61
N LEU A 72 -5.95 -38.03 22.94
CA LEU A 72 -5.16 -37.19 23.83
C LEU A 72 -5.70 -37.27 25.25
N SER A 73 -5.78 -38.49 25.75
CA SER A 73 -6.27 -38.77 27.09
C SER A 73 -5.16 -39.41 27.89
N TYR A 74 -5.02 -38.98 29.14
CA TYR A 74 -3.97 -39.49 30.01
C TYR A 74 -4.47 -39.49 31.45
N ASN A 75 -3.90 -40.38 32.26
CA ASN A 75 -4.35 -40.52 33.64
C ASN A 75 -3.23 -40.63 34.66
N VAL A 76 -1.96 -40.59 34.24
CA VAL A 76 -0.87 -40.82 35.17
C VAL A 76 -0.45 -39.55 35.91
N ILE A 77 -0.82 -38.37 35.41
CA ILE A 77 -0.47 -37.11 36.06
C ILE A 77 -1.78 -36.37 36.37
N PRO A 78 -1.88 -35.69 37.52
CA PRO A 78 -3.16 -35.10 37.93
C PRO A 78 -3.38 -33.66 37.50
N LEU A 79 -2.57 -33.12 36.61
CA LEU A 79 -2.64 -31.71 36.24
C LEU A 79 -2.96 -31.56 34.77
N ASN A 80 -3.44 -30.36 34.42
CA ASN A 80 -3.70 -30.02 33.03
C ASN A 80 -2.40 -29.60 32.36
N LEU A 81 -2.26 -29.93 31.09
CA LEU A 81 -1.00 -29.73 30.39
C LEU A 81 -1.16 -28.60 29.38
N THR A 82 -0.55 -27.47 29.69
CA THR A 82 -0.39 -26.41 28.71
C THR A 82 0.90 -26.65 27.94
N LEU A 83 0.77 -26.86 26.65
CA LEU A 83 1.91 -27.20 25.81
C LEU A 83 2.29 -25.98 24.99
N ASP A 84 3.55 -25.97 24.56
CA ASP A 84 4.04 -24.96 23.62
C ASP A 84 3.18 -24.99 22.36
N ASN A 85 2.83 -23.80 21.87
CA ASN A 85 1.87 -23.63 20.78
C ASN A 85 2.27 -24.34 19.49
N ARG A 86 3.56 -24.65 19.32
CA ARG A 86 4.04 -25.40 18.16
C ARG A 86 3.47 -26.81 18.08
N VAL A 87 2.92 -27.36 19.16
CA VAL A 87 2.30 -28.68 19.09
C VAL A 87 0.93 -28.62 18.44
N ALA A 88 0.37 -27.43 18.22
CA ALA A 88 -0.92 -27.33 17.52
C ALA A 88 -0.80 -27.70 16.05
N ASP A 89 0.42 -27.77 15.52
CA ASP A 89 0.68 -28.22 14.17
C ASP A 89 0.85 -29.73 14.11
N GLN A 90 0.85 -30.40 15.26
CA GLN A 90 0.96 -31.84 15.36
C GLN A 90 -0.32 -32.47 15.87
N LEU A 91 -1.36 -31.68 16.10
CA LEU A 91 -2.64 -32.14 16.58
C LEU A 91 -3.72 -31.78 15.58
N TRP A 92 -4.87 -32.44 15.72
CA TRP A 92 -6.01 -32.08 14.90
C TRP A 92 -6.71 -30.91 15.57
N VAL A 93 -6.93 -29.85 14.81
CA VAL A 93 -7.69 -28.70 15.30
C VAL A 93 -8.75 -28.46 14.23
N PRO A 94 -9.95 -28.01 14.58
CA PRO A 94 -10.99 -27.83 13.57
C PRO A 94 -10.68 -26.69 12.62
N ASP A 95 -11.22 -26.80 11.41
CA ASP A 95 -10.95 -25.85 10.34
C ASP A 95 -12.02 -24.77 10.32
N THR A 96 -12.09 -24.07 11.45
CA THR A 96 -13.04 -22.98 11.61
C THR A 96 -12.62 -21.82 10.72
N TYR A 97 -13.59 -21.19 10.08
CA TYR A 97 -13.32 -20.01 9.29
C TYR A 97 -14.44 -19.01 9.48
N PHE A 98 -14.18 -17.79 9.06
CA PHE A 98 -15.14 -16.71 9.14
C PHE A 98 -15.60 -16.39 7.74
N LEU A 99 -16.91 -16.43 7.52
CA LEU A 99 -17.43 -16.32 6.17
C LEU A 99 -17.35 -14.89 5.66
N ASN A 100 -17.56 -13.93 6.55
CA ASN A 100 -17.62 -12.49 6.15
C ASN A 100 -16.35 -11.71 6.49
N ASP A 101 -15.19 -12.37 6.54
CA ASP A 101 -13.97 -11.64 6.82
C ASP A 101 -13.23 -11.27 5.54
N LYS A 102 -12.44 -10.20 5.62
CA LYS A 102 -11.71 -9.70 4.48
C LYS A 102 -10.21 -9.78 4.65
N LYS A 103 -9.70 -9.64 5.88
CA LYS A 103 -8.29 -9.87 6.16
C LYS A 103 -8.17 -10.21 7.63
N SER A 104 -7.65 -11.40 7.90
CA SER A 104 -7.48 -11.88 9.26
C SER A 104 -6.02 -12.29 9.46
N PHE A 105 -5.61 -12.36 10.72
CA PHE A 105 -4.28 -12.84 11.07
C PHE A 105 -4.25 -13.21 12.55
N VAL A 106 -3.34 -14.10 12.88
CA VAL A 106 -3.03 -14.44 14.27
C VAL A 106 -1.81 -13.61 14.63
N HIS A 107 -1.83 -13.00 15.80
CA HIS A 107 -0.71 -12.19 16.23
C HIS A 107 0.52 -13.07 16.48
N GLY A 108 1.70 -12.47 16.30
CA GLY A 108 2.91 -13.24 16.28
C GLY A 108 4.04 -12.64 17.08
N VAL A 109 3.70 -11.99 18.18
CA VAL A 109 4.68 -11.40 19.10
C VAL A 109 4.31 -11.81 20.52
N THR A 110 5.25 -12.41 21.25
CA THR A 110 6.62 -12.68 20.82
C THR A 110 6.74 -14.00 20.06
N VAL A 111 5.75 -14.87 20.26
CA VAL A 111 5.60 -16.08 19.48
C VAL A 111 4.23 -16.00 18.85
N LYS A 112 3.83 -17.03 18.10
CA LYS A 112 2.49 -17.08 17.54
C LYS A 112 1.47 -17.13 18.66
N ASN A 113 0.61 -16.12 18.72
CA ASN A 113 -0.32 -15.99 19.84
C ASN A 113 -1.43 -17.01 19.74
N ARG A 114 -1.16 -18.20 20.25
CA ARG A 114 -2.18 -19.22 20.35
C ARG A 114 -1.85 -20.13 21.52
N MET A 115 -2.85 -20.87 21.95
CA MET A 115 -2.79 -21.67 23.15
C MET A 115 -3.34 -23.05 22.85
N ILE A 116 -2.68 -24.05 23.42
CA ILE A 116 -3.09 -25.44 23.29
C ILE A 116 -2.98 -26.07 24.66
N ARG A 117 -4.09 -26.59 25.17
CA ARG A 117 -4.12 -27.13 26.52
C ARG A 117 -4.82 -28.47 26.50
N LEU A 118 -4.20 -29.47 27.12
CA LEU A 118 -4.78 -30.80 27.20
C LEU A 118 -5.24 -31.08 28.63
N HIS A 119 -6.39 -31.70 28.74
CA HIS A 119 -6.95 -32.10 30.00
C HIS A 119 -6.94 -33.62 30.09
N PRO A 120 -6.91 -34.20 31.31
CA PRO A 120 -6.74 -35.65 31.43
C PRO A 120 -7.88 -36.49 30.87
N ASP A 121 -9.07 -35.92 30.69
CA ASP A 121 -10.19 -36.68 30.17
C ASP A 121 -10.29 -36.61 28.65
N GLY A 122 -9.31 -35.99 28.00
CA GLY A 122 -9.29 -35.88 26.56
C GLY A 122 -9.72 -34.54 26.03
N THR A 123 -10.15 -33.62 26.89
CA THR A 123 -10.63 -32.33 26.45
C THR A 123 -9.46 -31.47 26.00
N VAL A 124 -9.51 -31.01 24.77
CA VAL A 124 -8.48 -30.15 24.22
C VAL A 124 -9.03 -28.73 24.21
N LEU A 125 -8.23 -27.78 24.66
CA LEU A 125 -8.62 -26.38 24.68
C LEU A 125 -7.64 -25.65 23.81
N TYR A 126 -8.15 -24.95 22.79
CA TYR A 126 -7.32 -24.39 21.74
C TYR A 126 -7.77 -22.96 21.55
N GLY A 127 -6.88 -22.03 21.82
CA GLY A 127 -7.22 -20.62 21.80
C GLY A 127 -6.33 -19.91 20.80
N LEU A 128 -6.90 -18.92 20.14
CA LEU A 128 -6.17 -18.10 19.18
C LEU A 128 -6.48 -16.65 19.50
N ARG A 129 -5.56 -15.76 19.12
CA ARG A 129 -5.80 -14.34 19.24
C ARG A 129 -5.81 -13.76 17.84
N ILE A 130 -7.00 -13.35 17.41
CA ILE A 130 -7.25 -13.04 16.02
C ILE A 130 -7.61 -11.57 15.94
N THR A 131 -7.23 -10.93 14.84
CA THR A 131 -7.67 -9.58 14.52
C THR A 131 -8.31 -9.74 13.16
N THR A 132 -9.63 -9.70 13.15
CA THR A 132 -10.42 -10.00 11.98
C THR A 132 -10.95 -8.70 11.42
N THR A 133 -10.86 -8.53 10.12
CA THR A 133 -11.53 -7.43 9.46
C THR A 133 -12.72 -8.08 8.80
N ALA A 134 -13.84 -8.08 9.51
CA ALA A 134 -15.03 -8.72 8.98
C ALA A 134 -15.80 -7.70 8.18
N ALA A 135 -16.65 -8.18 7.29
CA ALA A 135 -17.37 -7.33 6.37
C ALA A 135 -18.83 -7.30 6.73
N CYS A 136 -19.39 -6.10 6.82
CA CYS A 136 -20.82 -5.98 7.00
C CYS A 136 -21.35 -4.82 6.18
N MET A 137 -22.39 -5.09 5.40
CA MET A 137 -23.01 -4.05 4.60
C MET A 137 -23.96 -3.27 5.48
N MET A 138 -23.87 -1.95 5.41
CA MET A 138 -24.62 -1.07 6.27
C MET A 138 -25.72 -0.39 5.47
N ASP A 139 -26.84 -0.15 6.11
CA ASP A 139 -27.96 0.54 5.49
C ASP A 139 -27.90 1.96 6.00
N LEU A 140 -27.37 2.86 5.18
CA LEU A 140 -27.10 4.22 5.58
C LEU A 140 -28.21 5.17 5.15
N ARG A 141 -29.42 4.64 4.93
CA ARG A 141 -30.53 5.49 4.52
C ARG A 141 -30.97 6.43 5.62
N ARG A 142 -30.62 6.14 6.87
CA ARG A 142 -30.94 6.99 8.00
C ARG A 142 -29.69 7.62 8.62
N TYR A 143 -28.59 7.67 7.88
CA TYR A 143 -27.34 8.28 8.38
C TYR A 143 -27.52 9.76 8.72
N PRO A 144 -27.06 10.23 9.89
CA PRO A 144 -26.38 9.50 10.97
C PRO A 144 -27.28 9.03 12.11
N LEU A 145 -28.59 9.08 11.93
CA LEU A 145 -29.55 8.62 12.93
C LEU A 145 -29.97 7.19 12.63
N ASP A 146 -28.98 6.30 12.55
CA ASP A 146 -29.16 4.95 12.10
C ASP A 146 -28.68 3.97 13.15
N GLU A 147 -29.18 2.74 13.05
CA GLU A 147 -28.71 1.65 13.86
C GLU A 147 -28.23 0.56 12.94
N GLN A 148 -26.97 0.15 13.10
CA GLN A 148 -26.33 -0.84 12.20
C GLN A 148 -26.22 -2.20 12.86
N ASN A 149 -26.70 -3.25 12.19
CA ASN A 149 -26.62 -4.64 12.74
C ASN A 149 -25.71 -5.51 11.86
N CYS A 150 -24.46 -5.74 12.27
CA CYS A 150 -23.61 -6.65 11.46
C CYS A 150 -23.05 -7.77 12.33
N THR A 151 -22.86 -8.95 11.72
CA THR A 151 -22.50 -10.18 12.48
C THR A 151 -21.20 -10.81 11.95
N LEU A 152 -20.59 -11.66 12.79
CA LEU A 152 -19.38 -12.43 12.43
C LEU A 152 -19.82 -13.89 12.29
N GLU A 153 -19.59 -14.50 11.11
CA GLU A 153 -20.03 -15.89 10.84
C GLU A 153 -18.91 -16.87 11.20
N ILE A 154 -19.23 -17.92 11.98
CA ILE A 154 -18.24 -18.91 12.35
C ILE A 154 -18.72 -20.25 11.82
N GLU A 155 -17.97 -20.81 10.89
CA GLU A 155 -18.37 -22.04 10.21
C GLU A 155 -17.17 -22.97 10.15
N SER A 156 -17.43 -24.24 9.85
CA SER A 156 -16.40 -25.22 9.59
C SER A 156 -16.32 -25.43 8.09
N TYR A 157 -15.10 -25.41 7.55
CA TYR A 157 -14.99 -25.45 6.10
C TYR A 157 -15.11 -26.87 5.55
N GLY A 158 -14.25 -27.77 5.98
CA GLY A 158 -14.20 -29.07 5.36
C GLY A 158 -15.24 -30.02 5.92
N TYR A 159 -15.44 -29.97 7.23
CA TYR A 159 -16.28 -30.95 7.90
C TYR A 159 -17.73 -30.49 7.86
N THR A 160 -18.60 -31.39 7.41
CA THR A 160 -20.02 -31.13 7.32
C THR A 160 -20.67 -31.29 8.69
N THR A 161 -21.99 -31.14 8.73
CA THR A 161 -22.70 -31.18 10.00
C THR A 161 -22.80 -32.59 10.56
N ASP A 162 -22.45 -33.61 9.78
CA ASP A 162 -22.38 -34.99 10.25
C ASP A 162 -20.95 -35.41 10.56
N ASP A 163 -20.02 -34.46 10.56
CA ASP A 163 -18.63 -34.69 10.97
C ASP A 163 -18.21 -33.82 12.13
N ILE A 164 -18.83 -32.65 12.31
CA ILE A 164 -18.47 -31.70 13.34
C ILE A 164 -19.76 -31.06 13.83
N GLU A 165 -19.66 -30.39 14.98
CA GLU A 165 -20.82 -29.76 15.59
C GLU A 165 -20.35 -28.56 16.37
N PHE A 166 -20.99 -27.42 16.17
CA PHE A 166 -20.62 -26.20 16.86
C PHE A 166 -21.66 -25.85 17.89
N TYR A 167 -21.20 -25.21 18.96
CA TYR A 167 -22.07 -24.68 19.99
C TYR A 167 -21.26 -23.67 20.78
N TRP A 168 -21.96 -22.86 21.56
CA TRP A 168 -21.32 -21.87 22.42
C TRP A 168 -21.08 -22.47 23.80
N ARG A 169 -19.88 -22.29 24.32
CA ARG A 169 -19.52 -22.88 25.60
C ARG A 169 -20.09 -21.98 26.68
N GLY A 170 -21.28 -22.32 27.19
CA GLY A 170 -22.00 -21.49 28.13
C GLY A 170 -23.35 -21.01 27.62
N ASP A 171 -23.44 -20.75 26.30
CA ASP A 171 -24.63 -20.44 25.51
C ASP A 171 -25.22 -19.05 25.75
N ASP A 172 -24.77 -18.37 26.80
CA ASP A 172 -25.14 -16.97 26.98
C ASP A 172 -23.92 -16.15 27.37
N ASN A 173 -22.95 -16.80 28.02
CA ASN A 173 -21.75 -16.15 28.49
C ASN A 173 -20.52 -16.59 27.71
N ALA A 174 -20.71 -17.18 26.54
CA ALA A 174 -19.59 -17.64 25.74
C ALA A 174 -18.83 -16.50 25.12
N VAL A 175 -19.48 -15.35 24.94
CA VAL A 175 -18.84 -14.15 24.39
C VAL A 175 -18.80 -13.13 25.51
N THR A 176 -17.59 -12.75 25.90
CA THR A 176 -17.35 -11.82 26.99
C THR A 176 -16.69 -10.57 26.40
N GLY A 177 -16.53 -9.55 27.24
CA GLY A 177 -15.85 -8.34 26.84
C GLY A 177 -16.60 -7.45 25.89
N VAL A 178 -17.91 -7.62 25.76
CA VAL A 178 -18.66 -6.76 24.85
C VAL A 178 -19.17 -5.52 25.59
N THR A 179 -19.38 -5.62 26.89
CA THR A 179 -19.84 -4.48 27.69
C THR A 179 -18.72 -3.50 28.01
N LYS A 180 -17.47 -3.85 27.74
CA LYS A 180 -16.34 -2.97 28.02
C LYS A 180 -15.83 -2.27 26.78
N ILE A 181 -16.41 -2.54 25.62
CA ILE A 181 -15.97 -1.93 24.37
C ILE A 181 -16.40 -0.47 24.32
N GLU A 182 -15.44 0.43 24.04
CA GLU A 182 -15.72 1.86 23.94
C GLU A 182 -15.46 2.24 22.49
N LEU A 183 -16.52 2.27 21.70
CA LEU A 183 -16.33 2.75 20.34
C LEU A 183 -16.45 4.27 20.31
N PRO A 184 -15.60 4.96 19.55
CA PRO A 184 -15.66 6.43 19.54
C PRO A 184 -16.86 7.00 18.82
N GLN A 185 -17.47 6.24 17.90
CA GLN A 185 -18.56 6.74 17.09
C GLN A 185 -19.85 5.96 17.26
N PHE A 186 -19.80 4.74 17.77
CA PHE A 186 -20.97 3.92 17.96
C PHE A 186 -21.15 3.59 19.43
N SER A 187 -22.16 2.77 19.71
CA SER A 187 -22.39 2.26 21.06
C SER A 187 -23.11 0.92 20.91
N ILE A 188 -22.54 -0.13 21.50
CA ILE A 188 -23.14 -1.45 21.41
C ILE A 188 -24.43 -1.46 22.23
N VAL A 189 -25.53 -1.81 21.59
CA VAL A 189 -26.83 -1.86 22.23
C VAL A 189 -27.17 -3.26 22.70
N ASP A 190 -26.90 -4.24 21.84
CA ASP A 190 -27.25 -5.62 22.12
C ASP A 190 -26.33 -6.51 21.31
N TYR A 191 -26.24 -7.75 21.72
CA TYR A 191 -25.48 -8.74 20.98
C TYR A 191 -26.19 -10.07 21.13
N LYS A 192 -26.02 -10.93 20.13
CA LYS A 192 -26.74 -12.19 20.10
C LYS A 192 -25.82 -13.29 19.62
N LEU A 193 -26.09 -14.50 20.10
CA LEU A 193 -25.39 -15.70 19.69
C LEU A 193 -26.41 -16.61 19.06
N ILE A 194 -26.12 -17.11 17.87
CA ILE A 194 -27.06 -17.91 17.09
C ILE A 194 -26.35 -19.17 16.65
N THR A 195 -27.06 -20.29 16.69
CA THR A 195 -26.58 -21.58 16.22
C THR A 195 -27.54 -22.06 15.16
N LYS A 196 -27.00 -22.46 14.02
CA LYS A 196 -27.84 -22.94 12.93
C LYS A 196 -27.01 -23.82 12.01
N LYS A 197 -27.59 -24.19 10.89
CA LYS A 197 -26.94 -25.01 9.89
C LYS A 197 -27.21 -24.38 8.54
N VAL A 198 -26.19 -24.29 7.70
CA VAL A 198 -26.33 -23.74 6.38
C VAL A 198 -26.14 -24.87 5.39
N VAL A 199 -26.70 -24.69 4.19
CA VAL A 199 -26.69 -25.71 3.16
C VAL A 199 -26.02 -25.12 1.94
N PHE A 200 -24.90 -25.70 1.56
CA PHE A 200 -24.20 -25.40 0.32
C PHE A 200 -24.24 -26.63 -0.57
N SER A 201 -23.84 -26.43 -1.84
CA SER A 201 -23.78 -27.49 -2.84
C SER A 201 -22.85 -28.65 -2.48
N THR A 202 -22.03 -28.53 -1.45
CA THR A 202 -21.13 -29.58 -1.01
C THR A 202 -21.62 -30.32 0.23
N GLY A 203 -22.62 -29.79 0.91
CA GLY A 203 -23.17 -30.44 2.08
C GLY A 203 -23.74 -29.41 3.02
N SER A 204 -24.07 -29.88 4.22
CA SER A 204 -24.65 -29.05 5.26
C SER A 204 -23.61 -28.80 6.33
N TYR A 205 -23.47 -27.54 6.76
CA TYR A 205 -22.40 -27.17 7.65
C TYR A 205 -22.95 -26.44 8.86
N PRO A 206 -22.37 -26.63 10.03
CA PRO A 206 -22.83 -25.89 11.20
C PRO A 206 -22.28 -24.49 11.17
N ARG A 207 -23.03 -23.56 11.74
CA ARG A 207 -22.61 -22.18 11.71
C ARG A 207 -23.01 -21.52 13.01
N LEU A 208 -22.09 -20.73 13.54
CA LEU A 208 -22.39 -19.82 14.63
C LEU A 208 -22.29 -18.41 14.12
N SER A 209 -23.08 -17.52 14.72
CA SER A 209 -23.07 -16.10 14.27
C SER A 209 -23.12 -15.15 15.46
N LEU A 210 -22.05 -14.38 15.66
CA LEU A 210 -22.00 -13.37 16.76
C LEU A 210 -22.35 -12.03 16.12
N SER A 211 -23.44 -11.40 16.57
CA SER A 211 -23.90 -10.13 15.97
C SER A 211 -24.00 -9.02 17.02
N PHE A 212 -23.46 -7.84 16.69
CA PHE A 212 -23.50 -6.67 17.61
C PHE A 212 -24.35 -5.56 16.98
N LYS A 213 -25.44 -5.17 17.64
CA LYS A 213 -26.28 -4.08 17.18
C LYS A 213 -25.63 -2.80 17.63
N LEU A 214 -25.24 -1.99 16.66
CA LEU A 214 -24.58 -0.72 16.94
C LEU A 214 -25.55 0.40 16.65
N LYS A 215 -25.47 1.45 17.45
CA LYS A 215 -26.29 2.63 17.27
C LYS A 215 -25.35 3.80 17.17
N ARG A 216 -25.55 4.64 16.18
CA ARG A 216 -24.60 5.71 15.94
C ARG A 216 -24.95 6.87 16.83
N ASN A 217 -23.93 7.46 17.44
CA ASN A 217 -24.17 8.62 18.26
C ASN A 217 -24.45 9.83 17.38
N ILE A 218 -24.90 10.91 18.01
CA ILE A 218 -25.36 12.06 17.23
C ILE A 218 -24.63 13.29 17.73
N GLY A 219 -23.91 13.15 18.86
CA GLY A 219 -23.24 14.28 19.50
C GLY A 219 -22.21 14.95 18.61
N TYR A 220 -21.55 14.15 17.77
CA TYR A 220 -20.55 14.71 16.86
C TYR A 220 -21.22 15.33 15.66
N PHE A 221 -22.21 14.64 15.10
CA PHE A 221 -22.86 15.07 13.88
C PHE A 221 -23.63 16.37 14.05
N ILE A 222 -24.30 16.57 15.19
CA ILE A 222 -25.00 17.85 15.44
C ILE A 222 -24.02 19.03 15.37
N LEU A 223 -23.01 19.06 16.25
CA LEU A 223 -22.09 20.19 16.33
C LEU A 223 -21.26 20.37 15.06
N GLN A 224 -20.95 19.28 14.35
CA GLN A 224 -20.09 19.44 13.18
C GLN A 224 -20.87 19.63 11.89
N THR A 225 -22.12 19.21 11.81
CA THR A 225 -22.83 19.25 10.54
C THR A 225 -24.17 19.96 10.63
N TYR A 226 -24.95 19.73 11.69
CA TYR A 226 -26.32 20.23 11.67
C TYR A 226 -26.39 21.68 12.12
N MET A 227 -25.60 22.07 13.13
CA MET A 227 -25.53 23.48 13.53
C MET A 227 -25.02 24.38 12.40
N PRO A 228 -23.96 24.06 11.61
CA PRO A 228 -23.62 24.96 10.49
C PRO A 228 -24.77 25.18 9.52
N SER A 229 -25.50 24.14 9.15
CA SER A 229 -26.60 24.28 8.19
C SER A 229 -27.72 25.15 8.76
N ILE A 230 -28.06 24.95 10.04
CA ILE A 230 -29.11 25.74 10.68
C ILE A 230 -28.68 27.20 10.78
N LEU A 231 -27.43 27.44 11.14
CA LEU A 231 -26.95 28.81 11.25
C LEU A 231 -26.83 29.47 9.88
N ILE A 232 -26.50 28.72 8.83
CA ILE A 232 -26.51 29.31 7.50
C ILE A 232 -27.93 29.65 7.06
N THR A 233 -28.91 28.81 7.41
CA THR A 233 -30.30 29.16 7.10
C THR A 233 -30.78 30.39 7.87
N ILE A 234 -30.41 30.51 9.14
CA ILE A 234 -30.78 31.70 9.93
C ILE A 234 -30.07 32.93 9.40
N LEU A 235 -28.79 32.81 9.10
CA LEU A 235 -28.02 33.91 8.54
C LEU A 235 -28.43 34.23 7.11
N SER A 236 -29.16 33.36 6.45
CA SER A 236 -29.80 33.68 5.17
C SER A 236 -31.13 34.39 5.39
N TRP A 237 -31.82 34.05 6.48
CA TRP A 237 -33.04 34.77 6.85
C TRP A 237 -32.72 36.22 7.20
N VAL A 238 -31.50 36.47 7.72
CA VAL A 238 -31.13 37.79 8.24
C VAL A 238 -31.24 38.90 7.18
N SER A 239 -31.22 38.57 5.88
CA SER A 239 -31.36 39.58 4.83
C SER A 239 -32.76 40.15 4.73
N PHE A 240 -33.74 39.56 5.39
CA PHE A 240 -35.09 40.11 5.32
C PHE A 240 -35.17 41.40 6.14
N TRP A 241 -34.35 41.52 7.18
CA TRP A 241 -34.27 42.73 7.98
C TRP A 241 -33.51 43.84 7.28
N ILE A 242 -32.96 43.58 6.08
CA ILE A 242 -32.33 44.59 5.25
C ILE A 242 -33.38 45.19 4.34
N ASN A 243 -33.39 46.51 4.21
CA ASN A 243 -34.39 47.18 3.39
C ASN A 243 -34.21 46.85 1.91
N TYR A 244 -35.29 47.06 1.16
CA TYR A 244 -35.31 46.79 -0.28
C TYR A 244 -34.45 47.73 -1.11
N ASP A 245 -33.87 48.78 -0.51
CA ASP A 245 -33.02 49.68 -1.27
C ASP A 245 -31.69 49.03 -1.62
N ALA A 246 -30.98 48.53 -0.61
CA ALA A 246 -29.68 47.92 -0.79
C ALA A 246 -29.83 46.57 -1.48
N SER A 247 -29.71 46.58 -2.80
CA SER A 247 -29.82 45.35 -3.57
C SER A 247 -28.54 44.51 -3.48
N ALA A 248 -27.38 45.16 -3.52
CA ALA A 248 -26.09 44.48 -3.48
C ALA A 248 -25.93 43.69 -2.18
N ALA A 249 -26.36 44.28 -1.06
CA ALA A 249 -26.22 43.63 0.24
C ALA A 249 -27.02 42.34 0.33
N ARG A 250 -28.31 42.39 0.00
CA ARG A 250 -29.17 41.21 0.09
C ARG A 250 -28.75 40.15 -0.93
N VAL A 251 -28.39 40.58 -2.14
CA VAL A 251 -27.92 39.67 -3.17
C VAL A 251 -26.65 38.94 -2.72
N ALA A 252 -25.69 39.70 -2.19
CA ALA A 252 -24.42 39.14 -1.75
C ALA A 252 -24.63 38.19 -0.59
N LEU A 253 -25.48 38.56 0.36
CA LEU A 253 -25.79 37.71 1.51
C LEU A 253 -26.43 36.41 1.07
N GLY A 254 -27.45 36.48 0.20
CA GLY A 254 -28.12 35.27 -0.25
C GLY A 254 -27.19 34.33 -1.02
N ILE A 255 -26.45 34.90 -1.97
CA ILE A 255 -25.55 34.08 -2.78
C ILE A 255 -24.42 33.51 -1.92
N THR A 256 -23.93 34.27 -0.94
CA THR A 256 -22.84 33.76 -0.12
C THR A 256 -23.34 32.73 0.88
N THR A 257 -24.61 32.81 1.29
CA THR A 257 -25.19 31.70 2.07
C THR A 257 -25.30 30.44 1.21
N VAL A 258 -25.67 30.60 -0.06
CA VAL A 258 -25.67 29.48 -1.01
C VAL A 258 -24.25 28.91 -1.14
N LEU A 259 -23.26 29.80 -1.20
CA LEU A 259 -21.86 29.40 -1.29
C LEU A 259 -21.40 28.63 -0.04
N THR A 260 -21.86 29.07 1.14
CA THR A 260 -21.54 28.33 2.36
C THR A 260 -22.15 26.94 2.32
N MET A 261 -23.38 26.85 1.80
CA MET A 261 -24.04 25.56 1.65
C MET A 261 -23.24 24.64 0.71
N THR A 262 -22.72 25.21 -0.37
CA THR A 262 -21.89 24.40 -1.28
C THR A 262 -20.58 23.95 -0.64
N THR A 263 -19.86 24.87 0.03
CA THR A 263 -18.59 24.50 0.68
C THR A 263 -18.80 23.43 1.76
N ILE A 264 -19.85 23.55 2.59
CA ILE A 264 -20.13 22.52 3.58
C ILE A 264 -20.49 21.22 2.87
N ASN A 265 -21.24 21.30 1.75
CA ASN A 265 -21.60 20.10 0.99
C ASN A 265 -20.34 19.35 0.52
N THR A 266 -19.33 20.09 0.04
CA THR A 266 -18.08 19.45 -0.35
C THR A 266 -17.37 18.85 0.87
N HIS A 267 -17.26 19.63 1.96
CA HIS A 267 -16.56 19.17 3.17
C HIS A 267 -17.27 18.00 3.85
N LEU A 268 -18.54 17.76 3.53
CA LEU A 268 -19.31 16.59 3.96
C LEU A 268 -19.13 15.45 2.97
N ARG A 269 -19.05 15.77 1.67
CA ARG A 269 -18.91 14.75 0.63
C ARG A 269 -17.52 14.14 0.64
N GLU A 270 -16.55 14.76 1.30
CA GLU A 270 -15.23 14.15 1.35
C GLU A 270 -15.12 13.00 2.35
N THR A 271 -16.23 12.54 2.97
CA THR A 271 -16.14 11.57 4.05
C THR A 271 -16.83 10.22 3.78
N LEU A 272 -17.88 10.15 2.97
CA LEU A 272 -18.70 8.95 2.87
C LEU A 272 -18.53 8.20 1.55
N PRO A 273 -18.98 6.92 1.47
CA PRO A 273 -18.99 6.22 0.18
C PRO A 273 -20.08 6.76 -0.72
N LYS A 274 -20.05 6.29 -1.96
CA LYS A 274 -20.97 6.75 -3.00
C LYS A 274 -22.17 5.83 -2.99
N ILE A 275 -23.14 6.14 -2.13
CA ILE A 275 -24.37 5.34 -2.04
C ILE A 275 -25.50 6.04 -2.80
N PRO A 276 -26.32 5.30 -3.54
CA PRO A 276 -27.31 5.89 -4.43
C PRO A 276 -28.55 6.40 -3.72
N TYR A 277 -28.84 5.81 -2.58
CA TYR A 277 -30.03 6.25 -1.89
C TYR A 277 -29.73 7.56 -1.18
N VAL A 278 -30.78 8.23 -0.76
CA VAL A 278 -30.62 9.51 -0.08
C VAL A 278 -30.57 9.24 1.41
N LYS A 279 -29.56 9.81 2.07
CA LYS A 279 -29.42 9.64 3.49
C LYS A 279 -30.25 10.69 4.22
N ALA A 280 -30.27 10.62 5.56
CA ALA A 280 -31.01 11.61 6.32
C ALA A 280 -30.27 12.94 6.27
N ILE A 281 -28.94 12.88 6.36
CA ILE A 281 -28.14 14.09 6.26
C ILE A 281 -28.24 14.69 4.86
N ASP A 282 -28.38 13.86 3.81
CA ASP A 282 -28.59 14.39 2.48
C ASP A 282 -29.93 15.11 2.37
N MET A 283 -30.98 14.54 2.98
CA MET A 283 -32.29 15.17 2.98
C MET A 283 -32.26 16.49 3.72
N TYR A 284 -31.57 16.54 4.87
CA TYR A 284 -31.48 17.77 5.63
C TYR A 284 -30.70 18.85 4.87
N LEU A 285 -29.57 18.47 4.26
CA LEU A 285 -28.79 19.42 3.48
C LEU A 285 -29.56 19.91 2.27
N MET A 286 -30.31 19.03 1.61
CA MET A 286 -31.11 19.45 0.46
C MET A 286 -32.25 20.36 0.90
N GLY A 287 -32.87 20.06 2.04
CA GLY A 287 -33.91 20.94 2.58
C GLY A 287 -33.37 22.33 2.92
N CYS A 288 -32.21 22.37 3.58
CA CYS A 288 -31.56 23.65 3.89
C CYS A 288 -31.20 24.43 2.62
N PHE A 289 -30.64 23.72 1.63
CA PHE A 289 -30.28 24.35 0.35
C PHE A 289 -31.51 24.89 -0.35
N VAL A 290 -32.62 24.13 -0.33
CA VAL A 290 -33.85 24.58 -0.97
C VAL A 290 -34.43 25.78 -0.23
N PHE A 291 -34.32 25.81 1.10
CA PHE A 291 -34.79 26.97 1.86
C PHE A 291 -33.99 28.24 1.54
N VAL A 292 -32.66 28.13 1.49
CA VAL A 292 -31.82 29.28 1.12
C VAL A 292 -32.10 29.72 -0.31
N PHE A 293 -32.25 28.74 -1.22
CA PHE A 293 -32.58 29.01 -2.62
C PHE A 293 -33.91 29.72 -2.75
N MET A 294 -34.92 29.27 -1.97
CA MET A 294 -36.23 29.90 -2.01
C MET A 294 -36.21 31.29 -1.41
N ALA A 295 -35.37 31.52 -0.39
CA ALA A 295 -35.22 32.87 0.14
C ALA A 295 -34.63 33.82 -0.89
N LEU A 296 -33.59 33.36 -1.63
CA LEU A 296 -33.00 34.20 -2.67
C LEU A 296 -33.97 34.43 -3.83
N LEU A 297 -34.71 33.38 -4.23
CA LEU A 297 -35.71 33.52 -5.28
C LEU A 297 -36.85 34.43 -4.84
N GLU A 298 -37.21 34.37 -3.55
CA GLU A 298 -38.23 35.25 -2.99
C GLU A 298 -37.77 36.70 -3.05
N TYR A 299 -36.48 36.92 -2.73
CA TYR A 299 -35.94 38.27 -2.85
C TYR A 299 -35.98 38.74 -4.29
N ALA A 300 -35.68 37.85 -5.24
CA ALA A 300 -35.76 38.20 -6.66
C ALA A 300 -37.19 38.58 -7.05
N LEU A 301 -38.17 37.82 -6.58
CA LEU A 301 -39.57 38.10 -6.92
C LEU A 301 -40.06 39.38 -6.25
N VAL A 302 -39.58 39.69 -5.03
CA VAL A 302 -39.96 40.94 -4.40
C VAL A 302 -39.18 42.12 -4.97
N ASN A 303 -38.04 41.87 -5.61
CA ASN A 303 -37.30 42.88 -6.35
C ASN A 303 -37.89 43.15 -7.73
N TYR A 304 -38.63 42.18 -8.29
CA TYR A 304 -39.23 42.38 -9.61
C TYR A 304 -40.45 43.28 -9.55
N ILE A 305 -41.38 42.99 -8.63
CA ILE A 305 -42.64 43.73 -8.51
C ILE A 305 -42.48 45.01 -7.69
N PHE A 306 -41.27 45.27 -7.18
CA PHE A 306 -41.00 46.40 -6.29
C PHE A 306 -41.31 47.76 -6.94
N PHE A 307 -41.07 47.90 -8.24
CA PHE A 307 -41.23 49.23 -8.84
C PHE A 307 -42.68 49.50 -9.21
N SER A 308 -43.40 48.48 -9.68
CA SER A 308 -44.80 48.65 -10.10
C SER A 308 -45.68 49.08 -8.93
N GLN A 309 -45.51 48.42 -7.77
CA GLN A 309 -46.25 48.77 -6.57
C GLN A 309 -45.47 48.39 -5.31
N PRO A 310 -45.14 49.38 -4.48
CA PRO A 310 -44.30 49.11 -3.30
C PRO A 310 -45.03 48.47 -2.12
N ALA A 311 -46.35 48.29 -2.21
CA ALA A 311 -47.08 47.65 -1.12
C ALA A 311 -46.73 46.16 -1.03
N ARG A 312 -46.69 45.49 -2.18
CA ARG A 312 -46.29 44.09 -2.24
C ARG A 312 -44.86 43.87 -1.75
N ALA A 313 -44.00 44.89 -1.88
CA ALA A 313 -42.64 44.81 -1.37
C ALA A 313 -42.60 44.55 0.12
N ALA A 314 -43.19 45.46 0.90
CA ALA A 314 -43.27 45.30 2.35
C ALA A 314 -44.13 44.10 2.74
N ALA A 315 -45.19 43.80 1.95
CA ALA A 315 -46.02 42.64 2.22
C ALA A 315 -45.24 41.33 2.19
N ILE A 316 -44.55 41.06 1.07
CA ILE A 316 -43.74 39.85 0.94
C ILE A 316 -42.55 39.86 1.90
N ASP A 317 -41.97 41.03 2.16
CA ASP A 317 -40.85 41.13 3.11
C ASP A 317 -41.27 40.69 4.51
N ARG A 318 -42.33 41.30 5.06
CA ARG A 318 -42.83 40.94 6.38
C ARG A 318 -43.34 39.50 6.41
N TRP A 319 -44.00 39.08 5.31
CA TRP A 319 -44.54 37.73 5.20
C TRP A 319 -43.42 36.68 5.29
N SER A 320 -42.32 36.92 4.56
CA SER A 320 -41.17 36.04 4.62
C SER A 320 -40.56 36.04 6.02
N ARG A 321 -40.39 37.24 6.60
CA ARG A 321 -39.86 37.41 7.96
C ARG A 321 -40.62 36.59 8.99
N ILE A 322 -41.94 36.51 8.85
CA ILE A 322 -42.72 35.77 9.83
C ILE A 322 -42.81 34.28 9.47
N PHE A 323 -42.96 33.94 8.18
CA PHE A 323 -43.37 32.59 7.80
C PHE A 323 -42.23 31.67 7.35
N PHE A 324 -41.01 32.18 7.12
CA PHE A 324 -39.98 31.23 6.72
C PHE A 324 -39.45 30.41 7.91
N PRO A 325 -39.12 30.99 9.09
CA PRO A 325 -38.80 30.12 10.24
C PRO A 325 -39.93 29.18 10.63
N VAL A 326 -41.19 29.56 10.43
CA VAL A 326 -42.32 28.69 10.78
C VAL A 326 -42.30 27.41 9.94
N VAL A 327 -42.23 27.55 8.61
CA VAL A 327 -42.20 26.38 7.73
C VAL A 327 -40.91 25.59 7.92
N PHE A 328 -39.79 26.29 8.16
CA PHE A 328 -38.53 25.60 8.40
C PHE A 328 -38.58 24.79 9.69
N SER A 329 -39.18 25.34 10.75
CA SER A 329 -39.33 24.62 12.00
C SER A 329 -40.28 23.44 11.84
N PHE A 330 -41.32 23.60 11.02
CA PHE A 330 -42.23 22.49 10.72
C PHE A 330 -41.48 21.35 10.04
N PHE A 331 -40.69 21.66 9.00
CA PHE A 331 -39.87 20.66 8.32
C PHE A 331 -38.88 20.02 9.29
N ASN A 332 -38.30 20.84 10.18
CA ASN A 332 -37.34 20.36 11.15
C ASN A 332 -37.97 19.37 12.12
N ILE A 333 -39.20 19.68 12.57
CA ILE A 333 -39.95 18.80 13.46
C ILE A 333 -40.29 17.49 12.76
N VAL A 334 -40.76 17.57 11.50
CA VAL A 334 -41.10 16.37 10.73
C VAL A 334 -39.87 15.49 10.52
N TYR A 335 -38.72 16.10 10.26
CA TYR A 335 -37.49 15.34 10.05
C TYR A 335 -37.02 14.66 11.32
N TRP A 336 -37.01 15.41 12.45
CA TRP A 336 -36.57 14.84 13.71
C TRP A 336 -37.58 13.88 14.31
N LEU A 337 -38.82 13.88 13.84
CA LEU A 337 -39.79 12.90 14.29
C LEU A 337 -39.86 11.70 13.38
N TYR A 338 -39.47 11.84 12.11
CA TYR A 338 -39.46 10.72 11.20
C TYR A 338 -38.21 9.86 11.39
N TYR A 339 -37.08 10.50 11.70
CA TYR A 339 -35.84 9.74 11.81
C TYR A 339 -35.50 9.33 13.23
N VAL A 340 -35.97 10.05 14.24
CA VAL A 340 -35.72 9.69 15.62
C VAL A 340 -37.02 9.20 16.26
N ASP B 10 -8.85 -49.44 17.98
CA ASP B 10 -8.48 -49.78 16.62
C ASP B 10 -9.58 -49.40 15.63
N ASN B 11 -10.28 -48.31 15.91
CA ASN B 11 -11.30 -47.82 15.00
C ASN B 11 -10.73 -46.84 13.98
N THR B 12 -9.66 -46.11 14.33
CA THR B 12 -9.06 -45.18 13.40
C THR B 12 -7.77 -45.71 12.79
N THR B 13 -7.33 -46.92 13.16
CA THR B 13 -6.13 -47.46 12.54
C THR B 13 -6.40 -47.90 11.11
N VAL B 14 -7.64 -48.33 10.80
CA VAL B 14 -7.99 -48.74 9.45
C VAL B 14 -7.96 -47.55 8.50
N PHE B 15 -8.41 -46.38 8.96
CA PHE B 15 -8.37 -45.19 8.13
C PHE B 15 -6.94 -44.69 7.93
N THR B 16 -6.11 -44.80 8.97
CA THR B 16 -4.70 -44.45 8.83
C THR B 16 -4.01 -45.37 7.84
N ARG B 17 -4.34 -46.66 7.86
CA ARG B 17 -3.78 -47.61 6.89
C ARG B 17 -4.26 -47.29 5.48
N ILE B 18 -5.55 -46.94 5.33
CA ILE B 18 -6.10 -46.58 4.02
C ILE B 18 -5.39 -45.35 3.47
N LEU B 19 -5.23 -44.31 4.31
CA LEU B 19 -4.57 -43.08 3.89
C LEU B 19 -3.10 -43.29 3.61
N ASP B 20 -2.44 -44.19 4.35
CA ASP B 20 -1.03 -44.45 4.11
C ASP B 20 -0.81 -45.25 2.83
N ARG B 21 -1.64 -46.27 2.60
CA ARG B 21 -1.58 -47.05 1.37
C ARG B 21 -1.97 -46.22 0.15
N LEU B 22 -2.84 -45.23 0.36
CA LEU B 22 -3.33 -44.39 -0.72
C LEU B 22 -2.22 -43.52 -1.27
N LEU B 23 -1.35 -43.01 -0.38
CA LEU B 23 -0.26 -42.13 -0.76
C LEU B 23 1.08 -42.85 -0.88
N ASP B 24 1.09 -44.18 -0.79
CA ASP B 24 2.34 -44.94 -0.86
C ASP B 24 2.56 -45.35 -2.30
N GLY B 25 3.51 -44.69 -2.95
CA GLY B 25 3.72 -44.85 -4.37
C GLY B 25 3.04 -43.79 -5.18
N TYR B 26 2.88 -42.59 -4.65
CA TYR B 26 2.12 -41.52 -5.29
C TYR B 26 3.07 -40.37 -5.56
N ASP B 27 3.06 -39.88 -6.79
CA ASP B 27 3.87 -38.74 -7.19
C ASP B 27 2.94 -37.56 -7.44
N ASN B 28 3.00 -36.57 -6.56
CA ASN B 28 2.17 -35.39 -6.67
C ASN B 28 2.74 -34.35 -7.61
N ARG B 29 3.73 -34.75 -8.42
CA ARG B 29 4.29 -33.93 -9.48
C ARG B 29 3.76 -34.33 -10.84
N LEU B 30 2.98 -35.40 -10.89
CA LEU B 30 2.48 -35.98 -12.14
C LEU B 30 0.97 -35.92 -12.12
N ARG B 31 0.39 -35.28 -13.13
CA ARG B 31 -1.06 -35.20 -13.23
C ARG B 31 -1.62 -36.57 -13.58
N PRO B 32 -2.88 -36.85 -13.23
CA PRO B 32 -3.48 -38.14 -13.61
C PRO B 32 -3.64 -38.29 -15.12
N GLY B 33 -2.97 -39.29 -15.67
CA GLY B 33 -2.93 -39.54 -17.09
C GLY B 33 -1.93 -38.63 -17.79
N LEU B 34 -0.64 -38.72 -17.41
CA LEU B 34 0.33 -37.74 -17.86
C LEU B 34 0.70 -37.93 -19.33
N GLY B 35 0.76 -39.18 -19.78
CA GLY B 35 1.08 -39.45 -21.16
C GLY B 35 0.08 -40.40 -21.77
N GLU B 36 -1.10 -40.47 -21.16
CA GLU B 36 -2.11 -41.44 -21.51
C GLU B 36 -3.45 -40.81 -21.85
N ARG B 37 -3.77 -39.69 -21.23
CA ARG B 37 -5.11 -39.11 -21.29
C ARG B 37 -4.94 -37.61 -21.06
N VAL B 38 -6.07 -36.90 -21.05
CA VAL B 38 -6.10 -35.48 -20.76
C VAL B 38 -6.86 -35.33 -19.46
N THR B 39 -6.34 -34.50 -18.56
CA THR B 39 -7.01 -34.35 -17.28
C THR B 39 -8.18 -33.40 -17.49
N GLU B 40 -9.37 -33.84 -17.11
CA GLU B 40 -10.56 -33.04 -17.30
C GLU B 40 -10.95 -32.57 -15.91
N VAL B 41 -10.97 -31.26 -15.72
CA VAL B 41 -11.27 -30.67 -14.42
C VAL B 41 -12.65 -30.05 -14.51
N LYS B 42 -13.50 -30.36 -13.55
CA LYS B 42 -14.86 -29.85 -13.53
C LYS B 42 -14.92 -28.76 -12.48
N THR B 43 -15.22 -27.56 -12.92
CA THR B 43 -15.14 -26.39 -12.07
C THR B 43 -16.53 -25.93 -11.66
N ASP B 44 -16.60 -25.24 -10.55
CA ASP B 44 -17.82 -24.69 -9.99
C ASP B 44 -17.40 -23.51 -9.14
N ILE B 45 -18.24 -22.48 -9.14
CA ILE B 45 -17.97 -21.25 -8.40
C ILE B 45 -19.22 -20.90 -7.63
N PHE B 46 -19.08 -20.68 -6.34
CA PHE B 46 -20.17 -20.16 -5.52
C PHE B 46 -19.70 -18.83 -4.96
N VAL B 47 -20.30 -17.75 -5.45
CA VAL B 47 -19.91 -16.42 -5.02
C VAL B 47 -20.60 -16.15 -3.70
N THR B 48 -19.82 -15.93 -2.65
CA THR B 48 -20.39 -15.67 -1.34
C THR B 48 -20.61 -14.20 -1.08
N SER B 49 -19.92 -13.33 -1.83
CA SER B 49 -20.13 -11.89 -1.79
C SER B 49 -19.44 -11.24 -2.98
N PHE B 50 -20.17 -10.41 -3.72
CA PHE B 50 -19.59 -9.66 -4.82
C PHE B 50 -19.13 -8.34 -4.23
N GLY B 51 -17.83 -8.20 -4.04
CA GLY B 51 -17.25 -7.08 -3.32
C GLY B 51 -17.37 -5.76 -4.05
N PRO B 52 -16.74 -4.72 -3.53
CA PRO B 52 -16.87 -3.41 -4.16
C PRO B 52 -16.10 -3.33 -5.46
N VAL B 53 -16.67 -2.58 -6.40
CA VAL B 53 -16.06 -2.37 -7.71
C VAL B 53 -15.39 -1.02 -7.67
N SER B 54 -14.07 -1.00 -7.73
CA SER B 54 -13.32 0.24 -7.71
C SER B 54 -13.22 0.79 -9.12
N ASP B 55 -13.67 2.02 -9.31
CA ASP B 55 -13.69 2.64 -10.63
C ASP B 55 -12.42 3.41 -10.91
N HIS B 56 -11.69 3.83 -9.87
CA HIS B 56 -10.45 4.56 -10.08
C HIS B 56 -9.28 3.62 -10.34
N ASP B 57 -9.39 2.37 -9.93
CA ASP B 57 -8.36 1.38 -10.20
C ASP B 57 -8.74 0.45 -11.35
N MET B 58 -10.00 0.53 -11.81
CA MET B 58 -10.58 -0.33 -12.85
C MET B 58 -10.43 -1.80 -12.43
N GLU B 59 -10.97 -2.09 -11.25
CA GLU B 59 -10.88 -3.40 -10.65
C GLU B 59 -12.14 -3.66 -9.86
N TYR B 60 -12.27 -4.90 -9.38
CA TYR B 60 -13.37 -5.27 -8.52
C TYR B 60 -12.90 -6.40 -7.63
N THR B 61 -13.66 -6.66 -6.58
CA THR B 61 -13.35 -7.67 -5.61
C THR B 61 -14.48 -8.69 -5.62
N ILE B 62 -14.12 -9.95 -5.38
CA ILE B 62 -15.13 -11.00 -5.31
C ILE B 62 -14.64 -12.05 -4.32
N ASP B 63 -15.58 -12.69 -3.65
CA ASP B 63 -15.28 -13.71 -2.66
C ASP B 63 -16.04 -14.94 -3.08
N VAL B 64 -15.33 -16.05 -3.28
CA VAL B 64 -15.89 -17.21 -3.94
C VAL B 64 -15.52 -18.47 -3.17
N PHE B 65 -16.41 -19.45 -3.22
CA PHE B 65 -16.04 -20.84 -3.03
C PHE B 65 -15.74 -21.42 -4.40
N PHE B 66 -14.49 -21.79 -4.62
CA PHE B 66 -14.03 -22.26 -5.92
C PHE B 66 -13.84 -23.76 -5.82
N ARG B 67 -14.65 -24.49 -6.57
CA ARG B 67 -14.67 -25.93 -6.49
C ARG B 67 -14.12 -26.50 -7.77
N GLN B 68 -13.28 -27.51 -7.65
CA GLN B 68 -12.71 -28.20 -8.78
C GLN B 68 -12.83 -29.69 -8.55
N SER B 69 -13.32 -30.40 -9.55
CA SER B 69 -13.42 -31.84 -9.47
C SER B 69 -12.69 -32.46 -10.63
N TRP B 70 -12.04 -33.59 -10.38
CA TRP B 70 -11.38 -34.35 -11.42
C TRP B 70 -11.30 -35.78 -10.93
N LYS B 71 -10.66 -36.64 -11.73
CA LYS B 71 -10.65 -38.06 -11.46
C LYS B 71 -9.22 -38.54 -11.50
N ASP B 72 -8.76 -39.14 -10.40
CA ASP B 72 -7.42 -39.68 -10.29
C ASP B 72 -7.57 -41.16 -9.98
N GLU B 73 -7.15 -42.01 -10.92
CA GLU B 73 -7.24 -43.45 -10.76
C GLU B 73 -6.26 -43.99 -9.72
N ARG B 74 -5.33 -43.18 -9.25
CA ARG B 74 -4.36 -43.59 -8.25
C ARG B 74 -4.90 -43.48 -6.84
N LEU B 75 -6.04 -42.79 -6.67
CA LEU B 75 -6.61 -42.55 -5.36
C LEU B 75 -7.89 -43.34 -5.14
N LYS B 76 -7.96 -44.52 -5.74
CA LYS B 76 -9.05 -45.44 -5.48
C LYS B 76 -8.78 -46.18 -4.18
N PHE B 77 -9.82 -46.30 -3.36
CA PHE B 77 -9.70 -47.03 -2.11
C PHE B 77 -10.94 -47.88 -1.90
N LYS B 78 -10.95 -48.60 -0.79
CA LYS B 78 -12.06 -49.47 -0.42
C LYS B 78 -12.03 -49.59 1.09
N GLY B 79 -13.02 -49.01 1.76
CA GLY B 79 -13.07 -49.04 3.20
C GLY B 79 -14.47 -48.88 3.75
N PRO B 80 -14.57 -48.75 5.08
CA PRO B 80 -15.90 -48.59 5.71
C PRO B 80 -16.62 -47.30 5.36
N MET B 81 -15.94 -46.33 4.75
CA MET B 81 -16.54 -45.09 4.30
C MET B 81 -16.47 -45.04 2.77
N THR B 82 -17.46 -44.40 2.15
CA THR B 82 -17.48 -44.29 0.71
C THR B 82 -16.91 -42.97 0.21
N VAL B 83 -16.80 -41.98 1.08
CA VAL B 83 -16.20 -40.69 0.76
C VAL B 83 -15.31 -40.31 1.94
N LEU B 84 -14.07 -39.94 1.67
CA LEU B 84 -13.18 -39.43 2.70
C LEU B 84 -13.21 -37.92 2.65
N ARG B 85 -13.72 -37.30 3.71
CA ARG B 85 -13.74 -35.84 3.84
C ARG B 85 -12.49 -35.50 4.65
N LEU B 86 -11.41 -35.24 3.93
CA LEU B 86 -10.10 -35.10 4.52
C LEU B 86 -9.79 -33.65 4.84
N ASN B 87 -8.60 -33.44 5.38
CA ASN B 87 -8.19 -32.12 5.87
C ASN B 87 -7.73 -31.26 4.70
N ASN B 88 -7.13 -30.13 5.00
CA ASN B 88 -6.54 -29.26 4.00
C ASN B 88 -5.04 -29.48 3.89
N LEU B 89 -4.50 -30.48 4.57
CA LEU B 89 -3.10 -30.87 4.47
C LEU B 89 -2.90 -32.12 3.62
N MET B 90 -3.96 -32.87 3.34
CA MET B 90 -3.85 -33.95 2.38
C MET B 90 -3.79 -33.42 0.95
N ALA B 91 -4.32 -32.22 0.71
CA ALA B 91 -4.30 -31.65 -0.63
C ALA B 91 -2.88 -31.26 -1.04
N SER B 92 -1.99 -31.00 -0.09
CA SER B 92 -0.61 -30.69 -0.42
C SER B 92 0.23 -31.93 -0.65
N LYS B 93 -0.34 -33.12 -0.46
CA LYS B 93 0.35 -34.37 -0.68
C LYS B 93 -0.16 -35.12 -1.90
N ILE B 94 -1.08 -34.51 -2.65
CA ILE B 94 -1.62 -35.09 -3.87
C ILE B 94 -1.48 -34.05 -4.97
N TRP B 95 -1.78 -34.48 -6.20
CA TRP B 95 -1.75 -33.56 -7.31
C TRP B 95 -3.06 -32.80 -7.33
N THR B 96 -2.97 -31.48 -7.35
CA THR B 96 -4.12 -30.60 -7.47
C THR B 96 -3.85 -29.68 -8.64
N PRO B 97 -4.86 -29.23 -9.37
CA PRO B 97 -4.61 -28.41 -10.55
C PRO B 97 -4.14 -27.04 -10.16
N ASP B 98 -3.34 -26.45 -11.03
CA ASP B 98 -2.76 -25.13 -10.79
C ASP B 98 -3.58 -24.09 -11.56
N THR B 99 -4.74 -23.80 -11.01
CA THR B 99 -5.63 -22.80 -11.56
C THR B 99 -5.19 -21.43 -11.08
N PHE B 100 -5.12 -20.48 -12.01
CA PHE B 100 -4.82 -19.10 -11.67
C PHE B 100 -5.86 -18.25 -12.36
N PHE B 101 -5.94 -16.99 -11.96
CA PHE B 101 -6.90 -16.07 -12.54
C PHE B 101 -6.15 -15.14 -13.48
N HIS B 102 -6.53 -15.17 -14.75
CA HIS B 102 -5.81 -14.47 -15.81
C HIS B 102 -5.79 -12.96 -15.59
N ASN B 103 -6.85 -12.43 -15.02
CA ASN B 103 -6.98 -10.99 -14.83
C ASN B 103 -7.01 -10.62 -13.36
N GLY B 104 -6.42 -11.46 -12.50
CA GLY B 104 -6.34 -11.12 -11.09
C GLY B 104 -5.19 -10.21 -10.77
N LYS B 105 -5.41 -9.34 -9.79
CA LYS B 105 -4.42 -8.34 -9.36
C LYS B 105 -3.68 -8.78 -8.11
N LYS B 106 -4.42 -9.00 -7.03
CA LYS B 106 -3.85 -9.46 -5.77
C LYS B 106 -4.95 -10.25 -5.09
N SER B 107 -4.89 -11.56 -5.26
CA SER B 107 -5.90 -12.43 -4.69
C SER B 107 -5.36 -13.00 -3.40
N VAL B 108 -6.27 -13.49 -2.58
CA VAL B 108 -5.90 -14.07 -1.30
C VAL B 108 -6.64 -15.40 -1.19
N ALA B 109 -5.94 -16.44 -0.74
CA ALA B 109 -6.56 -17.70 -0.37
C ALA B 109 -6.53 -17.71 1.15
N HIS B 110 -7.70 -17.67 1.75
CA HIS B 110 -7.80 -17.50 3.19
C HIS B 110 -7.34 -18.73 3.94
N ASN B 111 -6.65 -18.52 5.04
CA ASN B 111 -6.18 -19.60 5.88
C ASN B 111 -6.41 -19.25 7.34
N MET B 112 -7.60 -18.74 7.62
CA MET B 112 -8.05 -18.44 8.97
C MET B 112 -9.27 -19.30 9.23
N THR B 113 -9.22 -20.14 10.28
CA THR B 113 -8.13 -20.29 11.22
C THR B 113 -7.13 -21.35 10.78
N MET B 114 -7.57 -22.16 9.85
CA MET B 114 -6.82 -23.18 9.13
C MET B 114 -7.02 -22.88 7.66
N PRO B 115 -6.16 -23.43 6.74
CA PRO B 115 -6.38 -23.22 5.30
C PRO B 115 -7.77 -23.59 4.84
N ASN B 116 -8.51 -22.60 4.35
CA ASN B 116 -9.90 -22.80 3.96
C ASN B 116 -9.91 -23.55 2.65
N LYS B 117 -9.69 -24.85 2.77
CA LYS B 117 -9.64 -25.77 1.66
C LYS B 117 -10.36 -27.03 2.08
N LEU B 118 -10.88 -27.73 1.10
CA LEU B 118 -11.75 -28.87 1.32
C LEU B 118 -11.29 -29.93 0.34
N LEU B 119 -11.13 -31.14 0.82
CA LEU B 119 -10.74 -32.25 -0.06
C LEU B 119 -11.65 -33.41 0.25
N ARG B 120 -12.31 -33.94 -0.76
CA ARG B 120 -13.14 -35.11 -0.63
C ARG B 120 -12.74 -36.10 -1.70
N ILE B 121 -12.42 -37.31 -1.31
CA ILE B 121 -12.05 -38.37 -2.23
C ILE B 121 -13.16 -39.39 -2.23
N THR B 122 -13.63 -39.74 -3.41
CA THR B 122 -14.65 -40.75 -3.59
C THR B 122 -13.94 -42.06 -3.95
N GLU B 123 -14.55 -43.18 -3.56
CA GLU B 123 -13.91 -44.50 -3.66
C GLU B 123 -13.60 -44.92 -5.09
N ASP B 124 -14.18 -44.26 -6.08
CA ASP B 124 -13.92 -44.58 -7.47
C ASP B 124 -12.78 -43.76 -8.04
N GLY B 125 -12.25 -42.82 -7.26
CA GLY B 125 -11.09 -42.04 -7.66
C GLY B 125 -11.40 -40.59 -7.93
N THR B 126 -12.63 -40.14 -7.71
CA THR B 126 -13.02 -38.78 -8.01
C THR B 126 -12.72 -37.90 -6.81
N LEU B 127 -12.10 -36.75 -7.05
CA LEU B 127 -11.75 -35.81 -6.01
C LEU B 127 -12.55 -34.53 -6.16
N LEU B 128 -13.02 -34.01 -5.05
CA LEU B 128 -13.63 -32.69 -5.02
C LEU B 128 -12.72 -31.83 -4.16
N TYR B 129 -12.28 -30.71 -4.73
CA TYR B 129 -11.31 -29.84 -4.08
C TYR B 129 -11.87 -28.45 -4.14
N THR B 130 -12.12 -27.88 -2.97
CA THR B 130 -12.80 -26.62 -2.85
C THR B 130 -11.90 -25.67 -2.07
N MET B 131 -11.90 -24.40 -2.46
CA MET B 131 -11.11 -23.38 -1.79
C MET B 131 -12.02 -22.20 -1.52
N ARG B 132 -11.67 -21.42 -0.51
CA ARG B 132 -12.35 -20.18 -0.24
C ARG B 132 -11.32 -19.08 -0.40
N LEU B 133 -11.59 -18.15 -1.29
CA LEU B 133 -10.58 -17.20 -1.68
C LEU B 133 -11.24 -15.91 -2.13
N THR B 134 -10.50 -14.82 -1.98
CA THR B 134 -10.94 -13.50 -2.37
C THR B 134 -10.10 -13.10 -3.56
N VAL B 135 -10.75 -12.79 -4.67
CA VAL B 135 -10.07 -12.45 -5.91
C VAL B 135 -10.27 -10.97 -6.14
N ARG B 136 -9.19 -10.30 -6.50
CA ARG B 136 -9.23 -8.90 -6.88
C ARG B 136 -8.82 -8.90 -8.34
N ALA B 137 -9.79 -8.68 -9.22
CA ALA B 137 -9.60 -8.88 -10.63
C ALA B 137 -9.70 -7.56 -11.37
N GLU B 138 -9.26 -7.56 -12.62
CA GLU B 138 -9.29 -6.35 -13.42
C GLU B 138 -10.57 -6.30 -14.22
N CYS B 139 -11.14 -5.10 -14.31
CA CYS B 139 -12.37 -4.87 -15.05
C CYS B 139 -12.11 -3.66 -15.94
N PRO B 140 -11.71 -3.86 -17.19
CA PRO B 140 -11.49 -2.71 -18.08
C PRO B 140 -12.83 -2.06 -18.41
N MET B 141 -12.97 -0.81 -18.03
CA MET B 141 -14.23 -0.11 -18.16
C MET B 141 -14.15 0.96 -19.23
N HIS B 142 -15.27 1.21 -19.87
CA HIS B 142 -15.40 2.29 -20.83
C HIS B 142 -16.40 3.26 -20.20
N LEU B 143 -15.91 4.44 -19.84
CA LEU B 143 -16.67 5.37 -19.03
C LEU B 143 -17.18 6.55 -19.86
N GLU B 144 -17.58 6.28 -21.10
CA GLU B 144 -18.17 7.32 -21.94
C GLU B 144 -19.48 7.82 -21.36
N ASP B 145 -20.32 6.90 -20.88
CA ASP B 145 -21.66 7.23 -20.42
C ASP B 145 -21.74 7.36 -18.90
N PHE B 146 -20.61 7.58 -18.23
CA PHE B 146 -20.57 7.77 -16.78
C PHE B 146 -21.42 8.96 -16.35
N PRO B 147 -22.30 8.80 -15.35
CA PRO B 147 -22.58 7.64 -14.50
C PRO B 147 -23.83 6.87 -14.86
N MET B 148 -24.02 6.60 -16.15
CA MET B 148 -25.15 5.83 -16.67
C MET B 148 -24.61 4.73 -17.55
N ASP B 149 -23.59 4.05 -17.04
CA ASP B 149 -22.83 3.08 -17.79
C ASP B 149 -23.11 1.67 -17.27
N ALA B 150 -23.00 0.71 -18.17
CA ALA B 150 -23.17 -0.69 -17.83
C ALA B 150 -21.92 -1.43 -18.25
N HIS B 151 -21.45 -2.30 -17.37
CA HIS B 151 -20.19 -2.98 -17.58
C HIS B 151 -20.42 -4.48 -17.49
N ALA B 152 -19.42 -5.22 -17.93
CA ALA B 152 -19.40 -6.67 -17.83
C ALA B 152 -18.02 -6.97 -17.27
N CYS B 153 -17.93 -7.09 -15.97
CA CYS B 153 -16.64 -7.31 -15.35
C CYS B 153 -16.26 -8.77 -15.51
N PRO B 154 -15.08 -9.07 -16.03
CA PRO B 154 -14.74 -10.45 -16.32
C PRO B 154 -14.02 -11.12 -15.17
N LEU B 155 -13.95 -12.44 -15.28
CA LEU B 155 -13.20 -13.25 -14.33
C LEU B 155 -12.78 -14.46 -15.15
N LYS B 156 -11.53 -14.46 -15.58
CA LYS B 156 -11.05 -15.52 -16.45
C LYS B 156 -10.07 -16.34 -15.65
N PHE B 157 -10.24 -17.66 -15.70
CA PHE B 157 -9.30 -18.53 -15.05
C PHE B 157 -9.00 -19.69 -15.98
N GLY B 158 -7.92 -20.37 -15.66
CA GLY B 158 -7.48 -21.49 -16.45
C GLY B 158 -6.31 -22.11 -15.74
N SER B 159 -5.59 -22.95 -16.43
CA SER B 159 -4.46 -23.62 -15.82
C SER B 159 -3.18 -22.93 -16.21
N TYR B 160 -2.31 -22.75 -15.22
CA TYR B 160 -0.97 -22.25 -15.46
C TYR B 160 -0.14 -23.49 -15.75
N ALA B 161 0.53 -23.51 -16.89
CA ALA B 161 1.51 -24.48 -17.39
C ALA B 161 0.93 -25.75 -17.97
N TYR B 162 -0.37 -26.00 -17.87
CA TYR B 162 -0.93 -27.20 -18.46
C TYR B 162 -1.79 -26.77 -19.63
N THR B 163 -1.35 -27.14 -20.83
CA THR B 163 -1.98 -26.71 -22.07
C THR B 163 -3.24 -27.54 -22.31
N ARG B 164 -3.83 -27.37 -23.50
CA ARG B 164 -5.10 -28.01 -23.80
C ARG B 164 -4.95 -29.51 -23.96
N ALA B 165 -3.77 -29.97 -24.36
CA ALA B 165 -3.53 -31.40 -24.50
C ALA B 165 -3.19 -32.08 -23.18
N GLU B 166 -3.18 -31.33 -22.08
CA GLU B 166 -2.86 -31.89 -20.77
C GLU B 166 -3.98 -31.70 -19.77
N VAL B 167 -4.53 -30.50 -19.64
CA VAL B 167 -5.58 -30.20 -18.68
C VAL B 167 -6.63 -29.36 -19.37
N VAL B 168 -7.89 -29.80 -19.31
CA VAL B 168 -9.00 -29.05 -19.85
C VAL B 168 -9.99 -28.83 -18.72
N TYR B 169 -10.65 -27.69 -18.76
CA TYR B 169 -11.59 -27.33 -17.71
C TYR B 169 -13.01 -27.55 -18.21
N GLU B 170 -13.94 -27.56 -17.27
CA GLU B 170 -15.33 -27.81 -17.58
C GLU B 170 -16.15 -27.35 -16.38
N TRP B 171 -17.40 -27.01 -16.65
CA TRP B 171 -18.34 -26.66 -15.59
C TRP B 171 -18.97 -27.92 -15.01
N THR B 172 -19.25 -27.91 -13.70
CA THR B 172 -19.75 -29.13 -13.07
C THR B 172 -21.23 -29.34 -13.32
N ARG B 173 -21.98 -28.26 -13.45
CA ARG B 173 -23.38 -28.27 -13.82
C ARG B 173 -23.48 -27.56 -15.16
N GLU B 174 -24.72 -27.38 -15.64
CA GLU B 174 -25.02 -26.59 -16.82
C GLU B 174 -24.38 -25.21 -16.70
N PRO B 175 -23.73 -24.72 -17.75
CA PRO B 175 -23.01 -23.43 -17.70
C PRO B 175 -23.83 -22.24 -17.19
N ALA B 176 -25.15 -22.23 -17.41
CA ALA B 176 -25.95 -21.15 -16.86
C ALA B 176 -26.18 -21.30 -15.37
N ARG B 177 -25.84 -22.46 -14.80
CA ARG B 177 -26.08 -22.73 -13.38
C ARG B 177 -24.80 -23.12 -12.65
N SER B 178 -23.64 -22.78 -13.19
CA SER B 178 -22.39 -23.16 -12.53
C SER B 178 -21.90 -22.05 -11.62
N VAL B 179 -21.66 -20.87 -12.16
CA VAL B 179 -21.28 -19.75 -11.31
C VAL B 179 -22.56 -19.26 -10.63
N VAL B 180 -22.65 -19.49 -9.33
CA VAL B 180 -23.85 -19.19 -8.56
C VAL B 180 -23.50 -18.11 -7.54
N VAL B 181 -24.26 -17.04 -7.56
CA VAL B 181 -24.06 -15.93 -6.64
C VAL B 181 -25.12 -16.04 -5.55
N ALA B 182 -24.70 -15.86 -4.30
CA ALA B 182 -25.65 -15.89 -3.19
C ALA B 182 -26.56 -14.68 -3.25
N GLU B 183 -27.67 -14.76 -2.52
CA GLU B 183 -28.64 -13.67 -2.56
C GLU B 183 -28.20 -12.52 -1.68
N ASP B 184 -27.81 -12.82 -0.43
CA ASP B 184 -27.32 -11.80 0.49
C ASP B 184 -25.87 -11.43 0.21
N GLY B 185 -25.22 -12.10 -0.74
CA GLY B 185 -23.84 -11.85 -1.08
C GLY B 185 -23.67 -10.74 -2.09
N SER B 186 -23.79 -9.50 -1.65
CA SER B 186 -23.57 -8.35 -2.53
C SER B 186 -23.02 -7.21 -1.70
N ARG B 187 -21.74 -6.92 -1.85
CA ARG B 187 -21.10 -5.79 -1.20
C ARG B 187 -20.97 -4.60 -2.13
N LEU B 188 -21.92 -4.45 -3.04
CA LEU B 188 -21.90 -3.37 -4.02
C LEU B 188 -22.63 -2.17 -3.44
N ASN B 189 -21.93 -1.04 -3.37
CA ASN B 189 -22.58 0.19 -2.95
C ASN B 189 -23.09 0.99 -4.14
N GLN B 190 -22.33 0.98 -5.24
CA GLN B 190 -22.54 1.91 -6.33
C GLN B 190 -23.16 1.28 -7.56
N TYR B 191 -23.11 -0.04 -7.68
CA TYR B 191 -23.57 -0.76 -8.85
C TYR B 191 -24.75 -1.66 -8.51
N ASP B 192 -25.18 -2.41 -9.51
CA ASP B 192 -26.27 -3.36 -9.39
C ASP B 192 -25.91 -4.58 -10.21
N LEU B 193 -25.85 -5.74 -9.56
CA LEU B 193 -25.48 -6.96 -10.25
C LEU B 193 -26.73 -7.46 -10.96
N LEU B 194 -26.67 -7.55 -12.27
CA LEU B 194 -27.83 -7.92 -13.06
C LEU B 194 -27.90 -9.42 -13.28
N GLY B 195 -26.78 -10.02 -13.65
CA GLY B 195 -26.74 -11.45 -13.91
C GLY B 195 -25.31 -11.86 -14.11
N GLN B 196 -25.14 -13.13 -14.44
CA GLN B 196 -23.82 -13.68 -14.69
C GLN B 196 -23.83 -14.25 -16.09
N THR B 197 -22.63 -14.56 -16.58
CA THR B 197 -22.45 -15.04 -17.93
C THR B 197 -21.12 -15.76 -18.00
N VAL B 198 -21.16 -17.05 -18.29
CA VAL B 198 -19.95 -17.84 -18.33
C VAL B 198 -19.57 -18.03 -19.78
N ASP B 199 -18.34 -18.48 -20.01
CA ASP B 199 -17.85 -18.73 -21.36
C ASP B 199 -16.63 -19.62 -21.25
N SER B 200 -16.28 -20.22 -22.38
CA SER B 200 -15.14 -21.10 -22.48
C SER B 200 -14.45 -20.82 -23.80
N GLY B 201 -13.12 -20.82 -23.76
CA GLY B 201 -12.37 -20.54 -24.96
C GLY B 201 -10.99 -21.11 -24.86
N ILE B 202 -10.17 -20.77 -25.84
CA ILE B 202 -8.80 -21.25 -25.96
C ILE B 202 -7.96 -20.00 -26.16
N VAL B 203 -7.13 -19.69 -25.17
CA VAL B 203 -6.21 -18.58 -25.33
C VAL B 203 -4.89 -19.17 -25.82
N GLN B 204 -4.06 -18.33 -26.41
CA GLN B 204 -2.79 -18.79 -26.96
C GLN B 204 -1.72 -17.83 -26.49
N SER B 205 -0.73 -18.37 -25.80
CA SER B 205 0.38 -17.61 -25.24
C SER B 205 1.68 -18.25 -25.70
N SER B 206 2.79 -17.66 -25.25
CA SER B 206 4.14 -18.08 -25.65
C SER B 206 4.53 -19.50 -25.21
N THR B 207 3.66 -20.18 -24.46
CA THR B 207 3.92 -21.55 -24.03
C THR B 207 2.92 -22.56 -24.56
N GLY B 208 1.90 -22.14 -25.29
CA GLY B 208 0.98 -23.05 -25.91
C GLY B 208 -0.44 -22.54 -25.82
N GLU B 209 -1.39 -23.43 -26.11
CA GLU B 209 -2.81 -23.11 -26.08
C GLU B 209 -3.41 -23.63 -24.79
N TYR B 210 -4.10 -22.76 -24.06
CA TYR B 210 -4.67 -23.10 -22.78
C TYR B 210 -6.18 -22.91 -22.82
N VAL B 211 -6.86 -23.67 -22.00
CA VAL B 211 -8.30 -23.53 -21.84
C VAL B 211 -8.53 -22.44 -20.82
N VAL B 212 -9.48 -21.56 -21.10
CA VAL B 212 -9.79 -20.44 -20.24
C VAL B 212 -11.28 -20.46 -19.99
N MET B 213 -11.66 -20.44 -18.72
CA MET B 213 -13.04 -20.36 -18.33
C MET B 213 -13.30 -18.93 -17.93
N THR B 214 -14.25 -18.32 -18.59
CA THR B 214 -14.52 -16.90 -18.43
C THR B 214 -15.86 -16.78 -17.73
N THR B 215 -15.97 -15.80 -16.85
CA THR B 215 -17.23 -15.45 -16.23
C THR B 215 -17.36 -13.95 -16.40
N HIS B 216 -18.57 -13.51 -16.71
CA HIS B 216 -18.85 -12.09 -16.83
C HIS B 216 -19.96 -11.76 -15.86
N PHE B 217 -19.73 -10.76 -15.03
CA PHE B 217 -20.74 -10.24 -14.14
C PHE B 217 -21.17 -8.90 -14.70
N HIS B 218 -22.48 -8.76 -14.93
CA HIS B 218 -23.00 -7.59 -15.58
C HIS B 218 -23.47 -6.61 -14.53
N LEU B 219 -22.87 -5.44 -14.54
CA LEU B 219 -23.12 -4.41 -13.55
C LEU B 219 -23.74 -3.21 -14.24
N LYS B 220 -24.63 -2.55 -13.54
CA LYS B 220 -25.30 -1.36 -14.03
C LYS B 220 -25.20 -0.35 -12.90
N ARG B 221 -24.55 0.78 -13.17
CA ARG B 221 -24.30 1.74 -12.12
C ARG B 221 -25.62 2.40 -11.73
N LYS B 222 -25.71 2.76 -10.47
CA LYS B 222 -26.88 3.44 -9.95
C LYS B 222 -26.61 4.93 -9.94
N ILE B 223 -27.57 5.70 -10.45
CA ILE B 223 -27.35 7.11 -10.71
C ILE B 223 -27.78 7.97 -9.53
N GLY B 224 -28.57 7.44 -8.60
CA GLY B 224 -29.17 8.17 -7.49
C GLY B 224 -28.23 8.96 -6.58
N TYR B 225 -26.94 8.67 -6.66
CA TYR B 225 -25.96 9.39 -5.85
C TYR B 225 -25.44 10.60 -6.60
N PHE B 226 -25.05 10.39 -7.86
CA PHE B 226 -24.52 11.47 -8.67
C PHE B 226 -25.58 12.50 -9.01
N VAL B 227 -26.86 12.10 -9.08
CA VAL B 227 -27.96 13.04 -9.26
C VAL B 227 -27.96 14.08 -8.15
N ILE B 228 -28.20 13.64 -6.91
CA ILE B 228 -28.27 14.51 -5.73
C ILE B 228 -26.95 15.21 -5.47
N GLN B 229 -25.82 14.54 -5.73
CA GLN B 229 -24.52 15.12 -5.44
C GLN B 229 -24.13 16.23 -6.43
N THR B 230 -24.28 15.97 -7.73
CA THR B 230 -23.73 16.85 -8.75
C THR B 230 -24.77 17.40 -9.71
N TYR B 231 -25.74 16.57 -10.15
CA TYR B 231 -26.62 17.00 -11.22
C TYR B 231 -27.63 18.01 -10.71
N LEU B 232 -28.08 17.87 -9.48
CA LEU B 232 -29.03 18.82 -8.91
C LEU B 232 -28.34 20.11 -8.47
N PRO B 233 -27.15 20.11 -7.81
CA PRO B 233 -26.46 21.40 -7.61
C PRO B 233 -26.12 22.13 -8.90
N CYS B 234 -25.78 21.42 -9.98
CA CYS B 234 -25.46 22.08 -11.24
C CYS B 234 -26.70 22.76 -11.84
N ILE B 235 -27.85 22.06 -11.82
CA ILE B 235 -29.09 22.66 -12.31
C ILE B 235 -29.53 23.80 -11.40
N MET B 236 -29.32 23.66 -10.08
CA MET B 236 -29.64 24.73 -9.14
C MET B 236 -28.77 25.95 -9.39
N THR B 237 -27.47 25.75 -9.67
CA THR B 237 -26.58 26.86 -9.97
C THR B 237 -26.95 27.54 -11.28
N VAL B 238 -27.35 26.75 -12.28
CA VAL B 238 -27.79 27.31 -13.56
C VAL B 238 -29.07 28.13 -13.38
N ILE B 239 -30.03 27.60 -12.60
CA ILE B 239 -31.26 28.33 -12.31
C ILE B 239 -30.95 29.59 -11.50
N LEU B 240 -30.00 29.51 -10.57
CA LEU B 240 -29.63 30.66 -9.75
C LEU B 240 -28.91 31.72 -10.60
N SER B 241 -28.25 31.31 -11.67
CA SER B 241 -27.66 32.26 -12.60
C SER B 241 -28.73 32.88 -13.47
N GLN B 242 -29.75 32.10 -13.83
CA GLN B 242 -30.84 32.59 -14.66
C GLN B 242 -31.82 33.44 -13.87
N VAL B 243 -31.76 33.39 -12.54
CA VAL B 243 -32.56 34.27 -11.68
C VAL B 243 -32.22 35.74 -11.95
N SER B 244 -30.94 36.00 -12.25
CA SER B 244 -30.42 37.35 -12.44
C SER B 244 -31.07 38.13 -13.57
N PHE B 245 -31.69 37.43 -14.52
CA PHE B 245 -32.31 38.07 -15.66
C PHE B 245 -33.58 38.83 -15.30
N TRP B 246 -34.08 38.67 -14.08
CA TRP B 246 -35.30 39.34 -13.65
C TRP B 246 -35.02 40.52 -12.74
N LEU B 247 -33.74 40.83 -12.49
CA LEU B 247 -33.36 41.97 -11.69
C LEU B 247 -33.22 43.20 -12.58
N ASN B 248 -33.35 44.37 -11.99
CA ASN B 248 -33.29 45.60 -12.76
C ASN B 248 -31.85 46.03 -13.00
N ARG B 249 -31.60 46.49 -14.22
CA ARG B 249 -30.26 46.85 -14.71
C ARG B 249 -29.66 48.05 -13.99
N GLU B 250 -30.44 48.83 -13.25
CA GLU B 250 -29.87 49.94 -12.48
C GLU B 250 -29.07 49.47 -11.27
N SER B 251 -29.08 48.19 -10.96
CA SER B 251 -28.29 47.62 -9.87
C SER B 251 -27.24 46.68 -10.45
N VAL B 252 -26.10 47.25 -10.80
CA VAL B 252 -24.98 46.50 -11.38
C VAL B 252 -24.19 45.63 -10.39
N PRO B 253 -23.80 46.08 -9.16
CA PRO B 253 -23.07 45.15 -8.27
C PRO B 253 -23.83 43.87 -7.93
N ALA B 254 -25.15 43.94 -7.81
CA ALA B 254 -25.96 42.76 -7.49
C ALA B 254 -25.81 41.66 -8.55
N ARG B 255 -26.06 42.01 -9.81
CA ARG B 255 -25.93 41.03 -10.89
C ARG B 255 -24.47 40.66 -11.12
N THR B 256 -23.54 41.58 -10.85
CA THR B 256 -22.12 41.29 -11.00
C THR B 256 -21.68 40.19 -10.03
N VAL B 257 -22.01 40.35 -8.74
CA VAL B 257 -21.65 39.34 -7.74
C VAL B 257 -22.44 38.06 -7.97
N PHE B 258 -23.70 38.16 -8.44
CA PHE B 258 -24.44 36.99 -8.92
C PHE B 258 -23.64 36.16 -9.91
N GLY B 259 -23.30 36.79 -11.06
CA GLY B 259 -22.62 36.06 -12.12
C GLY B 259 -21.30 35.48 -11.69
N VAL B 260 -20.45 36.30 -11.07
CA VAL B 260 -19.09 35.84 -10.79
C VAL B 260 -19.12 34.80 -9.67
N THR B 261 -20.02 34.95 -8.69
CA THR B 261 -20.03 33.99 -7.61
C THR B 261 -20.63 32.67 -8.05
N THR B 262 -21.63 32.67 -8.95
CA THR B 262 -22.08 31.39 -9.49
C THR B 262 -21.04 30.73 -10.39
N VAL B 263 -20.21 31.51 -11.10
CA VAL B 263 -19.09 30.90 -11.83
C VAL B 263 -18.09 30.28 -10.87
N LEU B 264 -17.83 30.97 -9.74
CA LEU B 264 -16.96 30.43 -8.71
C LEU B 264 -17.53 29.15 -8.10
N THR B 265 -18.84 29.11 -7.84
CA THR B 265 -19.48 27.89 -7.35
C THR B 265 -19.41 26.78 -8.38
N MET B 266 -19.55 27.12 -9.66
CA MET B 266 -19.40 26.10 -10.71
C MET B 266 -17.99 25.52 -10.68
N THR B 267 -17.00 26.36 -10.42
CA THR B 267 -15.63 25.90 -10.26
C THR B 267 -15.49 24.98 -9.04
N THR B 268 -16.09 25.37 -7.90
CA THR B 268 -16.03 24.54 -6.68
C THR B 268 -16.70 23.19 -6.88
N LEU B 269 -17.89 23.18 -7.46
CA LEU B 269 -18.57 21.91 -7.74
C LEU B 269 -17.78 21.07 -8.74
N SER B 270 -17.21 21.69 -9.79
CA SER B 270 -16.42 20.90 -10.74
C SER B 270 -15.16 20.33 -10.11
N ILE B 271 -14.45 21.09 -9.25
CA ILE B 271 -13.24 20.56 -8.59
C ILE B 271 -13.63 19.44 -7.62
N SER B 272 -14.74 19.63 -6.87
CA SER B 272 -15.24 18.59 -5.97
C SER B 272 -15.60 17.36 -6.78
N ALA B 273 -16.13 17.59 -7.98
CA ALA B 273 -16.78 16.60 -8.82
C ALA B 273 -15.74 15.74 -9.48
N ARG B 274 -14.52 16.26 -9.66
CA ARG B 274 -13.51 15.46 -10.34
C ARG B 274 -12.87 14.41 -9.45
N ASN B 275 -13.27 14.29 -8.18
CA ASN B 275 -12.67 13.24 -7.38
C ASN B 275 -13.45 11.94 -7.48
N SER B 276 -14.59 11.96 -8.16
CA SER B 276 -15.46 10.79 -8.22
C SER B 276 -14.93 9.75 -9.19
N LEU B 277 -14.69 10.16 -10.43
CA LEU B 277 -14.27 9.32 -11.54
C LEU B 277 -12.76 9.24 -11.65
N PRO B 278 -12.22 8.21 -12.35
CA PRO B 278 -10.76 8.12 -12.53
C PRO B 278 -10.24 9.19 -13.48
N LYS B 279 -8.94 9.19 -13.74
CA LYS B 279 -8.32 10.22 -14.55
C LYS B 279 -8.34 9.83 -16.04
N VAL B 280 -9.55 9.54 -16.54
CA VAL B 280 -9.70 9.14 -17.94
C VAL B 280 -9.42 10.32 -18.85
N ALA B 281 -8.97 10.04 -20.07
CA ALA B 281 -8.58 11.11 -20.99
C ALA B 281 -9.71 11.57 -21.91
N TYR B 282 -10.87 10.93 -21.83
CA TYR B 282 -12.01 11.29 -22.64
C TYR B 282 -13.09 11.94 -21.78
N ALA B 283 -14.08 12.51 -22.45
CA ALA B 283 -15.18 13.19 -21.76
C ALA B 283 -16.29 12.19 -21.47
N THR B 284 -16.77 12.19 -20.24
CA THR B 284 -17.87 11.32 -19.84
C THR B 284 -19.19 12.07 -20.04
N ALA B 285 -20.29 11.49 -19.57
CA ALA B 285 -21.57 12.17 -19.70
C ALA B 285 -21.70 13.28 -18.66
N MET B 286 -21.26 13.02 -17.43
CA MET B 286 -21.23 14.05 -16.40
C MET B 286 -20.35 15.22 -16.80
N ASP B 287 -19.27 14.94 -17.54
CA ASP B 287 -18.37 15.98 -18.02
C ASP B 287 -19.07 16.87 -19.04
N TRP B 288 -19.86 16.26 -19.93
CA TRP B 288 -20.66 17.03 -20.88
C TRP B 288 -21.71 17.87 -20.17
N PHE B 289 -22.39 17.29 -19.17
CA PHE B 289 -23.40 18.05 -18.41
C PHE B 289 -22.78 19.23 -17.68
N ILE B 290 -21.65 19.00 -17.01
CA ILE B 290 -20.96 20.08 -16.29
C ILE B 290 -20.46 21.14 -17.25
N ALA B 291 -19.95 20.72 -18.42
CA ALA B 291 -19.48 21.67 -19.43
C ALA B 291 -20.60 22.53 -19.97
N VAL B 292 -21.76 21.93 -20.28
CA VAL B 292 -22.89 22.70 -20.79
C VAL B 292 -23.45 23.62 -19.71
N CYS B 293 -23.50 23.15 -18.46
CA CYS B 293 -23.98 24.01 -17.37
C CYS B 293 -23.04 25.18 -17.12
N TYR B 294 -21.73 24.93 -17.14
CA TYR B 294 -20.72 25.98 -17.01
C TYR B 294 -20.85 26.98 -18.16
N ALA B 295 -21.10 26.47 -19.37
CA ALA B 295 -21.33 27.31 -20.53
C ALA B 295 -22.55 28.20 -20.33
N PHE B 296 -23.63 27.63 -19.78
CA PHE B 296 -24.84 28.41 -19.51
C PHE B 296 -24.59 29.51 -18.49
N VAL B 297 -23.85 29.20 -17.42
CA VAL B 297 -23.52 30.20 -16.41
C VAL B 297 -22.67 31.33 -17.01
N PHE B 298 -21.64 30.95 -17.77
CA PHE B 298 -20.78 31.94 -18.44
C PHE B 298 -21.56 32.76 -19.45
N SER B 299 -22.48 32.12 -20.18
CA SER B 299 -23.32 32.80 -21.15
C SER B 299 -24.23 33.81 -20.46
N ALA B 300 -24.77 33.43 -19.31
CA ALA B 300 -25.59 34.34 -18.52
C ALA B 300 -24.80 35.57 -18.08
N LEU B 301 -23.56 35.35 -17.61
CA LEU B 301 -22.72 36.46 -17.17
C LEU B 301 -22.35 37.38 -18.34
N ILE B 302 -21.95 36.82 -19.49
CA ILE B 302 -21.61 37.67 -20.63
C ILE B 302 -22.85 38.41 -21.13
N GLU B 303 -24.03 37.77 -21.04
CA GLU B 303 -25.27 38.44 -21.39
C GLU B 303 -25.52 39.64 -20.47
N PHE B 304 -25.26 39.45 -19.16
CA PHE B 304 -25.32 40.58 -18.23
C PHE B 304 -24.34 41.67 -18.63
N ALA B 305 -23.13 41.28 -19.04
CA ALA B 305 -22.13 42.25 -19.49
C ALA B 305 -22.63 43.04 -20.68
N THR B 306 -23.29 42.36 -21.62
CA THR B 306 -23.84 43.03 -22.80
C THR B 306 -24.97 43.99 -22.43
N VAL B 307 -25.92 43.55 -21.59
CA VAL B 307 -27.03 44.41 -21.17
C VAL B 307 -26.51 45.62 -20.39
N ASN B 308 -25.45 45.45 -19.58
CA ASN B 308 -24.89 46.57 -18.84
C ASN B 308 -24.12 47.51 -19.77
N TYR B 309 -23.45 46.96 -20.78
CA TYR B 309 -22.73 47.79 -21.75
C TYR B 309 -23.70 48.59 -22.59
N PHE B 310 -24.90 48.06 -22.82
CA PHE B 310 -25.86 48.73 -23.66
C PHE B 310 -26.69 49.76 -22.91
N THR B 311 -26.53 49.87 -21.59
CA THR B 311 -27.27 50.92 -20.90
C THR B 311 -26.52 52.23 -21.08
N LYS B 312 -27.25 53.33 -20.89
CA LYS B 312 -26.81 54.73 -21.05
C LYS B 312 -26.20 55.04 -22.42
N SER B 313 -26.35 54.14 -23.39
CA SER B 313 -26.08 54.38 -24.80
C SER B 313 -27.29 54.08 -25.68
N GLN B 314 -27.92 52.93 -25.48
CA GLN B 314 -29.21 52.61 -26.10
C GLN B 314 -30.07 51.90 -25.06
N PRO B 315 -30.90 52.63 -24.33
CA PRO B 315 -31.64 52.03 -23.21
C PRO B 315 -32.81 51.13 -23.63
N ALA B 316 -33.08 50.98 -24.93
CA ALA B 316 -34.17 50.16 -25.43
C ALA B 316 -33.73 48.73 -25.69
N ARG B 317 -32.63 48.55 -26.43
CA ARG B 317 -32.17 47.23 -26.81
C ARG B 317 -31.70 46.42 -25.61
N ALA B 318 -31.25 47.09 -24.54
CA ALA B 318 -30.84 46.40 -23.32
C ALA B 318 -32.04 45.68 -22.69
N ALA B 319 -33.12 46.42 -22.45
CA ALA B 319 -34.36 45.85 -21.94
C ALA B 319 -34.93 44.80 -22.88
N LYS B 320 -34.81 45.05 -24.19
CA LYS B 320 -35.30 44.10 -25.20
C LYS B 320 -34.58 42.76 -25.09
N ILE B 321 -33.23 42.76 -25.11
CA ILE B 321 -32.48 41.51 -25.07
C ILE B 321 -32.58 40.85 -23.69
N ASP B 322 -32.79 41.64 -22.62
CA ASP B 322 -33.05 41.04 -21.31
C ASP B 322 -34.36 40.28 -21.31
N ARG B 323 -35.42 40.90 -21.87
CA ARG B 323 -36.72 40.23 -22.00
C ARG B 323 -36.60 38.98 -22.88
N LEU B 324 -35.75 39.05 -23.90
CA LEU B 324 -35.51 37.88 -24.75
C LEU B 324 -34.83 36.76 -23.96
N SER B 325 -33.76 37.10 -23.23
CA SER B 325 -32.97 36.10 -22.51
C SER B 325 -33.76 35.42 -21.41
N ARG B 326 -34.65 36.18 -20.73
CA ARG B 326 -35.50 35.65 -19.66
C ARG B 326 -36.30 34.42 -20.09
N ILE B 327 -36.76 34.40 -21.33
CA ILE B 327 -37.51 33.25 -21.84
C ILE B 327 -36.64 32.36 -22.72
N ALA B 328 -35.51 32.88 -23.23
CA ALA B 328 -34.66 32.07 -24.10
C ALA B 328 -33.83 31.06 -23.33
N PHE B 329 -33.31 31.44 -22.16
CA PHE B 329 -32.44 30.55 -21.41
C PHE B 329 -33.15 29.31 -20.84
N PRO B 330 -34.30 29.41 -20.12
CA PRO B 330 -34.89 28.18 -19.55
C PRO B 330 -35.39 27.19 -20.59
N LEU B 331 -35.89 27.65 -21.75
CA LEU B 331 -36.31 26.73 -22.79
C LEU B 331 -35.13 25.95 -23.37
N LEU B 332 -34.00 26.64 -23.59
CA LEU B 332 -32.80 25.96 -24.08
C LEU B 332 -32.28 24.94 -23.06
N PHE B 333 -32.27 25.32 -21.78
CA PHE B 333 -31.86 24.37 -20.73
C PHE B 333 -32.80 23.17 -20.68
N GLY B 334 -34.11 23.41 -20.81
CA GLY B 334 -35.06 22.32 -20.76
C GLY B 334 -34.93 21.36 -21.92
N ILE B 335 -34.78 21.89 -23.15
CA ILE B 335 -34.62 21.02 -24.31
C ILE B 335 -33.29 20.28 -24.25
N PHE B 336 -32.23 20.92 -23.72
CA PHE B 336 -30.95 20.23 -23.56
C PHE B 336 -31.09 19.09 -22.56
N ASN B 337 -31.80 19.32 -21.46
CA ASN B 337 -32.04 18.27 -20.48
C ASN B 337 -32.83 17.12 -21.08
N LEU B 338 -33.84 17.43 -21.90
CA LEU B 338 -34.61 16.38 -22.58
C LEU B 338 -33.73 15.54 -23.47
N VAL B 339 -32.92 16.20 -24.33
CA VAL B 339 -32.02 15.48 -25.25
C VAL B 339 -31.00 14.65 -24.48
N TYR B 340 -30.43 15.22 -23.41
CA TYR B 340 -29.41 14.52 -22.63
C TYR B 340 -29.99 13.29 -21.91
N TRP B 341 -31.02 13.50 -21.09
CA TRP B 341 -31.63 12.39 -20.37
C TRP B 341 -32.36 11.40 -21.27
N ALA B 342 -32.61 11.76 -22.53
CA ALA B 342 -33.18 10.81 -23.49
C ALA B 342 -32.09 10.03 -24.21
N THR B 343 -30.95 10.66 -24.49
CA THR B 343 -29.89 10.00 -25.23
C THR B 343 -29.06 9.11 -24.32
N TYR B 344 -29.00 9.41 -23.03
CA TYR B 344 -28.14 8.64 -22.15
C TYR B 344 -28.87 7.55 -21.38
N LEU B 345 -30.18 7.67 -21.14
CA LEU B 345 -30.90 6.62 -20.44
C LEU B 345 -31.37 5.48 -21.36
N ASN B 346 -30.85 5.39 -22.58
CA ASN B 346 -31.21 4.32 -23.51
C ASN B 346 -30.01 3.60 -24.10
N ARG B 347 -28.80 4.08 -23.90
CA ARG B 347 -27.59 3.44 -24.41
C ARG B 347 -27.29 2.15 -23.65
N SER C 7 3.46 -48.55 -15.73
CA SER C 7 3.12 -48.41 -17.14
C SER C 7 3.72 -47.14 -17.71
N ASN C 8 2.87 -46.17 -18.05
CA ASN C 8 3.33 -44.88 -18.54
C ASN C 8 3.42 -43.83 -17.44
N MET C 9 2.84 -44.07 -16.26
CA MET C 9 2.95 -43.13 -15.15
C MET C 9 4.13 -43.44 -14.24
N SER C 10 4.27 -44.70 -13.83
CA SER C 10 5.39 -45.09 -12.96
C SER C 10 6.72 -44.98 -13.70
N LEU C 11 6.72 -45.12 -15.02
CA LEU C 11 7.91 -44.88 -15.83
C LEU C 11 8.38 -43.44 -15.69
N VAL C 12 7.47 -42.48 -15.84
CA VAL C 12 7.84 -41.08 -15.66
C VAL C 12 8.18 -40.81 -14.20
N LYS C 13 7.52 -41.47 -13.25
CA LYS C 13 7.83 -41.30 -11.83
C LYS C 13 9.27 -41.72 -11.51
N GLU C 14 9.67 -42.90 -12.01
CA GLU C 14 11.04 -43.36 -11.78
C GLU C 14 12.03 -42.48 -12.54
N THR C 15 11.66 -41.99 -13.73
CA THR C 15 12.53 -41.08 -14.48
C THR C 15 12.79 -39.78 -13.72
N VAL C 16 11.74 -39.17 -13.17
CA VAL C 16 11.91 -37.92 -12.41
C VAL C 16 12.67 -38.19 -11.11
N ASP C 17 12.39 -39.32 -10.46
CA ASP C 17 13.12 -39.70 -9.25
C ASP C 17 14.60 -39.95 -9.55
N ARG C 18 14.90 -40.47 -10.73
CA ARG C 18 16.29 -40.66 -11.15
C ARG C 18 16.95 -39.32 -11.43
N LEU C 19 16.19 -38.40 -12.03
CA LEU C 19 16.70 -37.06 -12.32
C LEU C 19 17.04 -36.32 -11.03
N LEU C 20 16.19 -36.44 -10.02
CA LEU C 20 16.35 -35.67 -8.79
C LEU C 20 17.18 -36.39 -7.73
N LYS C 21 17.67 -37.59 -7.99
CA LYS C 21 18.52 -38.26 -7.01
C LYS C 21 19.96 -37.92 -7.31
N GLY C 22 20.66 -37.44 -6.28
CA GLY C 22 22.02 -36.96 -6.46
C GLY C 22 22.05 -35.67 -7.24
N TYR C 23 21.12 -34.76 -6.97
CA TYR C 23 21.00 -33.50 -7.69
C TYR C 23 21.33 -32.39 -6.71
N ASP C 24 22.41 -31.67 -6.99
CA ASP C 24 22.88 -30.61 -6.10
C ASP C 24 22.22 -29.31 -6.53
N ILE C 25 21.38 -28.75 -5.66
CA ILE C 25 20.67 -27.52 -5.97
C ILE C 25 21.57 -26.32 -5.71
N ARG C 26 22.64 -26.51 -4.95
CA ARG C 26 23.59 -25.43 -4.66
C ARG C 26 24.39 -25.02 -5.89
N LEU C 27 24.47 -25.89 -6.90
CA LEU C 27 25.34 -25.70 -8.04
C LEU C 27 24.54 -25.48 -9.30
N ARG C 28 24.95 -24.50 -10.09
CA ARG C 28 24.35 -24.21 -11.38
C ARG C 28 24.78 -25.28 -12.39
N PRO C 29 24.13 -25.36 -13.54
CA PRO C 29 24.63 -26.25 -14.60
C PRO C 29 25.98 -25.79 -15.11
N ASP C 30 26.91 -26.75 -15.19
CA ASP C 30 28.33 -26.54 -15.51
C ASP C 30 28.95 -25.57 -14.50
N PHE C 31 28.94 -26.00 -13.23
CA PHE C 31 29.32 -25.12 -12.12
C PHE C 31 30.78 -24.69 -12.19
N GLY C 32 31.66 -25.55 -12.69
CA GLY C 32 33.06 -25.20 -12.77
C GLY C 32 33.49 -25.10 -14.21
N GLY C 33 32.53 -24.78 -15.09
CA GLY C 33 32.78 -24.75 -16.50
C GLY C 33 32.33 -23.44 -17.13
N PRO C 34 31.86 -23.51 -18.37
CA PRO C 34 31.44 -22.30 -19.09
C PRO C 34 30.14 -21.77 -18.51
N PRO C 35 29.81 -20.50 -18.75
CA PRO C 35 28.57 -19.96 -18.18
C PRO C 35 27.34 -20.58 -18.83
N VAL C 36 26.25 -20.54 -18.09
CA VAL C 36 24.99 -21.08 -18.57
C VAL C 36 24.20 -19.93 -19.19
N ALA C 37 23.56 -20.20 -20.32
CA ALA C 37 22.81 -19.17 -21.02
C ALA C 37 21.36 -19.28 -20.58
N VAL C 38 20.76 -18.13 -20.28
CA VAL C 38 19.39 -18.07 -19.82
C VAL C 38 18.67 -17.10 -20.74
N GLY C 39 17.61 -17.58 -21.38
CA GLY C 39 16.83 -16.76 -22.27
C GLY C 39 15.54 -16.31 -21.61
N MET C 40 15.19 -15.06 -21.80
CA MET C 40 14.07 -14.46 -21.11
C MET C 40 12.94 -14.19 -22.09
N ASN C 41 11.73 -14.31 -21.58
CA ASN C 41 10.52 -13.94 -22.28
C ASN C 41 9.65 -13.25 -21.26
N ILE C 42 8.88 -12.27 -21.72
CA ILE C 42 7.96 -11.54 -20.85
C ILE C 42 6.66 -11.38 -21.64
N ASP C 43 5.55 -11.80 -21.05
CA ASP C 43 4.24 -11.51 -21.60
C ASP C 43 3.59 -10.56 -20.60
N ILE C 44 3.51 -9.29 -20.96
CA ILE C 44 3.00 -8.30 -20.03
C ILE C 44 1.49 -8.39 -20.04
N ALA C 45 0.90 -8.56 -18.86
CA ALA C 45 -0.54 -8.72 -18.75
C ALA C 45 -1.23 -7.39 -18.53
N SER C 46 -0.60 -6.49 -17.77
CA SER C 46 -1.15 -5.18 -17.48
C SER C 46 -0.05 -4.33 -16.85
N ILE C 47 -0.09 -3.04 -17.16
CA ILE C 47 0.65 -2.01 -16.44
C ILE C 47 -0.41 -1.21 -15.71
N ASP C 48 -0.42 -1.34 -14.38
CA ASP C 48 -1.62 -0.97 -13.64
C ASP C 48 -1.68 0.53 -13.40
N MET C 49 -0.73 1.08 -12.65
CA MET C 49 -0.84 2.46 -12.19
C MET C 49 0.54 3.09 -12.20
N VAL C 50 0.69 4.13 -13.00
CA VAL C 50 1.94 4.86 -13.12
C VAL C 50 1.80 6.06 -12.20
N SER C 51 2.41 5.98 -11.03
CA SER C 51 2.24 7.00 -10.00
C SER C 51 3.36 8.03 -10.08
N GLU C 52 2.98 9.29 -10.14
CA GLU C 52 3.96 10.37 -10.12
C GLU C 52 4.36 10.76 -8.71
N VAL C 53 3.50 10.49 -7.72
CA VAL C 53 3.79 10.87 -6.35
C VAL C 53 4.71 9.86 -5.70
N ASN C 54 4.57 8.60 -6.06
CA ASN C 54 5.45 7.56 -5.56
C ASN C 54 6.64 7.29 -6.47
N MET C 55 6.61 7.81 -7.71
CA MET C 55 7.65 7.64 -8.72
C MET C 55 7.88 6.17 -9.01
N ASP C 56 6.77 5.48 -9.29
CA ASP C 56 6.83 4.07 -9.60
C ASP C 56 5.68 3.72 -10.54
N TYR C 57 5.73 2.50 -11.07
CA TYR C 57 4.70 1.96 -12.00
C TYR C 57 4.58 0.46 -11.74
N THR C 58 3.35 -0.02 -11.56
CA THR C 58 3.13 -1.44 -11.30
C THR C 58 2.89 -2.14 -12.63
N LEU C 59 3.47 -3.31 -12.79
CA LEU C 59 3.17 -4.10 -13.98
C LEU C 59 3.06 -5.56 -13.60
N THR C 60 2.09 -6.22 -14.22
CA THR C 60 1.92 -7.66 -14.11
C THR C 60 2.46 -8.27 -15.38
N MET C 61 3.17 -9.38 -15.24
CA MET C 61 3.82 -9.97 -16.39
C MET C 61 3.88 -11.47 -16.18
N TYR C 62 3.94 -12.19 -17.29
CA TYR C 62 4.32 -13.58 -17.26
C TYR C 62 5.79 -13.58 -17.65
N PHE C 63 6.64 -13.90 -16.69
CA PHE C 63 8.08 -13.79 -16.84
C PHE C 63 8.64 -15.20 -16.92
N GLN C 64 9.24 -15.54 -18.04
CA GLN C 64 9.69 -16.88 -18.31
C GLN C 64 11.18 -16.89 -18.55
N GLN C 65 11.84 -17.90 -18.03
CA GLN C 65 13.27 -18.06 -18.22
C GLN C 65 13.50 -19.44 -18.80
N ALA C 66 14.47 -19.56 -19.69
CA ALA C 66 14.77 -20.83 -20.30
C ALA C 66 16.27 -21.00 -20.34
N TRP C 67 16.74 -22.15 -19.87
CA TRP C 67 18.14 -22.49 -19.89
C TRP C 67 18.22 -23.98 -20.16
N ARG C 68 19.42 -24.52 -20.07
CA ARG C 68 19.65 -25.93 -20.35
C ARG C 68 20.44 -26.50 -19.19
N ASP C 69 19.89 -27.54 -18.57
CA ASP C 69 20.53 -28.23 -17.47
C ASP C 69 20.78 -29.65 -17.94
N LYS C 70 22.06 -29.99 -18.12
CA LYS C 70 22.44 -31.31 -18.62
C LYS C 70 22.12 -32.44 -17.65
N ARG C 71 21.77 -32.11 -16.41
CA ARG C 71 21.41 -33.09 -15.41
C ARG C 71 19.95 -33.49 -15.50
N LEU C 72 19.10 -32.59 -15.98
CA LEU C 72 17.68 -32.86 -16.18
C LEU C 72 17.41 -33.27 -17.63
N SER C 73 18.13 -34.30 -18.07
CA SER C 73 18.03 -34.81 -19.42
C SER C 73 17.60 -36.26 -19.36
N TYR C 74 16.56 -36.60 -20.10
CA TYR C 74 15.99 -37.94 -20.08
C TYR C 74 15.71 -38.42 -21.50
N ASN C 75 15.67 -39.73 -21.65
CA ASN C 75 15.39 -40.33 -22.94
C ASN C 75 14.48 -41.54 -22.86
N VAL C 76 13.98 -41.87 -21.66
CA VAL C 76 13.11 -43.03 -21.51
C VAL C 76 11.74 -42.74 -22.12
N ILE C 77 11.20 -41.55 -21.85
CA ILE C 77 9.92 -41.12 -22.41
C ILE C 77 10.20 -40.10 -23.50
N PRO C 78 9.38 -40.00 -24.55
CA PRO C 78 9.68 -39.08 -25.64
C PRO C 78 9.01 -37.72 -25.56
N LEU C 79 8.15 -37.47 -24.59
CA LEU C 79 7.38 -36.24 -24.54
C LEU C 79 7.98 -35.26 -23.53
N ASN C 80 7.52 -34.02 -23.60
CA ASN C 80 7.95 -32.98 -22.69
C ASN C 80 7.16 -33.06 -21.40
N LEU C 81 7.79 -32.68 -20.30
CA LEU C 81 7.23 -32.88 -18.97
C LEU C 81 6.88 -31.55 -18.34
N THR C 82 5.59 -31.35 -18.08
CA THR C 82 5.14 -30.26 -17.24
C THR C 82 4.88 -30.83 -15.86
N LEU C 83 5.69 -30.41 -14.90
CA LEU C 83 5.63 -30.95 -13.56
C LEU C 83 4.87 -29.96 -12.67
N ASP C 84 4.50 -30.43 -11.48
CA ASP C 84 3.89 -29.58 -10.46
C ASP C 84 4.84 -28.44 -10.13
N ASN C 85 4.27 -27.28 -9.84
CA ASN C 85 5.06 -26.07 -9.61
C ASN C 85 5.86 -26.09 -8.31
N ARG C 86 5.77 -27.15 -7.51
CA ARG C 86 6.54 -27.28 -6.29
C ARG C 86 7.86 -28.03 -6.50
N VAL C 87 8.08 -28.61 -7.68
CA VAL C 87 9.38 -29.21 -7.97
C VAL C 87 10.40 -28.16 -8.37
N ALA C 88 9.96 -26.92 -8.58
CA ALA C 88 10.90 -25.83 -8.83
C ALA C 88 11.64 -25.41 -7.58
N ASP C 89 11.27 -25.94 -6.41
CA ASP C 89 12.00 -25.76 -5.17
C ASP C 89 13.07 -26.81 -4.98
N GLN C 90 13.16 -27.76 -5.91
CA GLN C 90 14.15 -28.83 -5.85
C GLN C 90 15.08 -28.82 -7.05
N LEU C 91 14.87 -27.90 -7.99
CA LEU C 91 15.75 -27.70 -9.11
C LEU C 91 16.56 -26.42 -8.89
N TRP C 92 17.57 -26.23 -9.72
CA TRP C 92 18.30 -24.99 -9.73
C TRP C 92 17.58 -24.05 -10.67
N VAL C 93 17.25 -22.86 -10.18
CA VAL C 93 16.66 -21.81 -11.02
C VAL C 93 17.55 -20.59 -10.80
N PRO C 94 17.76 -19.74 -11.80
CA PRO C 94 18.66 -18.61 -11.63
C PRO C 94 18.10 -17.58 -10.65
N ASP C 95 19.00 -16.89 -9.98
CA ASP C 95 18.60 -15.89 -8.99
C ASP C 95 18.51 -14.54 -9.69
N THR C 96 17.45 -14.42 -10.47
CA THR C 96 17.16 -13.21 -11.20
C THR C 96 16.47 -12.24 -10.26
N TYR C 97 16.76 -10.96 -10.42
CA TYR C 97 16.10 -9.95 -9.63
C TYR C 97 15.91 -8.70 -10.47
N PHE C 98 15.07 -7.81 -9.96
CA PHE C 98 14.79 -6.53 -10.61
C PHE C 98 15.42 -5.45 -9.76
N LEU C 99 16.34 -4.68 -10.34
CA LEU C 99 17.13 -3.74 -9.55
C LEU C 99 16.28 -2.58 -9.09
N ASN C 100 15.33 -2.13 -9.91
CA ASN C 100 14.55 -0.91 -9.60
C ASN C 100 13.19 -1.19 -8.95
N ASP C 101 12.90 -2.42 -8.51
CA ASP C 101 11.60 -2.63 -7.91
C ASP C 101 11.59 -2.20 -6.46
N LYS C 102 10.39 -1.99 -5.94
CA LYS C 102 10.18 -1.61 -4.56
C LYS C 102 9.47 -2.69 -3.77
N LYS C 103 8.49 -3.33 -4.39
CA LYS C 103 7.82 -4.47 -3.82
C LYS C 103 7.33 -5.34 -4.98
N SER C 104 7.47 -6.65 -4.81
CA SER C 104 7.09 -7.57 -5.86
C SER C 104 6.69 -8.89 -5.24
N PHE C 105 5.97 -9.69 -6.02
CA PHE C 105 5.50 -10.98 -5.56
C PHE C 105 5.16 -11.86 -6.74
N VAL C 106 5.19 -13.16 -6.51
CA VAL C 106 4.63 -14.12 -7.43
C VAL C 106 3.21 -14.35 -6.94
N HIS C 107 2.25 -14.41 -7.85
CA HIS C 107 0.88 -14.64 -7.46
C HIS C 107 0.75 -16.05 -6.87
N GLY C 108 -0.08 -16.17 -5.84
CA GLY C 108 -0.12 -17.41 -5.10
C GLY C 108 -1.53 -17.91 -4.98
N VAL C 109 -2.29 -17.66 -6.03
CA VAL C 109 -3.68 -18.08 -6.15
C VAL C 109 -3.88 -18.72 -7.52
N THR C 110 -4.40 -19.97 -7.55
CA THR C 110 -4.86 -20.73 -6.38
C THR C 110 -3.71 -21.46 -5.70
N VAL C 111 -2.60 -21.57 -6.44
CA VAL C 111 -1.32 -22.03 -5.96
C VAL C 111 -0.30 -21.00 -6.42
N LYS C 112 0.96 -21.22 -6.07
CA LYS C 112 2.03 -20.34 -6.51
C LYS C 112 2.11 -20.34 -8.03
N ASN C 113 1.82 -19.19 -8.64
CA ASN C 113 1.71 -19.08 -10.09
C ASN C 113 3.10 -19.12 -10.70
N ARG C 114 3.62 -20.33 -10.82
CA ARG C 114 4.88 -20.55 -11.48
C ARG C 114 4.77 -21.83 -12.30
N MET C 115 5.65 -21.95 -13.28
CA MET C 115 5.60 -23.04 -14.23
C MET C 115 6.98 -23.63 -14.37
N ILE C 116 7.07 -24.94 -14.34
CA ILE C 116 8.28 -25.65 -14.67
C ILE C 116 7.96 -26.58 -15.82
N ARG C 117 8.90 -26.73 -16.74
CA ARG C 117 8.66 -27.57 -17.90
C ARG C 117 9.99 -28.12 -18.36
N LEU C 118 10.08 -29.43 -18.47
CA LEU C 118 11.33 -30.07 -18.87
C LEU C 118 11.24 -30.49 -20.33
N HIS C 119 12.40 -30.74 -20.90
CA HIS C 119 12.55 -31.19 -22.27
C HIS C 119 13.56 -32.33 -22.29
N PRO C 120 13.44 -33.28 -23.23
CA PRO C 120 14.29 -34.49 -23.18
C PRO C 120 15.78 -34.23 -23.36
N ASP C 121 16.18 -33.09 -23.91
CA ASP C 121 17.59 -32.82 -24.08
C ASP C 121 18.22 -32.15 -22.87
N GLY C 122 17.42 -31.56 -22.01
CA GLY C 122 17.95 -30.96 -20.80
C GLY C 122 17.38 -29.58 -20.56
N THR C 123 16.74 -29.01 -21.58
CA THR C 123 16.22 -27.66 -21.52
C THR C 123 15.13 -27.55 -20.47
N VAL C 124 15.21 -26.50 -19.66
CA VAL C 124 14.24 -26.22 -18.61
C VAL C 124 13.58 -24.90 -18.95
N LEU C 125 12.26 -24.87 -18.90
CA LEU C 125 11.51 -23.62 -19.04
C LEU C 125 10.86 -23.33 -17.70
N TYR C 126 10.96 -22.09 -17.27
CA TYR C 126 10.58 -21.72 -15.92
C TYR C 126 9.91 -20.37 -16.00
N GLY C 127 8.62 -20.34 -15.74
CA GLY C 127 7.83 -19.15 -15.87
C GLY C 127 7.26 -18.78 -14.52
N LEU C 128 7.08 -17.49 -14.32
CA LEU C 128 6.46 -16.96 -13.13
C LEU C 128 5.45 -15.91 -13.56
N ARG C 129 4.49 -15.64 -12.70
CA ARG C 129 3.53 -14.58 -12.94
C ARG C 129 3.76 -13.56 -11.86
N ILE C 130 4.36 -12.44 -12.23
CA ILE C 130 4.92 -11.50 -11.27
C ILE C 130 4.21 -10.18 -11.43
N THR C 131 3.78 -9.61 -10.32
CA THR C 131 3.32 -8.24 -10.26
C THR C 131 4.36 -7.49 -9.46
N THR C 132 4.99 -6.51 -10.08
CA THR C 132 6.10 -5.82 -9.44
C THR C 132 5.89 -4.32 -9.57
N THR C 133 6.27 -3.61 -8.52
CA THR C 133 6.18 -2.17 -8.50
C THR C 133 7.60 -1.67 -8.69
N ALA C 134 7.92 -1.35 -9.95
CA ALA C 134 9.26 -0.86 -10.34
C ALA C 134 9.31 0.65 -10.16
N ALA C 135 10.42 1.16 -9.64
CA ALA C 135 10.57 2.58 -9.39
C ALA C 135 11.24 3.24 -10.58
N CYS C 136 10.61 4.26 -11.12
CA CYS C 136 11.22 5.04 -12.18
C CYS C 136 11.06 6.52 -11.90
N MET C 137 12.18 7.22 -11.86
CA MET C 137 12.14 8.64 -11.57
C MET C 137 11.78 9.39 -12.84
N MET C 138 10.78 10.26 -12.72
CA MET C 138 10.23 10.97 -13.87
C MET C 138 10.73 12.40 -13.86
N ASP C 139 10.78 12.98 -15.05
CA ASP C 139 11.18 14.36 -15.21
C ASP C 139 9.90 15.12 -15.52
N LEU C 140 9.37 15.82 -14.52
CA LEU C 140 8.08 16.49 -14.62
C LEU C 140 8.23 17.98 -14.88
N ARG C 141 9.26 18.38 -15.62
CA ARG C 141 9.44 19.78 -15.96
C ARG C 141 8.50 20.21 -17.07
N ARG C 142 7.87 19.27 -17.76
CA ARG C 142 6.93 19.55 -18.83
C ARG C 142 5.58 18.92 -18.57
N TYR C 143 5.28 18.59 -17.31
CA TYR C 143 4.01 18.00 -16.93
C TYR C 143 2.87 19.00 -17.18
N PRO C 144 1.73 18.55 -17.75
CA PRO C 144 1.40 17.21 -18.20
C PRO C 144 1.65 16.94 -19.68
N LEU C 145 2.36 17.83 -20.36
CA LEU C 145 2.72 17.64 -21.77
C LEU C 145 4.09 16.98 -21.87
N ASP C 146 4.24 15.88 -21.17
CA ASP C 146 5.53 15.23 -20.99
C ASP C 146 5.47 13.83 -21.54
N GLU C 147 6.66 13.30 -21.82
CA GLU C 147 6.80 11.93 -22.25
C GLU C 147 7.86 11.31 -21.36
N GLN C 148 7.41 10.36 -20.53
CA GLN C 148 8.29 9.71 -19.51
C GLN C 148 8.84 8.38 -20.01
N ASN C 149 10.16 8.19 -19.89
CA ASN C 149 10.80 6.91 -20.28
C ASN C 149 11.31 6.22 -19.02
N CYS C 150 10.70 5.11 -18.61
CA CYS C 150 11.27 4.37 -17.45
C CYS C 150 11.49 2.89 -17.79
N THR C 151 12.48 2.28 -17.13
CA THR C 151 12.95 0.91 -17.50
C THR C 151 12.87 -0.06 -16.33
N LEU C 152 12.79 -1.35 -16.63
CA LEU C 152 12.81 -2.45 -15.63
C LEU C 152 14.14 -3.20 -15.85
N GLU C 153 14.98 -3.28 -14.82
CA GLU C 153 16.31 -3.95 -14.96
C GLU C 153 16.21 -5.42 -14.55
N ILE C 154 16.71 -6.32 -15.40
CA ILE C 154 16.67 -7.74 -15.11
C ILE C 154 18.12 -8.19 -15.01
N GLU C 155 18.54 -8.56 -13.81
CA GLU C 155 19.93 -8.85 -13.54
C GLU C 155 20.04 -10.17 -12.79
N SER C 156 21.26 -10.70 -12.72
CA SER C 156 21.57 -11.88 -11.94
C SER C 156 22.24 -11.44 -10.66
N TYR C 157 21.80 -11.97 -9.53
CA TYR C 157 22.37 -11.48 -8.28
C TYR C 157 23.67 -12.20 -7.94
N GLY C 158 23.65 -13.52 -7.90
CA GLY C 158 24.80 -14.22 -7.35
C GLY C 158 25.82 -14.55 -8.40
N TYR C 159 25.36 -14.86 -9.60
CA TYR C 159 26.25 -15.35 -10.64
C TYR C 159 26.70 -14.20 -11.53
N THR C 160 28.01 -14.08 -11.70
CA THR C 160 28.61 -13.03 -12.49
C THR C 160 28.47 -13.36 -13.97
N THR C 161 29.07 -12.55 -14.83
CA THR C 161 28.93 -12.77 -16.26
C THR C 161 29.79 -13.92 -16.77
N ASP C 162 30.66 -14.49 -15.92
CA ASP C 162 31.39 -15.69 -16.25
C ASP C 162 30.76 -16.94 -15.65
N ASP C 163 29.56 -16.80 -15.07
CA ASP C 163 28.78 -17.91 -14.57
C ASP C 163 27.43 -18.03 -15.21
N ILE C 164 26.93 -16.97 -15.84
CA ILE C 164 25.59 -16.95 -16.37
C ILE C 164 25.54 -15.93 -17.48
N GLU C 165 24.64 -16.14 -18.44
CA GLU C 165 24.46 -15.24 -19.57
C GLU C 165 22.98 -14.99 -19.74
N PHE C 166 22.60 -13.73 -19.88
CA PHE C 166 21.22 -13.36 -20.11
C PHE C 166 21.07 -12.92 -21.55
N TYR C 167 19.93 -13.25 -22.14
CA TYR C 167 19.59 -12.81 -23.48
C TYR C 167 18.09 -12.89 -23.65
N TRP C 168 17.57 -12.05 -24.53
CA TRP C 168 16.15 -12.11 -24.86
C TRP C 168 15.91 -13.26 -25.82
N ARG C 169 14.96 -14.12 -25.50
CA ARG C 169 14.66 -15.29 -26.32
C ARG C 169 13.82 -14.82 -27.50
N GLY C 170 14.51 -14.47 -28.59
CA GLY C 170 13.87 -13.90 -29.76
C GLY C 170 14.48 -12.57 -30.17
N ASP C 171 14.83 -11.76 -29.16
CA ASP C 171 15.57 -10.49 -29.20
C ASP C 171 14.77 -9.32 -29.76
N ASP C 172 13.62 -9.59 -30.36
CA ASP C 172 12.66 -8.55 -30.72
C ASP C 172 11.22 -8.92 -30.41
N ASN C 173 10.90 -10.21 -30.35
CA ASN C 173 9.58 -10.71 -29.97
C ASN C 173 9.61 -11.36 -28.59
N ALA C 174 10.63 -11.05 -27.79
CA ALA C 174 10.74 -11.62 -26.46
C ALA C 174 9.71 -11.03 -25.51
N VAL C 175 9.34 -9.78 -25.72
CA VAL C 175 8.35 -9.11 -24.89
C VAL C 175 7.11 -8.93 -25.74
N THR C 176 6.01 -9.55 -25.30
CA THR C 176 4.75 -9.55 -26.02
C THR C 176 3.69 -8.94 -25.13
N GLY C 177 2.56 -8.58 -25.74
CA GLY C 177 1.45 -8.03 -24.98
C GLY C 177 1.53 -6.55 -24.72
N VAL C 178 2.40 -5.83 -25.43
CA VAL C 178 2.55 -4.40 -25.19
C VAL C 178 1.48 -3.61 -25.94
N THR C 179 1.11 -4.06 -27.15
CA THR C 179 0.13 -3.33 -27.95
C THR C 179 -1.30 -3.48 -27.41
N LYS C 180 -1.54 -4.44 -26.53
CA LYS C 180 -2.86 -4.63 -25.94
C LYS C 180 -2.98 -3.96 -24.58
N ILE C 181 -1.96 -3.21 -24.17
CA ILE C 181 -1.97 -2.54 -22.88
C ILE C 181 -2.65 -1.19 -23.05
N GLU C 182 -3.65 -0.93 -22.21
CA GLU C 182 -4.38 0.33 -22.24
C GLU C 182 -4.19 1.01 -20.91
N LEU C 183 -3.66 2.21 -20.93
CA LEU C 183 -3.46 2.99 -19.74
C LEU C 183 -4.49 4.11 -19.66
N PRO C 184 -4.92 4.51 -18.46
CA PRO C 184 -5.94 5.58 -18.38
C PRO C 184 -5.38 6.94 -18.70
N GLN C 185 -4.08 7.15 -18.50
CA GLN C 185 -3.45 8.45 -18.61
C GLN C 185 -2.36 8.52 -19.67
N PHE C 186 -1.66 7.42 -19.92
CA PHE C 186 -0.52 7.40 -20.82
C PHE C 186 -0.86 6.61 -22.08
N SER C 187 0.14 6.48 -22.93
CA SER C 187 0.03 5.66 -24.14
C SER C 187 1.43 5.21 -24.52
N ILE C 188 1.62 3.89 -24.58
CA ILE C 188 2.93 3.31 -24.88
C ILE C 188 3.26 3.63 -26.34
N VAL C 189 4.27 4.46 -26.56
CA VAL C 189 4.66 4.84 -27.92
C VAL C 189 5.71 3.87 -28.47
N ASP C 190 6.60 3.39 -27.62
CA ASP C 190 7.73 2.57 -28.06
C ASP C 190 8.25 1.79 -26.87
N TYR C 191 8.91 0.67 -27.17
CA TYR C 191 9.55 -0.11 -26.13
C TYR C 191 10.82 -0.71 -26.71
N LYS C 192 11.81 -0.95 -25.84
CA LYS C 192 13.12 -1.36 -26.28
C LYS C 192 13.66 -2.46 -25.37
N LEU C 193 14.45 -3.34 -25.95
CA LEU C 193 15.12 -4.43 -25.25
C LEU C 193 16.62 -4.20 -25.35
N ILE C 194 17.31 -4.38 -24.23
CA ILE C 194 18.72 -4.05 -24.13
C ILE C 194 19.44 -5.19 -23.43
N THR C 195 20.58 -5.59 -23.95
CA THR C 195 21.50 -6.49 -23.29
C THR C 195 22.70 -5.67 -22.84
N LYS C 196 23.27 -6.04 -21.70
CA LYS C 196 24.27 -5.17 -21.09
C LYS C 196 25.06 -5.98 -20.09
N LYS C 197 26.14 -5.39 -19.60
CA LYS C 197 26.92 -5.94 -18.50
C LYS C 197 27.22 -4.78 -17.56
N VAL C 198 26.83 -4.92 -16.30
CA VAL C 198 27.09 -3.90 -15.32
C VAL C 198 28.26 -4.36 -14.47
N VAL C 199 28.94 -3.40 -13.85
CA VAL C 199 30.16 -3.68 -13.10
C VAL C 199 30.00 -3.12 -11.70
N PHE C 200 30.05 -3.99 -10.71
CA PHE C 200 30.07 -3.60 -9.31
C PHE C 200 31.42 -3.96 -8.70
N SER C 201 31.57 -3.67 -7.41
CA SER C 201 32.80 -4.01 -6.71
C SER C 201 32.93 -5.51 -6.45
N THR C 202 31.90 -6.30 -6.71
CA THR C 202 31.94 -7.74 -6.48
C THR C 202 32.15 -8.53 -7.77
N GLY C 203 31.89 -7.93 -8.92
CA GLY C 203 32.10 -8.60 -10.18
C GLY C 203 31.37 -7.89 -11.29
N SER C 204 31.29 -8.57 -12.42
CA SER C 204 30.59 -8.08 -13.61
C SER C 204 29.34 -8.92 -13.79
N TYR C 205 28.20 -8.27 -13.95
CA TYR C 205 26.98 -9.06 -13.97
C TYR C 205 26.21 -8.81 -15.24
N PRO C 206 25.55 -9.82 -15.80
CA PRO C 206 24.77 -9.59 -17.00
C PRO C 206 23.48 -8.90 -16.64
N ARG C 207 22.96 -8.14 -17.60
CA ARG C 207 21.74 -7.42 -17.34
C ARG C 207 20.93 -7.36 -18.61
N LEU C 208 19.63 -7.53 -18.48
CA LEU C 208 18.69 -7.19 -19.53
C LEU C 208 17.85 -6.03 -19.03
N SER C 209 17.36 -5.23 -19.98
CA SER C 209 16.58 -4.02 -19.60
C SER C 209 15.40 -3.83 -20.55
N LEU C 210 14.19 -3.73 -20.00
CA LEU C 210 12.97 -3.49 -20.82
C LEU C 210 12.52 -2.04 -20.57
N SER C 211 12.50 -1.21 -21.62
CA SER C 211 12.15 0.23 -21.47
C SER C 211 10.82 0.53 -22.17
N PHE C 212 9.92 1.22 -21.47
CA PHE C 212 8.61 1.62 -22.04
C PHE C 212 8.53 3.15 -22.05
N LYS C 213 8.52 3.76 -23.23
CA LYS C 213 8.38 5.20 -23.32
C LYS C 213 6.89 5.48 -23.34
N LEU C 214 6.45 6.32 -22.42
CA LEU C 214 5.04 6.58 -22.23
C LEU C 214 4.80 8.06 -22.47
N LYS C 215 3.90 8.37 -23.39
CA LYS C 215 3.51 9.73 -23.64
C LYS C 215 2.18 9.96 -22.96
N ARG C 216 2.08 11.04 -22.21
CA ARG C 216 0.89 11.28 -21.40
C ARG C 216 -0.19 11.87 -22.28
N ASN C 217 -1.43 11.45 -22.03
CA ASN C 217 -2.53 12.04 -22.78
C ASN C 217 -2.83 13.42 -22.23
N ILE C 218 -3.55 14.21 -23.02
CA ILE C 218 -3.71 15.62 -22.73
C ILE C 218 -5.15 16.02 -22.49
N GLY C 219 -6.13 15.24 -23.00
CA GLY C 219 -7.53 15.62 -22.93
C GLY C 219 -8.04 15.77 -21.50
N TYR C 220 -7.62 14.85 -20.63
CA TYR C 220 -8.01 14.90 -19.22
C TYR C 220 -7.54 16.19 -18.58
N PHE C 221 -6.26 16.52 -18.76
CA PHE C 221 -5.69 17.71 -18.15
C PHE C 221 -6.25 18.98 -18.76
N ILE C 222 -6.50 18.98 -20.07
CA ILE C 222 -7.17 20.09 -20.76
C ILE C 222 -8.49 20.38 -20.09
N LEU C 223 -9.42 19.42 -20.17
CA LEU C 223 -10.77 19.63 -19.66
C LEU C 223 -10.83 19.76 -18.14
N GLN C 224 -9.83 19.25 -17.41
CA GLN C 224 -9.85 19.30 -15.96
C GLN C 224 -9.20 20.56 -15.37
N THR C 225 -8.10 21.04 -15.96
CA THR C 225 -7.35 22.14 -15.38
C THR C 225 -7.16 23.30 -16.34
N TYR C 226 -6.91 23.02 -17.62
CA TYR C 226 -6.50 24.12 -18.49
C TYR C 226 -7.71 24.94 -18.91
N MET C 227 -8.86 24.29 -19.16
CA MET C 227 -10.07 25.03 -19.50
C MET C 227 -10.59 25.89 -18.35
N PRO C 228 -10.68 25.43 -17.06
CA PRO C 228 -11.16 26.35 -16.01
C PRO C 228 -10.30 27.60 -15.85
N SER C 229 -8.97 27.48 -15.92
CA SER C 229 -8.11 28.65 -15.75
C SER C 229 -8.27 29.65 -16.89
N ILE C 230 -8.36 29.16 -18.14
CA ILE C 230 -8.63 30.04 -19.28
C ILE C 230 -9.99 30.70 -19.12
N LEU C 231 -10.97 29.97 -18.61
CA LEU C 231 -12.30 30.54 -18.42
C LEU C 231 -12.31 31.61 -17.32
N ILE C 232 -11.57 31.39 -16.24
CA ILE C 232 -11.47 32.40 -15.19
C ILE C 232 -10.73 33.65 -15.71
N THR C 233 -9.70 33.46 -16.54
CA THR C 233 -9.02 34.64 -17.11
C THR C 233 -9.89 35.39 -18.10
N ILE C 234 -10.72 34.69 -18.86
CA ILE C 234 -11.72 35.36 -19.71
C ILE C 234 -12.72 36.10 -18.83
N LEU C 235 -13.14 35.45 -17.73
CA LEU C 235 -14.07 36.05 -16.79
C LEU C 235 -13.50 37.33 -16.20
N SER C 236 -12.20 37.36 -15.92
CA SER C 236 -11.53 38.53 -15.35
C SER C 236 -11.39 39.68 -16.35
N TRP C 237 -11.92 39.56 -17.56
CA TRP C 237 -11.88 40.58 -18.58
C TRP C 237 -13.17 41.37 -18.63
N VAL C 238 -14.22 40.86 -17.99
CA VAL C 238 -15.49 41.56 -17.87
C VAL C 238 -15.36 42.74 -16.89
N SER C 239 -14.20 42.88 -16.24
CA SER C 239 -13.96 44.01 -15.38
C SER C 239 -13.77 45.31 -16.15
N PHE C 240 -13.39 45.21 -17.43
CA PHE C 240 -13.23 46.42 -18.23
C PHE C 240 -14.55 46.88 -18.83
N TRP C 241 -15.44 45.94 -19.17
CA TRP C 241 -16.75 46.29 -19.72
C TRP C 241 -17.62 47.00 -18.69
N ILE C 242 -17.41 46.74 -17.40
CA ILE C 242 -18.11 47.51 -16.37
C ILE C 242 -17.51 48.90 -16.36
N ASN C 243 -18.36 49.92 -16.20
CA ASN C 243 -17.90 51.30 -16.19
C ASN C 243 -17.01 51.55 -14.99
N TYR C 244 -16.02 52.44 -15.19
CA TYR C 244 -15.06 52.77 -14.14
C TYR C 244 -15.64 53.60 -13.00
N ASP C 245 -16.93 53.97 -13.04
CA ASP C 245 -17.52 54.67 -11.90
C ASP C 245 -17.95 53.67 -10.83
N ALA C 246 -18.70 52.63 -11.23
CA ALA C 246 -19.11 51.56 -10.34
C ALA C 246 -17.86 50.79 -9.92
N SER C 247 -17.48 50.94 -8.65
CA SER C 247 -16.25 50.35 -8.16
C SER C 247 -16.46 48.98 -7.54
N ALA C 248 -17.53 48.81 -6.74
CA ALA C 248 -17.79 47.59 -5.99
C ALA C 248 -17.90 46.37 -6.90
N ALA C 249 -18.56 46.54 -8.05
CA ALA C 249 -18.74 45.45 -9.00
C ALA C 249 -17.40 44.96 -9.53
N ARG C 250 -16.54 45.89 -9.95
CA ARG C 250 -15.23 45.53 -10.51
C ARG C 250 -14.33 44.92 -9.45
N VAL C 251 -14.39 45.43 -8.20
CA VAL C 251 -13.59 44.86 -7.12
C VAL C 251 -14.02 43.44 -6.82
N ALA C 252 -15.34 43.23 -6.64
CA ALA C 252 -15.87 41.89 -6.41
C ALA C 252 -15.49 40.93 -7.51
N LEU C 253 -15.63 41.36 -8.76
CA LEU C 253 -15.31 40.52 -9.92
C LEU C 253 -13.83 40.14 -9.94
N GLY C 254 -12.94 41.15 -9.89
CA GLY C 254 -11.51 40.88 -9.96
C GLY C 254 -10.98 40.07 -8.80
N ILE C 255 -11.37 40.42 -7.57
CA ILE C 255 -10.92 39.68 -6.40
C ILE C 255 -11.45 38.25 -6.42
N THR C 256 -12.69 38.04 -6.90
CA THR C 256 -13.22 36.68 -6.98
C THR C 256 -12.49 35.87 -8.04
N THR C 257 -12.06 36.49 -9.14
CA THR C 257 -11.24 35.75 -10.11
C THR C 257 -9.90 35.38 -9.50
N VAL C 258 -9.28 36.29 -8.74
CA VAL C 258 -8.01 35.99 -8.07
C VAL C 258 -8.22 34.86 -7.04
N LEU C 259 -9.33 34.93 -6.30
CA LEU C 259 -9.66 33.91 -5.30
C LEU C 259 -9.94 32.56 -5.95
N THR C 260 -10.64 32.56 -7.09
CA THR C 260 -10.90 31.34 -7.82
C THR C 260 -9.61 30.74 -8.36
N MET C 261 -8.69 31.60 -8.80
CA MET C 261 -7.38 31.15 -9.27
C MET C 261 -6.61 30.50 -8.13
N THR C 262 -6.64 31.11 -6.94
CA THR C 262 -5.98 30.51 -5.77
C THR C 262 -6.60 29.17 -5.41
N THR C 263 -7.94 29.09 -5.43
CA THR C 263 -8.64 27.85 -5.12
C THR C 263 -8.27 26.75 -6.13
N ILE C 264 -8.25 27.09 -7.42
CA ILE C 264 -7.84 26.17 -8.48
C ILE C 264 -6.41 25.70 -8.27
N ASN C 265 -5.51 26.63 -7.95
CA ASN C 265 -4.10 26.30 -7.78
C ASN C 265 -3.90 25.36 -6.58
N THR C 266 -4.47 25.69 -5.42
CA THR C 266 -4.33 24.84 -4.24
C THR C 266 -5.02 23.48 -4.39
N HIS C 267 -6.15 23.43 -5.08
CA HIS C 267 -6.88 22.17 -5.22
C HIS C 267 -6.26 21.21 -6.23
N LEU C 268 -5.57 21.71 -7.24
CA LEU C 268 -4.97 20.85 -8.27
C LEU C 268 -3.46 20.73 -8.14
N ARG C 269 -2.90 21.08 -6.98
CA ARG C 269 -1.46 20.96 -6.77
C ARG C 269 -1.05 19.76 -5.93
N GLU C 270 -1.94 19.26 -5.06
CA GLU C 270 -1.52 18.26 -4.08
C GLU C 270 -1.52 16.84 -4.63
N THR C 271 -1.74 16.67 -5.93
CA THR C 271 -1.81 15.36 -6.55
C THR C 271 -0.49 15.00 -7.22
N LEU C 272 0.56 15.73 -6.92
CA LEU C 272 1.90 15.54 -7.45
C LEU C 272 2.91 15.52 -6.31
N PRO C 273 4.15 15.09 -6.57
CA PRO C 273 5.20 15.24 -5.56
C PRO C 273 5.62 16.70 -5.40
N LYS C 274 6.42 16.92 -4.35
CA LYS C 274 6.88 18.25 -3.99
C LYS C 274 8.19 18.53 -4.74
N ILE C 275 8.05 18.70 -6.05
CA ILE C 275 9.18 18.90 -6.94
C ILE C 275 9.52 20.38 -7.05
N PRO C 276 10.82 20.72 -7.01
CA PRO C 276 11.20 22.15 -6.97
C PRO C 276 10.99 22.89 -8.26
N TYR C 277 11.30 22.26 -9.40
CA TYR C 277 11.25 22.92 -10.69
C TYR C 277 9.82 23.30 -11.05
N VAL C 278 9.69 24.23 -11.99
CA VAL C 278 8.40 24.73 -12.40
C VAL C 278 7.92 23.85 -13.54
N LYS C 279 6.77 23.22 -13.34
CA LYS C 279 6.16 22.37 -14.36
C LYS C 279 5.51 23.24 -15.42
N ALA C 280 4.95 22.60 -16.43
CA ALA C 280 4.25 23.37 -17.46
C ALA C 280 2.91 23.83 -16.91
N ILE C 281 2.22 22.97 -16.17
CA ILE C 281 0.95 23.32 -15.59
C ILE C 281 1.11 24.38 -14.51
N ASP C 282 2.21 24.36 -13.74
CA ASP C 282 2.49 25.41 -12.78
C ASP C 282 2.80 26.73 -13.46
N MET C 283 3.53 26.67 -14.57
CA MET C 283 3.79 27.86 -15.37
C MET C 283 2.49 28.45 -15.90
N TYR C 284 1.59 27.61 -16.40
CA TYR C 284 0.30 28.10 -16.91
C TYR C 284 -0.54 28.71 -15.81
N LEU C 285 -0.60 28.06 -14.63
CA LEU C 285 -1.38 28.60 -13.52
C LEU C 285 -0.80 29.92 -13.02
N MET C 286 0.53 30.02 -12.94
CA MET C 286 1.16 31.27 -12.54
C MET C 286 0.96 32.35 -13.60
N GLY C 287 0.93 31.96 -14.87
CA GLY C 287 0.61 32.91 -15.93
C GLY C 287 -0.80 33.46 -15.82
N CYS C 288 -1.76 32.56 -15.59
CA CYS C 288 -3.15 32.97 -15.39
C CYS C 288 -3.27 33.87 -14.15
N PHE C 289 -2.54 33.54 -13.09
CA PHE C 289 -2.58 34.34 -11.87
C PHE C 289 -1.99 35.73 -12.09
N VAL C 290 -0.82 35.84 -12.75
CA VAL C 290 -0.24 37.15 -13.01
C VAL C 290 -1.14 37.95 -13.95
N PHE C 291 -1.82 37.30 -14.90
CA PHE C 291 -2.74 38.02 -15.78
C PHE C 291 -3.91 38.62 -15.01
N VAL C 292 -4.59 37.82 -14.18
CA VAL C 292 -5.71 38.36 -13.41
C VAL C 292 -5.21 39.37 -12.36
N PHE C 293 -4.01 39.16 -11.82
CA PHE C 293 -3.41 40.07 -10.85
C PHE C 293 -3.13 41.43 -11.48
N MET C 294 -2.50 41.46 -12.66
CA MET C 294 -2.25 42.72 -13.34
C MET C 294 -3.55 43.36 -13.81
N ALA C 295 -4.57 42.55 -14.13
CA ALA C 295 -5.88 43.12 -14.45
C ALA C 295 -6.47 43.88 -13.27
N LEU C 296 -6.40 43.28 -12.07
CA LEU C 296 -6.90 43.96 -10.87
C LEU C 296 -6.08 45.19 -10.54
N LEU C 297 -4.75 45.10 -10.69
CA LEU C 297 -3.89 46.27 -10.48
C LEU C 297 -4.18 47.36 -11.51
N GLU C 298 -4.49 46.97 -12.75
CA GLU C 298 -4.88 47.93 -13.79
C GLU C 298 -6.16 48.64 -13.40
N TYR C 299 -7.11 47.89 -12.84
CA TYR C 299 -8.34 48.51 -12.34
C TYR C 299 -8.02 49.51 -11.23
N ALA C 300 -7.11 49.12 -10.31
CA ALA C 300 -6.71 50.00 -9.22
C ALA C 300 -6.09 51.29 -9.76
N LEU C 301 -5.28 51.16 -10.81
CA LEU C 301 -4.66 52.33 -11.44
C LEU C 301 -5.72 53.20 -12.12
N VAL C 302 -6.72 52.57 -12.75
CA VAL C 302 -7.83 53.30 -13.36
C VAL C 302 -8.62 54.06 -12.29
N ASN C 303 -8.84 53.43 -11.14
CA ASN C 303 -9.56 54.07 -10.05
C ASN C 303 -8.75 55.16 -9.37
N TYR C 304 -7.42 55.08 -9.45
CA TYR C 304 -6.57 56.06 -8.78
C TYR C 304 -6.65 57.41 -9.48
N ILE C 305 -6.75 57.41 -10.81
CA ILE C 305 -6.77 58.66 -11.55
C ILE C 305 -8.14 58.83 -12.18
N PHE C 306 -9.17 58.28 -11.55
CA PHE C 306 -10.53 58.45 -12.05
C PHE C 306 -11.12 59.77 -11.59
N PHE C 307 -10.79 60.19 -10.35
CA PHE C 307 -11.32 61.43 -9.79
C PHE C 307 -10.76 62.65 -10.49
N SER C 308 -9.55 62.54 -11.06
CA SER C 308 -8.85 63.68 -11.63
C SER C 308 -9.21 63.88 -13.10
N GLN C 309 -9.01 62.85 -13.93
CA GLN C 309 -9.40 62.96 -15.35
C GLN C 309 -10.10 61.66 -15.77
N PRO C 310 -11.25 61.76 -16.41
CA PRO C 310 -11.91 60.53 -16.90
C PRO C 310 -11.44 60.11 -18.28
N ALA C 311 -10.78 61.02 -18.98
CA ALA C 311 -10.29 60.75 -20.33
C ALA C 311 -9.22 59.67 -20.34
N ARG C 312 -8.19 59.83 -19.50
CA ARG C 312 -7.14 58.82 -19.38
C ARG C 312 -7.68 57.50 -18.85
N ALA C 313 -8.68 57.55 -17.94
CA ALA C 313 -9.28 56.34 -17.41
C ALA C 313 -9.99 55.56 -18.52
N ALA C 314 -10.82 56.25 -19.31
CA ALA C 314 -11.50 55.62 -20.44
C ALA C 314 -10.50 55.10 -21.46
N ALA C 315 -9.40 55.84 -21.67
CA ALA C 315 -8.36 55.42 -22.59
C ALA C 315 -7.70 54.13 -22.13
N ILE C 316 -7.36 54.02 -20.84
CA ILE C 316 -6.76 52.80 -20.31
C ILE C 316 -7.75 51.64 -20.38
N ASP C 317 -9.04 51.91 -20.16
CA ASP C 317 -10.06 50.86 -20.26
C ASP C 317 -10.19 50.33 -21.69
N ARG C 318 -10.28 51.22 -22.68
CA ARG C 318 -10.38 50.77 -24.06
C ARG C 318 -9.08 50.18 -24.57
N TRP C 319 -7.94 50.54 -23.96
CA TRP C 319 -6.67 49.92 -24.30
C TRP C 319 -6.60 48.52 -23.72
N SER C 320 -7.10 48.34 -22.50
CA SER C 320 -7.13 47.03 -21.87
C SER C 320 -8.05 46.08 -22.62
N ARG C 321 -9.25 46.55 -23.00
CA ARG C 321 -10.23 45.75 -23.73
C ARG C 321 -9.73 45.22 -25.07
N ILE C 322 -8.68 45.82 -25.64
CA ILE C 322 -8.14 45.39 -26.91
C ILE C 322 -6.81 44.67 -26.72
N PHE C 323 -6.01 45.08 -25.73
CA PHE C 323 -4.66 44.54 -25.60
C PHE C 323 -4.53 43.42 -24.57
N PHE C 324 -5.55 43.16 -23.75
CA PHE C 324 -5.41 42.03 -22.85
C PHE C 324 -5.71 40.68 -23.53
N PRO C 325 -6.83 40.48 -24.27
CA PRO C 325 -7.01 39.17 -24.93
C PRO C 325 -5.96 38.84 -25.98
N VAL C 326 -5.44 39.82 -26.71
CA VAL C 326 -4.42 39.51 -27.72
C VAL C 326 -3.12 39.07 -27.06
N VAL C 327 -2.67 39.77 -26.01
CA VAL C 327 -1.44 39.38 -25.31
C VAL C 327 -1.63 38.04 -24.60
N PHE C 328 -2.82 37.81 -24.04
CA PHE C 328 -3.12 36.51 -23.43
C PHE C 328 -3.07 35.38 -24.45
N SER C 329 -3.68 35.60 -25.62
CA SER C 329 -3.65 34.60 -26.68
C SER C 329 -2.25 34.40 -27.23
N PHE C 330 -1.45 35.47 -27.26
CA PHE C 330 -0.05 35.38 -27.67
C PHE C 330 0.73 34.51 -26.70
N PHE C 331 0.55 34.74 -25.40
CA PHE C 331 1.16 33.89 -24.38
C PHE C 331 0.67 32.46 -24.50
N ASN C 332 -0.62 32.28 -24.76
CA ASN C 332 -1.22 30.96 -24.88
C ASN C 332 -0.64 30.18 -26.06
N ILE C 333 -0.47 30.84 -27.22
CA ILE C 333 0.09 30.16 -28.38
C ILE C 333 1.58 29.89 -28.18
N VAL C 334 2.33 30.84 -27.58
CA VAL C 334 3.73 30.61 -27.25
C VAL C 334 3.85 29.39 -26.33
N TYR C 335 2.93 29.26 -25.37
CA TYR C 335 2.91 28.12 -24.47
C TYR C 335 2.62 26.82 -25.23
N TRP C 336 1.54 26.79 -26.03
CA TRP C 336 1.17 25.56 -26.72
C TRP C 336 2.04 25.26 -27.93
N LEU C 337 2.98 26.15 -28.29
CA LEU C 337 3.97 25.84 -29.30
C LEU C 337 5.33 25.50 -28.71
N TYR C 338 5.62 25.98 -27.48
CA TYR C 338 6.89 25.64 -26.87
C TYR C 338 6.83 24.28 -26.18
N TYR C 339 5.66 23.87 -25.69
CA TYR C 339 5.55 22.64 -24.92
C TYR C 339 5.00 21.50 -25.76
N VAL C 340 5.20 21.54 -27.08
CA VAL C 340 4.80 20.46 -27.97
C VAL C 340 5.93 20.17 -28.94
N ASP D 10 31.90 -36.16 -15.39
CA ASP D 10 31.13 -35.91 -14.17
C ASP D 10 31.92 -34.93 -13.31
N ASN D 11 31.92 -33.66 -13.69
CA ASN D 11 32.61 -32.61 -12.95
C ASN D 11 31.68 -31.92 -11.95
N THR D 12 30.52 -32.52 -11.69
CA THR D 12 29.58 -31.99 -10.70
C THR D 12 29.62 -32.73 -9.37
N THR D 13 30.14 -33.95 -9.36
CA THR D 13 30.19 -34.73 -8.12
C THR D 13 31.31 -34.24 -7.20
N VAL D 14 32.42 -33.78 -7.79
CA VAL D 14 33.56 -33.30 -7.02
C VAL D 14 33.19 -32.07 -6.20
N PHE D 15 32.48 -31.11 -6.81
CA PHE D 15 32.08 -29.90 -6.09
C PHE D 15 31.02 -30.22 -5.04
N THR D 16 30.17 -31.22 -5.30
CA THR D 16 29.23 -31.69 -4.31
C THR D 16 29.95 -32.28 -3.10
N ARG D 17 31.00 -33.08 -3.35
CA ARG D 17 31.80 -33.64 -2.26
C ARG D 17 32.53 -32.56 -1.48
N ILE D 18 33.01 -31.52 -2.18
CA ILE D 18 33.64 -30.37 -1.51
C ILE D 18 32.63 -29.68 -0.58
N LEU D 19 31.45 -29.36 -1.11
CA LEU D 19 30.43 -28.67 -0.32
C LEU D 19 29.92 -29.53 0.83
N ASP D 20 29.94 -30.86 0.66
CA ASP D 20 29.50 -31.74 1.73
C ASP D 20 30.58 -31.93 2.78
N ARG D 21 31.86 -31.84 2.40
CA ARG D 21 32.92 -31.91 3.40
C ARG D 21 33.03 -30.61 4.17
N LEU D 22 32.69 -29.48 3.54
CA LEU D 22 32.67 -28.20 4.25
C LEU D 22 31.60 -28.17 5.33
N LEU D 23 30.48 -28.84 5.08
CA LEU D 23 29.34 -28.82 5.97
C LEU D 23 29.26 -30.05 6.86
N ASP D 24 30.31 -30.87 6.89
CA ASP D 24 30.32 -32.07 7.71
C ASP D 24 30.86 -31.72 9.09
N GLY D 25 29.98 -31.67 10.07
CA GLY D 25 30.40 -31.27 11.40
C GLY D 25 30.49 -29.78 11.58
N TYR D 26 29.80 -29.01 10.75
CA TYR D 26 29.80 -27.55 10.85
C TYR D 26 28.64 -27.14 11.74
N ASP D 27 28.92 -26.27 12.70
CA ASP D 27 27.92 -25.80 13.65
C ASP D 27 27.72 -24.32 13.40
N ASN D 28 26.58 -23.96 12.79
CA ASN D 28 26.27 -22.58 12.44
C ASN D 28 25.73 -21.77 13.60
N ARG D 29 25.80 -22.29 14.82
CA ARG D 29 25.46 -21.59 16.03
C ARG D 29 26.68 -20.95 16.68
N LEU D 30 27.85 -21.16 16.09
CA LEU D 30 29.13 -20.71 16.64
C LEU D 30 29.83 -19.80 15.65
N ARG D 31 30.32 -18.69 16.14
CA ARG D 31 31.01 -17.76 15.28
C ARG D 31 32.43 -18.26 15.02
N PRO D 32 33.04 -17.91 13.88
CA PRO D 32 34.41 -18.38 13.59
C PRO D 32 35.42 -17.82 14.57
N GLY D 33 36.14 -18.72 15.23
CA GLY D 33 37.11 -18.30 16.21
C GLY D 33 36.51 -18.03 17.57
N LEU D 34 35.61 -18.90 18.05
CA LEU D 34 34.88 -18.61 19.28
C LEU D 34 35.79 -18.65 20.50
N GLY D 35 36.84 -19.46 20.47
CA GLY D 35 37.67 -19.62 21.64
C GLY D 35 39.05 -19.01 21.53
N GLU D 36 39.41 -18.51 20.35
CA GLU D 36 40.77 -18.01 20.15
C GLU D 36 40.85 -16.53 19.79
N ARG D 37 39.97 -16.02 18.92
CA ARG D 37 40.13 -14.66 18.41
C ARG D 37 38.77 -13.99 18.39
N VAL D 38 38.73 -12.79 17.82
CA VAL D 38 37.52 -12.00 17.72
C VAL D 38 37.10 -12.02 16.26
N THR D 39 35.84 -12.34 16.00
CA THR D 39 35.35 -12.35 14.62
C THR D 39 35.31 -10.92 14.11
N GLU D 40 35.97 -10.68 12.99
CA GLU D 40 36.08 -9.33 12.45
C GLU D 40 35.38 -9.34 11.12
N VAL D 41 34.30 -8.57 11.02
CA VAL D 41 33.45 -8.55 9.85
C VAL D 41 33.74 -7.25 9.12
N LYS D 42 34.02 -7.34 7.84
CA LYS D 42 34.26 -6.15 7.05
C LYS D 42 32.99 -5.86 6.27
N THR D 43 32.49 -4.64 6.41
CA THR D 43 31.19 -4.30 5.90
C THR D 43 31.34 -3.33 4.75
N ASP D 44 30.33 -3.32 3.89
CA ASP D 44 30.34 -2.49 2.71
C ASP D 44 28.91 -2.22 2.33
N ILE D 45 28.67 -1.02 1.82
CA ILE D 45 27.34 -0.59 1.44
C ILE D 45 27.46 0.05 0.07
N PHE D 46 26.67 -0.45 -0.87
CA PHE D 46 26.53 0.18 -2.17
C PHE D 46 25.08 0.63 -2.27
N VAL D 47 24.86 1.93 -2.23
CA VAL D 47 23.50 2.45 -2.29
C VAL D 47 23.10 2.47 -3.75
N THR D 48 22.17 1.61 -4.13
CA THR D 48 21.74 1.55 -5.51
C THR D 48 20.71 2.62 -5.79
N SER D 49 20.04 3.09 -4.76
CA SER D 49 19.06 4.16 -4.89
C SER D 49 18.77 4.72 -3.51
N PHE D 50 18.94 6.02 -3.34
CA PHE D 50 18.59 6.70 -2.10
C PHE D 50 17.13 7.09 -2.22
N GLY D 51 16.25 6.35 -1.51
CA GLY D 51 14.84 6.48 -1.69
C GLY D 51 14.30 7.79 -1.16
N PRO D 52 12.98 7.93 -1.19
CA PRO D 52 12.38 9.20 -0.77
C PRO D 52 12.45 9.38 0.73
N VAL D 53 12.51 10.64 1.14
CA VAL D 53 12.58 11.00 2.55
C VAL D 53 11.18 11.40 2.98
N SER D 54 10.60 10.65 3.90
CA SER D 54 9.27 10.91 4.41
C SER D 54 9.39 11.85 5.60
N ASP D 55 9.05 13.12 5.39
CA ASP D 55 9.15 14.11 6.45
C ASP D 55 8.03 13.94 7.47
N HIS D 56 6.86 13.46 7.02
CA HIS D 56 5.73 13.28 7.92
C HIS D 56 5.96 12.15 8.92
N ASP D 57 6.85 11.22 8.62
CA ASP D 57 7.15 10.12 9.51
C ASP D 57 8.53 10.22 10.13
N MET D 58 9.32 11.23 9.76
CA MET D 58 10.71 11.42 10.18
C MET D 58 11.52 10.17 9.90
N GLU D 59 11.57 9.85 8.61
CA GLU D 59 12.21 8.63 8.16
C GLU D 59 12.60 8.80 6.71
N TYR D 60 13.43 7.89 6.24
CA TYR D 60 13.85 7.88 4.86
C TYR D 60 13.98 6.43 4.43
N THR D 61 14.06 6.23 3.12
CA THR D 61 14.15 4.91 2.55
C THR D 61 15.48 4.85 1.81
N ILE D 62 16.06 3.66 1.75
CA ILE D 62 17.33 3.50 1.07
C ILE D 62 17.45 2.06 0.58
N ASP D 63 17.76 1.90 -0.70
CA ASP D 63 17.90 0.61 -1.33
C ASP D 63 19.39 0.35 -1.50
N VAL D 64 19.88 -0.76 -0.95
CA VAL D 64 21.31 -0.98 -0.84
C VAL D 64 21.65 -2.40 -1.22
N PHE D 65 22.89 -2.58 -1.71
CA PHE D 65 23.56 -3.85 -1.61
C PHE D 65 24.39 -3.78 -0.34
N PHE D 66 24.07 -4.66 0.60
CA PHE D 66 24.74 -4.66 1.89
C PHE D 66 25.69 -5.84 1.89
N ARG D 67 26.98 -5.56 1.97
CA ARG D 67 28.01 -6.56 1.82
C ARG D 67 28.74 -6.74 3.13
N GLN D 68 28.97 -7.98 3.49
CA GLN D 68 29.75 -8.30 4.66
C GLN D 68 30.79 -9.33 4.27
N SER D 69 31.90 -9.32 4.99
CA SER D 69 32.96 -10.26 4.70
C SER D 69 33.70 -10.55 5.99
N TRP D 70 33.97 -11.83 6.22
CA TRP D 70 34.71 -12.25 7.38
C TRP D 70 35.54 -13.46 6.96
N LYS D 71 36.22 -14.08 7.91
CA LYS D 71 37.11 -15.19 7.60
C LYS D 71 36.71 -16.34 8.51
N ASP D 72 36.35 -17.47 7.90
CA ASP D 72 35.93 -18.66 8.62
C ASP D 72 36.86 -19.81 8.26
N GLU D 73 37.69 -20.22 9.21
CA GLU D 73 38.69 -21.26 8.99
C GLU D 73 38.09 -22.65 8.88
N ARG D 74 36.77 -22.80 9.05
CA ARG D 74 36.10 -24.07 8.90
C ARG D 74 35.60 -24.32 7.49
N LEU D 75 35.71 -23.32 6.62
CA LEU D 75 35.23 -23.39 5.25
C LEU D 75 36.40 -23.31 4.27
N LYS D 76 37.51 -23.93 4.64
CA LYS D 76 38.64 -24.07 3.73
C LYS D 76 38.41 -25.23 2.79
N PHE D 77 38.83 -25.07 1.55
CA PHE D 77 38.71 -26.14 0.57
C PHE D 77 39.89 -26.07 -0.37
N LYS D 78 39.99 -27.07 -1.24
CA LYS D 78 41.00 -27.12 -2.27
C LYS D 78 40.38 -27.85 -3.45
N GLY D 79 40.04 -27.09 -4.49
CA GLY D 79 39.46 -27.66 -5.68
C GLY D 79 39.98 -26.96 -6.90
N PRO D 80 39.45 -27.31 -8.08
CA PRO D 80 39.87 -26.62 -9.31
C PRO D 80 39.52 -25.14 -9.32
N MET D 81 38.42 -24.77 -8.68
CA MET D 81 38.04 -23.37 -8.58
C MET D 81 38.62 -22.78 -7.30
N THR D 82 38.96 -21.50 -7.36
CA THR D 82 39.53 -20.80 -6.21
C THR D 82 38.49 -20.02 -5.42
N VAL D 83 37.32 -19.80 -6.00
CA VAL D 83 36.21 -19.10 -5.35
C VAL D 83 34.94 -19.84 -5.72
N LEU D 84 34.14 -20.21 -4.73
CA LEU D 84 32.85 -20.84 -4.96
C LEU D 84 31.80 -19.75 -4.89
N ARG D 85 31.17 -19.47 -6.02
CA ARG D 85 30.08 -18.49 -6.06
C ARG D 85 28.79 -19.29 -5.92
N LEU D 86 28.38 -19.48 -4.67
CA LEU D 86 27.35 -20.42 -4.32
C LEU D 86 25.98 -19.75 -4.36
N ASN D 87 24.97 -20.45 -3.85
CA ASN D 87 23.59 -19.99 -3.90
C ASN D 87 23.26 -19.18 -2.66
N ASN D 88 22.01 -18.73 -2.58
CA ASN D 88 21.51 -18.04 -1.41
C ASN D 88 20.89 -18.99 -0.40
N LEU D 89 20.96 -20.30 -0.63
CA LEU D 89 20.50 -21.30 0.33
C LEU D 89 21.65 -22.03 1.00
N MET D 90 22.89 -21.71 0.65
CA MET D 90 24.04 -22.19 1.40
C MET D 90 24.36 -21.30 2.59
N ALA D 91 23.98 -20.03 2.52
CA ALA D 91 24.23 -19.08 3.59
C ALA D 91 23.37 -19.33 4.82
N SER D 92 22.35 -20.18 4.72
CA SER D 92 21.54 -20.54 5.88
C SER D 92 22.08 -21.74 6.62
N LYS D 93 22.98 -22.49 6.01
CA LYS D 93 23.58 -23.66 6.65
C LYS D 93 24.85 -23.30 7.39
N ILE D 94 25.35 -22.08 7.22
CA ILE D 94 26.61 -21.66 7.82
C ILE D 94 26.36 -20.44 8.69
N TRP D 95 27.39 -20.03 9.40
CA TRP D 95 27.29 -18.88 10.28
C TRP D 95 27.41 -17.62 9.45
N THR D 96 26.53 -16.67 9.71
CA THR D 96 26.52 -15.36 9.09
C THR D 96 26.32 -14.36 10.23
N PRO D 97 26.91 -13.17 10.13
CA PRO D 97 26.76 -12.21 11.21
C PRO D 97 25.35 -11.69 11.28
N ASP D 98 24.92 -11.41 12.50
CA ASP D 98 23.56 -10.96 12.74
C ASP D 98 23.52 -9.45 12.92
N THR D 99 23.73 -8.79 11.78
CA THR D 99 23.67 -7.34 11.70
C THR D 99 22.23 -6.88 11.71
N PHE D 100 21.96 -5.84 12.50
CA PHE D 100 20.65 -5.21 12.49
C PHE D 100 20.86 -3.72 12.46
N PHE D 101 19.85 -2.99 11.99
CA PHE D 101 19.95 -1.55 11.89
C PHE D 101 19.35 -0.93 13.15
N HIS D 102 20.17 -0.16 13.87
CA HIS D 102 19.79 0.40 15.16
C HIS D 102 18.63 1.38 15.04
N ASN D 103 18.50 2.03 13.89
CA ASN D 103 17.45 3.02 13.69
C ASN D 103 16.55 2.63 12.53
N GLY D 104 16.59 1.37 12.11
CA GLY D 104 15.70 0.92 11.05
C GLY D 104 14.31 0.70 11.60
N LYS D 105 13.31 1.13 10.82
CA LYS D 105 11.92 1.05 11.26
C LYS D 105 11.24 -0.20 10.73
N LYS D 106 11.15 -0.34 9.42
CA LYS D 106 10.50 -1.51 8.81
C LYS D 106 11.23 -1.75 7.49
N SER D 107 12.23 -2.61 7.55
CA SER D 107 13.04 -2.91 6.38
C SER D 107 12.54 -4.19 5.74
N VAL D 108 12.88 -4.35 4.47
CA VAL D 108 12.51 -5.54 3.71
C VAL D 108 13.78 -6.11 3.12
N ALA D 109 13.79 -7.43 2.94
CA ALA D 109 14.87 -8.14 2.26
C ALA D 109 14.22 -8.77 1.06
N HIS D 110 14.68 -8.40 -0.13
CA HIS D 110 14.00 -8.79 -1.34
C HIS D 110 14.14 -10.28 -1.60
N ASN D 111 13.07 -10.86 -2.13
CA ASN D 111 12.94 -12.31 -2.32
C ASN D 111 12.47 -12.61 -3.73
N MET D 112 12.75 -11.73 -4.67
CA MET D 112 12.26 -11.81 -6.03
C MET D 112 13.44 -11.83 -6.98
N THR D 113 13.55 -12.87 -7.82
CA THR D 113 12.67 -14.04 -7.89
C THR D 113 13.08 -15.10 -6.89
N MET D 114 14.37 -15.15 -6.64
CA MET D 114 15.03 -15.92 -5.60
C MET D 114 15.48 -14.94 -4.51
N PRO D 115 15.81 -15.43 -3.30
CA PRO D 115 16.35 -14.52 -2.28
C PRO D 115 17.59 -13.78 -2.77
N ASN D 116 17.50 -12.46 -2.77
CA ASN D 116 18.59 -11.62 -3.31
C ASN D 116 19.71 -11.60 -2.28
N LYS D 117 20.46 -12.69 -2.29
CA LYS D 117 21.60 -12.89 -1.41
C LYS D 117 22.71 -13.48 -2.26
N LEU D 118 23.92 -13.38 -1.74
CA LEU D 118 25.11 -13.73 -2.50
C LEU D 118 26.11 -14.29 -1.50
N LEU D 119 26.65 -15.46 -1.78
CA LEU D 119 27.65 -16.05 -0.91
C LEU D 119 28.81 -16.51 -1.77
N ARG D 120 30.01 -16.07 -1.41
CA ARG D 120 31.21 -16.50 -2.10
C ARG D 120 32.22 -16.97 -1.06
N ILE D 121 32.79 -18.15 -1.30
CA ILE D 121 33.78 -18.73 -0.39
C ILE D 121 35.07 -18.86 -1.16
N THR D 122 36.13 -18.24 -0.65
CA THR D 122 37.45 -18.32 -1.26
C THR D 122 38.19 -19.48 -0.60
N GLU D 123 39.18 -20.03 -1.31
CA GLU D 123 39.87 -21.25 -0.91
C GLU D 123 40.58 -21.12 0.45
N ASP D 124 41.01 -19.92 0.83
CA ASP D 124 41.74 -19.76 2.07
C ASP D 124 40.83 -19.57 3.28
N GLY D 125 39.52 -19.48 3.05
CA GLY D 125 38.54 -19.43 4.12
C GLY D 125 37.77 -18.14 4.27
N THR D 126 38.06 -17.11 3.48
CA THR D 126 37.31 -15.87 3.62
C THR D 126 35.98 -15.99 2.88
N LEU D 127 34.94 -15.43 3.47
CA LEU D 127 33.59 -15.47 2.95
C LEU D 127 33.10 -14.08 2.62
N LEU D 128 32.52 -13.91 1.44
CA LEU D 128 31.85 -12.68 1.08
C LEU D 128 30.36 -12.96 1.02
N TYR D 129 29.59 -12.15 1.73
CA TYR D 129 28.16 -12.35 1.89
C TYR D 129 27.48 -11.02 1.63
N THR D 130 26.64 -10.99 0.60
CA THR D 130 26.01 -9.78 0.15
C THR D 130 24.50 -9.98 0.18
N MET D 131 23.77 -8.96 0.58
CA MET D 131 22.32 -8.98 0.58
C MET D 131 21.86 -7.73 -0.16
N ARG D 132 20.67 -7.80 -0.72
CA ARG D 132 20.04 -6.64 -1.30
C ARG D 132 18.77 -6.43 -0.51
N LEU D 133 18.62 -5.24 0.04
CA LEU D 133 17.52 -5.01 0.95
C LEU D 133 17.23 -3.52 0.96
N THR D 134 16.03 -3.20 1.40
CA THR D 134 15.53 -1.83 1.42
C THR D 134 15.41 -1.45 2.89
N VAL D 135 16.27 -0.57 3.33
CA VAL D 135 16.21 -0.13 4.71
C VAL D 135 15.26 1.05 4.75
N ARG D 136 14.39 1.07 5.75
CA ARG D 136 13.53 2.19 6.03
C ARG D 136 13.99 2.60 7.42
N ALA D 137 14.82 3.63 7.46
CA ALA D 137 15.52 4.01 8.69
C ALA D 137 14.90 5.29 9.22
N GLU D 138 15.23 5.60 10.45
CA GLU D 138 14.65 6.73 11.15
C GLU D 138 15.63 7.88 11.16
N CYS D 139 15.15 9.07 10.79
CA CYS D 139 15.97 10.26 10.67
C CYS D 139 15.32 11.34 11.52
N PRO D 140 15.85 11.61 12.71
CA PRO D 140 15.27 12.67 13.53
C PRO D 140 15.64 14.02 12.96
N MET D 141 14.63 14.84 12.71
CA MET D 141 14.83 16.12 12.05
C MET D 141 14.46 17.25 12.99
N HIS D 142 15.20 18.33 12.86
CA HIS D 142 14.92 19.55 13.60
C HIS D 142 14.43 20.54 12.55
N LEU D 143 13.11 20.64 12.42
CA LEU D 143 12.51 21.46 11.38
C LEU D 143 12.29 22.89 11.87
N GLU D 144 13.31 23.51 12.42
CA GLU D 144 13.18 24.88 12.88
C GLU D 144 13.40 25.87 11.74
N ASP D 145 14.18 25.49 10.74
CA ASP D 145 14.50 26.34 9.60
C ASP D 145 13.78 25.88 8.33
N PHE D 146 12.69 25.12 8.48
CA PHE D 146 11.90 24.65 7.35
C PHE D 146 11.36 25.84 6.54
N PRO D 147 11.43 25.80 5.20
CA PRO D 147 11.97 24.74 4.34
C PRO D 147 13.37 25.05 3.82
N MET D 148 14.21 25.62 4.66
CA MET D 148 15.58 25.99 4.32
C MET D 148 16.53 25.29 5.27
N ASP D 149 16.27 24.02 5.50
CA ASP D 149 16.96 23.24 6.51
C ASP D 149 17.85 22.19 5.85
N ALA D 150 18.85 21.78 6.61
CA ALA D 150 19.74 20.71 6.21
C ALA D 150 19.68 19.64 7.28
N HIS D 151 19.88 18.40 6.85
CA HIS D 151 19.77 17.25 7.74
C HIS D 151 20.95 16.34 7.50
N ALA D 152 21.14 15.44 8.45
CA ALA D 152 22.15 14.38 8.36
C ALA D 152 21.42 13.13 8.80
N CYS D 153 20.93 12.37 7.85
CA CYS D 153 20.13 11.21 8.20
C CYS D 153 21.06 10.05 8.51
N PRO D 154 20.94 9.42 9.66
CA PRO D 154 21.89 8.38 10.04
C PRO D 154 21.42 7.01 9.58
N LEU D 155 22.36 6.07 9.64
CA LEU D 155 22.08 4.67 9.39
C LEU D 155 23.06 3.92 10.29
N LYS D 156 22.62 3.56 11.46
CA LYS D 156 23.47 2.87 12.41
C LYS D 156 23.19 1.39 12.31
N PHE D 157 24.24 0.60 12.15
CA PHE D 157 24.09 -0.84 12.18
C PHE D 157 25.20 -1.41 13.04
N GLY D 158 24.93 -2.54 13.62
CA GLY D 158 25.87 -3.19 14.48
C GLY D 158 25.44 -4.61 14.61
N SER D 159 25.96 -5.28 15.62
CA SER D 159 25.64 -6.68 15.83
C SER D 159 24.63 -6.82 16.95
N TYR D 160 23.58 -7.56 16.68
CA TYR D 160 22.67 -8.01 17.71
C TYR D 160 23.28 -9.30 18.21
N ALA D 161 23.27 -9.50 19.52
CA ALA D 161 23.64 -10.71 20.24
C ALA D 161 25.15 -10.92 20.34
N TYR D 162 25.98 -10.12 19.70
CA TYR D 162 27.42 -10.31 19.76
C TYR D 162 28.07 -9.02 20.24
N THR D 163 28.69 -9.08 21.42
CA THR D 163 29.30 -7.91 22.03
C THR D 163 30.61 -7.57 21.33
N ARG D 164 31.33 -6.59 21.89
CA ARG D 164 32.56 -6.13 21.25
C ARG D 164 33.68 -7.14 21.39
N ALA D 165 33.65 -7.97 22.42
CA ALA D 165 34.66 -9.00 22.60
C ALA D 165 34.41 -10.23 21.76
N GLU D 166 33.36 -10.24 20.93
CA GLU D 166 33.04 -11.38 20.09
C GLU D 166 33.06 -11.03 18.61
N VAL D 167 32.37 -9.98 18.21
CA VAL D 167 32.25 -9.59 16.81
C VAL D 167 32.48 -8.10 16.72
N VAL D 168 33.44 -7.69 15.89
CA VAL D 168 33.69 -6.29 15.63
C VAL D 168 33.50 -6.04 14.14
N TYR D 169 33.05 -4.84 13.82
CA TYR D 169 32.85 -4.45 12.45
C TYR D 169 33.88 -3.42 12.05
N GLU D 170 34.13 -3.32 10.76
CA GLU D 170 35.07 -2.37 10.20
C GLU D 170 34.71 -2.25 8.73
N TRP D 171 35.08 -1.14 8.12
CA TRP D 171 34.80 -0.94 6.72
C TRP D 171 35.84 -1.68 5.89
N THR D 172 35.39 -2.25 4.76
CA THR D 172 36.28 -3.12 3.99
C THR D 172 37.28 -2.32 3.17
N ARG D 173 36.93 -1.11 2.78
CA ARG D 173 37.83 -0.19 2.10
C ARG D 173 38.01 0.97 3.04
N GLU D 174 38.72 2.01 2.57
CA GLU D 174 38.83 3.27 3.27
C GLU D 174 37.45 3.79 3.66
N PRO D 175 37.27 4.24 4.91
CA PRO D 175 35.95 4.69 5.38
C PRO D 175 35.29 5.74 4.52
N ALA D 176 36.04 6.61 3.86
CA ALA D 176 35.42 7.58 2.96
C ALA D 176 34.91 6.92 1.68
N ARG D 177 35.40 5.72 1.38
CA ARG D 177 35.09 5.04 0.12
C ARG D 177 34.30 3.76 0.33
N SER D 178 33.77 3.52 1.52
CA SER D 178 33.08 2.26 1.76
C SER D 178 31.60 2.37 1.44
N VAL D 179 30.91 3.37 1.98
CA VAL D 179 29.53 3.58 1.57
C VAL D 179 29.56 4.37 0.27
N VAL D 180 29.06 3.75 -0.80
CA VAL D 180 29.10 4.33 -2.13
C VAL D 180 27.68 4.47 -2.62
N VAL D 181 27.29 5.68 -2.96
CA VAL D 181 25.97 5.96 -3.51
C VAL D 181 26.13 6.03 -5.03
N ALA D 182 25.22 5.39 -5.75
CA ALA D 182 25.29 5.41 -7.20
C ALA D 182 24.97 6.82 -7.74
N GLU D 183 25.30 7.04 -9.01
CA GLU D 183 25.06 8.35 -9.61
C GLU D 183 23.58 8.53 -9.89
N ASP D 184 22.98 7.62 -10.66
CA ASP D 184 21.55 7.66 -10.93
C ASP D 184 20.71 7.14 -9.78
N GLY D 185 21.32 6.85 -8.63
CA GLY D 185 20.63 6.31 -7.48
C GLY D 185 20.10 7.43 -6.61
N SER D 186 19.01 8.07 -7.05
CA SER D 186 18.42 9.15 -6.27
C SER D 186 16.94 9.23 -6.58
N ARG D 187 16.11 8.82 -5.62
CA ARG D 187 14.66 8.98 -5.70
C ARG D 187 14.20 10.17 -4.91
N LEU D 188 15.09 11.12 -4.66
CA LEU D 188 14.75 12.30 -3.88
C LEU D 188 14.05 13.30 -4.78
N ASN D 189 12.94 13.83 -4.30
CA ASN D 189 12.20 14.88 -4.98
C ASN D 189 12.27 16.21 -4.27
N GLN D 190 12.45 16.19 -2.96
CA GLN D 190 12.37 17.36 -2.12
C GLN D 190 13.71 17.76 -1.54
N TYR D 191 14.68 16.87 -1.55
CA TYR D 191 15.98 17.09 -0.94
C TYR D 191 17.07 16.97 -1.99
N ASP D 192 18.30 17.15 -1.55
CA ASP D 192 19.47 17.08 -2.41
C ASP D 192 20.58 16.40 -1.64
N LEU D 193 21.00 15.22 -2.10
CA LEU D 193 22.04 14.50 -1.40
C LEU D 193 23.36 15.21 -1.65
N LEU D 194 24.04 15.57 -0.57
CA LEU D 194 25.28 16.34 -0.66
C LEU D 194 26.52 15.49 -0.52
N GLY D 195 26.42 14.41 0.24
CA GLY D 195 27.55 13.53 0.44
C GLY D 195 27.22 12.57 1.55
N GLN D 196 28.19 11.73 1.87
CA GLN D 196 28.02 10.74 2.90
C GLN D 196 29.08 10.96 3.95
N THR D 197 28.92 10.28 5.07
CA THR D 197 29.81 10.44 6.22
C THR D 197 29.66 9.21 7.08
N VAL D 198 30.73 8.45 7.23
CA VAL D 198 30.68 7.23 8.00
C VAL D 198 31.38 7.47 9.33
N ASP D 199 31.13 6.57 10.27
CA ASP D 199 31.77 6.60 11.58
C ASP D 199 31.61 5.22 12.19
N SER D 200 32.37 4.97 13.24
CA SER D 200 32.30 3.71 13.95
C SER D 200 32.49 4.03 15.42
N GLY D 201 31.74 3.34 16.26
CA GLY D 201 31.81 3.59 17.67
C GLY D 201 31.32 2.39 18.45
N ILE D 202 31.10 2.62 19.74
CA ILE D 202 30.69 1.58 20.67
C ILE D 202 29.55 2.14 21.50
N VAL D 203 28.48 1.36 21.64
CA VAL D 203 27.36 1.73 22.50
C VAL D 203 27.32 0.77 23.68
N GLN D 204 26.99 1.31 24.84
CA GLN D 204 26.92 0.55 26.08
C GLN D 204 25.46 0.28 26.39
N SER D 205 25.03 -0.96 26.19
CA SER D 205 23.65 -1.35 26.42
C SER D 205 23.56 -2.10 27.74
N SER D 206 22.37 -2.62 28.03
CA SER D 206 22.15 -3.39 29.25
C SER D 206 22.80 -4.76 29.22
N THR D 207 23.28 -5.21 28.06
CA THR D 207 23.86 -6.55 27.91
C THR D 207 25.33 -6.53 27.55
N GLY D 208 25.94 -5.38 27.34
CA GLY D 208 27.35 -5.31 27.03
C GLY D 208 27.62 -4.16 26.07
N GLU D 209 28.86 -4.12 25.58
CA GLU D 209 29.28 -3.11 24.62
C GLU D 209 29.21 -3.71 23.23
N TYR D 210 28.71 -2.93 22.28
CA TYR D 210 28.51 -3.39 20.92
C TYR D 210 29.10 -2.39 19.94
N VAL D 211 29.74 -2.91 18.90
CA VAL D 211 30.27 -2.05 17.86
C VAL D 211 29.10 -1.59 17.02
N VAL D 212 29.09 -0.30 16.69
CA VAL D 212 28.02 0.30 15.91
C VAL D 212 28.68 1.10 14.80
N MET D 213 28.31 0.82 13.57
CA MET D 213 28.82 1.53 12.43
C MET D 213 27.75 2.52 11.99
N THR D 214 28.14 3.78 11.87
CA THR D 214 27.21 4.84 11.60
C THR D 214 27.53 5.38 10.21
N THR D 215 26.49 5.80 9.52
CA THR D 215 26.62 6.41 8.21
C THR D 215 25.65 7.55 8.17
N HIS D 216 26.12 8.74 7.84
CA HIS D 216 25.26 9.90 7.75
C HIS D 216 25.18 10.31 6.30
N PHE D 217 23.97 10.52 5.81
CA PHE D 217 23.74 11.10 4.50
C PHE D 217 23.27 12.51 4.73
N HIS D 218 23.93 13.46 4.08
CA HIS D 218 23.63 14.86 4.29
C HIS D 218 22.69 15.33 3.21
N LEU D 219 21.60 15.94 3.62
CA LEU D 219 20.52 16.33 2.74
C LEU D 219 20.25 17.80 2.94
N LYS D 220 19.82 18.44 1.87
CA LYS D 220 19.50 19.86 1.90
C LYS D 220 18.18 19.99 1.15
N ARG D 221 17.21 20.62 1.79
CA ARG D 221 15.89 20.69 1.19
C ARG D 221 15.90 21.75 0.10
N LYS D 222 15.26 21.43 -1.00
CA LYS D 222 15.18 22.35 -2.13
C LYS D 222 13.95 23.24 -1.97
N ILE D 223 14.16 24.54 -2.14
CA ILE D 223 13.14 25.52 -1.82
C ILE D 223 12.22 25.80 -3.00
N GLY D 224 12.51 25.24 -4.19
CA GLY D 224 11.78 25.59 -5.40
C GLY D 224 10.30 25.27 -5.35
N TYR D 225 9.93 24.24 -4.61
CA TYR D 225 8.52 23.89 -4.50
C TYR D 225 7.81 24.86 -3.57
N PHE D 226 8.40 25.09 -2.39
CA PHE D 226 7.77 25.93 -1.37
C PHE D 226 7.72 27.39 -1.76
N VAL D 227 8.65 27.86 -2.60
CA VAL D 227 8.56 29.22 -3.15
C VAL D 227 7.24 29.41 -3.89
N ILE D 228 7.03 28.62 -4.94
CA ILE D 228 5.82 28.68 -5.77
C ILE D 228 4.58 28.30 -4.97
N GLN D 229 4.75 27.44 -3.96
CA GLN D 229 3.60 26.98 -3.18
C GLN D 229 3.12 28.02 -2.18
N THR D 230 4.03 28.62 -1.44
CA THR D 230 3.69 29.45 -0.29
C THR D 230 4.26 30.86 -0.38
N TYR D 231 5.50 31.02 -0.81
CA TYR D 231 6.15 32.31 -0.63
C TYR D 231 5.74 33.29 -1.73
N LEU D 232 5.44 32.79 -2.90
CA LEU D 232 4.96 33.65 -3.98
C LEU D 232 3.48 33.99 -3.78
N PRO D 233 2.56 33.03 -3.46
CA PRO D 233 1.18 33.46 -3.17
C PRO D 233 1.05 34.39 -1.97
N CYS D 234 1.83 34.18 -0.89
CA CYS D 234 1.74 35.07 0.26
C CYS D 234 2.20 36.49 -0.09
N ILE D 235 3.32 36.61 -0.82
CA ILE D 235 3.82 37.92 -1.22
C ILE D 235 2.83 38.60 -2.17
N MET D 236 2.27 37.84 -3.11
CA MET D 236 1.29 38.43 -4.01
C MET D 236 0.01 38.82 -3.28
N THR D 237 -0.40 38.05 -2.26
CA THR D 237 -1.59 38.38 -1.49
C THR D 237 -1.36 39.63 -0.60
N VAL D 238 -0.18 39.78 0.00
CA VAL D 238 0.12 41.01 0.74
C VAL D 238 0.15 42.21 -0.21
N ILE D 239 0.72 42.05 -1.42
CA ILE D 239 0.71 43.14 -2.41
C ILE D 239 -0.74 43.48 -2.78
N LEU D 240 -1.58 42.45 -2.90
CA LEU D 240 -2.99 42.66 -3.18
C LEU D 240 -3.68 43.41 -2.04
N SER D 241 -3.22 43.20 -0.80
CA SER D 241 -3.73 43.98 0.32
C SER D 241 -3.24 45.41 0.29
N GLN D 242 -1.96 45.60 -0.05
CA GLN D 242 -1.34 46.93 -0.05
C GLN D 242 -1.78 47.80 -1.22
N VAL D 243 -2.29 47.19 -2.30
CA VAL D 243 -2.77 47.98 -3.44
C VAL D 243 -4.08 48.71 -3.11
N SER D 244 -4.70 48.38 -1.97
CA SER D 244 -5.95 48.99 -1.56
C SER D 244 -5.76 50.43 -1.15
N PHE D 245 -4.52 50.81 -0.81
CA PHE D 245 -4.20 52.13 -0.31
C PHE D 245 -4.28 53.19 -1.41
N TRP D 246 -4.39 52.77 -2.67
CA TRP D 246 -4.42 53.68 -3.79
C TRP D 246 -5.84 53.99 -4.24
N LEU D 247 -6.81 53.20 -3.78
CA LEU D 247 -8.20 53.47 -4.09
C LEU D 247 -8.69 54.63 -3.25
N ASN D 248 -9.68 55.35 -3.78
CA ASN D 248 -10.21 56.52 -3.10
C ASN D 248 -11.01 56.11 -1.86
N ARG D 249 -11.12 57.06 -0.92
CA ARG D 249 -11.80 56.84 0.35
C ARG D 249 -13.32 56.83 0.22
N GLU D 250 -13.85 57.13 -0.96
CA GLU D 250 -15.29 57.17 -1.18
C GLU D 250 -15.86 55.84 -1.60
N SER D 251 -15.02 54.86 -1.91
CA SER D 251 -15.45 53.51 -2.24
C SER D 251 -15.15 52.59 -1.07
N VAL D 252 -16.04 52.58 -0.09
CA VAL D 252 -15.86 51.78 1.12
C VAL D 252 -16.16 50.29 0.92
N PRO D 253 -17.18 49.85 0.13
CA PRO D 253 -17.31 48.40 -0.09
C PRO D 253 -16.15 47.81 -0.86
N ALA D 254 -15.58 48.59 -1.78
CA ALA D 254 -14.43 48.17 -2.57
C ALA D 254 -13.24 47.79 -1.70
N ARG D 255 -12.79 48.71 -0.85
CA ARG D 255 -11.62 48.44 -0.03
C ARG D 255 -11.92 47.45 1.09
N THR D 256 -13.15 47.45 1.63
CA THR D 256 -13.50 46.43 2.61
C THR D 256 -13.44 45.03 1.97
N VAL D 257 -13.96 44.87 0.74
CA VAL D 257 -13.96 43.57 0.09
C VAL D 257 -12.55 43.14 -0.27
N PHE D 258 -11.71 44.11 -0.64
CA PHE D 258 -10.26 43.88 -0.77
C PHE D 258 -9.65 43.30 0.50
N GLY D 259 -9.79 44.01 1.62
CA GLY D 259 -9.21 43.55 2.87
C GLY D 259 -9.73 42.20 3.33
N VAL D 260 -11.05 42.02 3.32
CA VAL D 260 -11.62 40.80 3.88
C VAL D 260 -11.35 39.59 2.97
N THR D 261 -11.36 39.79 1.64
CA THR D 261 -11.09 38.67 0.76
C THR D 261 -9.60 38.36 0.72
N THR D 262 -8.76 39.37 0.97
CA THR D 262 -7.34 39.13 1.17
C THR D 262 -7.09 38.32 2.42
N VAL D 263 -7.84 38.60 3.50
CA VAL D 263 -7.76 37.79 4.72
C VAL D 263 -8.21 36.36 4.44
N LEU D 264 -9.28 36.19 3.65
CA LEU D 264 -9.75 34.86 3.27
C LEU D 264 -8.66 34.12 2.49
N THR D 265 -7.99 34.84 1.59
CA THR D 265 -6.92 34.26 0.78
C THR D 265 -5.75 33.84 1.66
N MET D 266 -5.39 34.69 2.63
CA MET D 266 -4.31 34.34 3.56
C MET D 266 -4.67 33.12 4.40
N THR D 267 -5.94 33.00 4.82
CA THR D 267 -6.34 31.83 5.60
C THR D 267 -6.29 30.56 4.77
N THR D 268 -6.82 30.59 3.53
CA THR D 268 -6.76 29.39 2.70
C THR D 268 -5.32 29.04 2.30
N LEU D 269 -4.46 30.06 2.11
CA LEU D 269 -3.04 29.83 1.88
C LEU D 269 -2.37 29.17 3.08
N SER D 270 -2.63 29.70 4.29
CA SER D 270 -2.07 29.13 5.51
C SER D 270 -2.57 27.70 5.75
N ILE D 271 -3.83 27.44 5.42
CA ILE D 271 -4.39 26.10 5.56
C ILE D 271 -3.73 25.13 4.58
N SER D 272 -3.61 25.54 3.31
CA SER D 272 -2.99 24.69 2.31
C SER D 272 -1.49 24.51 2.57
N ALA D 273 -0.86 25.48 3.23
CA ALA D 273 0.56 25.45 3.49
C ALA D 273 0.86 24.71 4.78
N ARG D 274 -0.10 24.65 5.70
CA ARG D 274 0.10 23.94 6.95
C ARG D 274 -0.02 22.44 6.72
N ASN D 275 -0.77 22.04 5.70
CA ASN D 275 -0.97 20.63 5.38
C ASN D 275 0.25 20.03 4.70
N SER D 276 1.23 20.85 4.31
CA SER D 276 2.43 20.36 3.66
C SER D 276 3.43 19.88 4.71
N LEU D 277 3.75 20.74 5.65
CA LEU D 277 4.69 20.43 6.72
C LEU D 277 4.07 19.39 7.66
N PRO D 278 4.87 18.44 8.16
CA PRO D 278 4.38 17.53 9.21
C PRO D 278 3.98 18.29 10.46
N LYS D 279 3.30 17.58 11.37
CA LYS D 279 2.67 18.24 12.51
C LYS D 279 3.71 18.41 13.62
N VAL D 280 4.62 19.36 13.43
CA VAL D 280 5.58 19.69 14.48
C VAL D 280 4.95 20.64 15.48
N ALA D 281 5.54 20.68 16.68
CA ALA D 281 5.00 21.42 17.81
C ALA D 281 5.79 22.70 18.09
N TYR D 282 6.44 23.25 17.07
CA TYR D 282 7.20 24.48 17.20
C TYR D 282 6.97 25.30 15.94
N ALA D 283 7.66 26.42 15.85
CA ALA D 283 7.48 27.34 14.73
C ALA D 283 8.66 27.22 13.79
N THR D 284 8.38 27.05 12.52
CA THR D 284 9.40 26.96 11.49
C THR D 284 9.57 28.32 10.84
N ALA D 285 10.35 28.37 9.75
CA ALA D 285 10.55 29.64 9.08
C ALA D 285 9.33 30.01 8.25
N MET D 286 8.73 29.01 7.59
CA MET D 286 7.51 29.24 6.82
C MET D 286 6.36 29.70 7.70
N ASP D 287 6.29 29.18 8.93
CA ASP D 287 5.27 29.62 9.88
C ASP D 287 5.46 31.10 10.24
N TRP D 288 6.71 31.52 10.46
CA TRP D 288 6.97 32.93 10.75
C TRP D 288 6.66 33.80 9.55
N PHE D 289 6.98 33.33 8.33
CA PHE D 289 6.66 34.09 7.13
C PHE D 289 5.16 34.29 6.97
N ILE D 290 4.39 33.19 7.15
CA ILE D 290 2.93 33.28 7.02
C ILE D 290 2.35 34.16 8.12
N ALA D 291 2.92 34.09 9.33
CA ALA D 291 2.45 34.93 10.43
C ALA D 291 2.70 36.41 10.16
N VAL D 292 3.89 36.77 9.66
CA VAL D 292 4.19 38.16 9.37
C VAL D 292 3.36 38.67 8.19
N CYS D 293 3.15 37.83 7.17
CA CYS D 293 2.30 38.23 6.04
C CYS D 293 0.85 38.43 6.48
N TYR D 294 0.34 37.54 7.35
CA TYR D 294 -0.99 37.72 7.92
C TYR D 294 -1.06 39.00 8.74
N ALA D 295 -0.01 39.30 9.50
CA ALA D 295 0.06 40.53 10.27
C ALA D 295 0.00 41.75 9.36
N PHE D 296 0.73 41.72 8.24
CA PHE D 296 0.72 42.82 7.28
C PHE D 296 -0.66 43.00 6.65
N VAL D 297 -1.31 41.90 6.28
CA VAL D 297 -2.65 41.96 5.68
C VAL D 297 -3.66 42.52 6.67
N PHE D 298 -3.63 42.01 7.91
CA PHE D 298 -4.50 42.49 8.97
C PHE D 298 -4.23 43.95 9.29
N SER D 299 -2.95 44.36 9.24
CA SER D 299 -2.59 45.75 9.48
C SER D 299 -3.12 46.64 8.37
N ALA D 300 -3.11 46.16 7.14
CA ALA D 300 -3.72 46.90 6.02
C ALA D 300 -5.21 47.10 6.25
N LEU D 301 -5.91 46.04 6.67
CA LEU D 301 -7.35 46.17 6.89
C LEU D 301 -7.68 47.08 8.08
N ILE D 302 -6.92 47.00 9.18
CA ILE D 302 -7.17 47.90 10.30
C ILE D 302 -6.84 49.34 9.90
N GLU D 303 -5.81 49.55 9.08
CA GLU D 303 -5.50 50.89 8.59
C GLU D 303 -6.66 51.45 7.77
N PHE D 304 -7.26 50.60 6.92
CA PHE D 304 -8.44 51.02 6.18
C PHE D 304 -9.57 51.40 7.13
N ALA D 305 -9.76 50.60 8.18
CA ALA D 305 -10.79 50.90 9.16
C ALA D 305 -10.55 52.22 9.86
N THR D 306 -9.29 52.54 10.19
CA THR D 306 -8.97 53.82 10.79
C THR D 306 -9.26 54.97 9.82
N VAL D 307 -8.84 54.82 8.56
CA VAL D 307 -9.11 55.84 7.54
C VAL D 307 -10.60 56.06 7.36
N ASN D 308 -11.38 54.98 7.31
CA ASN D 308 -12.83 55.08 7.15
C ASN D 308 -13.49 55.69 8.37
N TYR D 309 -13.03 55.33 9.57
CA TYR D 309 -13.59 55.86 10.79
C TYR D 309 -13.25 57.34 10.95
N PHE D 310 -12.08 57.75 10.50
CA PHE D 310 -11.67 59.15 10.57
C PHE D 310 -12.26 59.98 9.45
N THR D 311 -12.93 59.35 8.49
CA THR D 311 -13.64 60.10 7.46
C THR D 311 -14.89 60.72 8.08
N LYS D 312 -15.38 61.78 7.45
CA LYS D 312 -16.55 62.61 7.80
C LYS D 312 -16.35 63.42 9.09
N SER D 313 -15.21 63.29 9.77
CA SER D 313 -14.89 64.12 10.92
C SER D 313 -13.60 64.90 10.70
N GLN D 314 -12.53 64.22 10.29
CA GLN D 314 -11.26 64.87 10.00
C GLN D 314 -10.70 64.27 8.70
N PRO D 315 -11.03 64.87 7.55
CA PRO D 315 -10.53 64.33 6.27
C PRO D 315 -9.03 64.47 6.07
N ALA D 316 -8.41 65.53 6.61
CA ALA D 316 -6.98 65.73 6.45
C ALA D 316 -6.15 64.66 7.16
N ARG D 317 -6.58 64.25 8.36
CA ARG D 317 -5.85 63.21 9.08
C ARG D 317 -5.95 61.86 8.37
N ALA D 318 -7.16 61.53 7.88
CA ALA D 318 -7.34 60.30 7.11
C ALA D 318 -6.53 60.30 5.83
N ALA D 319 -6.50 61.42 5.12
CA ALA D 319 -5.68 61.55 3.90
C ALA D 319 -4.20 61.41 4.20
N LYS D 320 -3.73 62.02 5.29
CA LYS D 320 -2.32 61.95 5.66
C LYS D 320 -1.93 60.52 6.01
N ILE D 321 -2.76 59.83 6.79
CA ILE D 321 -2.38 58.49 7.19
C ILE D 321 -2.57 57.50 6.05
N ASP D 322 -3.41 57.80 5.06
CA ASP D 322 -3.48 56.87 3.94
C ASP D 322 -2.34 57.10 2.95
N ARG D 323 -1.80 58.33 2.88
CA ARG D 323 -0.66 58.54 1.99
C ARG D 323 0.61 58.04 2.66
N LEU D 324 0.71 58.20 3.98
CA LEU D 324 1.87 57.71 4.68
C LEU D 324 1.84 56.18 4.72
N SER D 325 0.67 55.59 4.97
CA SER D 325 0.58 54.15 4.99
C SER D 325 0.52 53.54 3.60
N ARG D 326 0.51 54.35 2.53
CA ARG D 326 0.56 53.83 1.17
C ARG D 326 1.99 53.46 0.82
N ILE D 327 2.95 54.01 1.57
CA ILE D 327 4.36 53.80 1.32
C ILE D 327 5.06 53.14 2.51
N ALA D 328 4.44 53.15 3.71
CA ALA D 328 5.10 52.52 4.84
C ALA D 328 4.98 51.01 4.77
N PHE D 329 3.88 50.50 4.21
CA PHE D 329 3.68 49.06 4.11
C PHE D 329 4.65 48.37 3.14
N PRO D 330 4.88 48.85 1.89
CA PRO D 330 5.92 48.19 1.08
C PRO D 330 7.32 48.31 1.67
N LEU D 331 7.63 49.44 2.31
CA LEU D 331 8.94 49.60 2.95
C LEU D 331 9.17 48.57 4.05
N LEU D 332 8.22 48.43 4.97
CA LEU D 332 8.35 47.43 6.04
C LEU D 332 8.34 46.00 5.51
N PHE D 333 7.50 45.71 4.50
CA PHE D 333 7.49 44.35 3.95
C PHE D 333 8.82 44.03 3.26
N GLY D 334 9.38 45.01 2.54
CA GLY D 334 10.68 44.80 1.92
C GLY D 334 11.79 44.61 2.94
N ILE D 335 11.75 45.38 4.03
CA ILE D 335 12.73 45.21 5.11
C ILE D 335 12.61 43.82 5.74
N PHE D 336 11.36 43.38 5.98
CA PHE D 336 11.13 42.05 6.55
C PHE D 336 11.63 40.96 5.61
N ASN D 337 11.35 41.10 4.31
CA ASN D 337 11.82 40.14 3.33
C ASN D 337 13.34 40.07 3.29
N LEU D 338 14.00 41.24 3.27
CA LEU D 338 15.46 41.31 3.24
C LEU D 338 16.06 40.61 4.46
N VAL D 339 15.55 40.94 5.66
CA VAL D 339 16.08 40.37 6.89
C VAL D 339 15.80 38.86 6.96
N TYR D 340 14.59 38.43 6.61
CA TYR D 340 14.21 37.02 6.68
C TYR D 340 15.02 36.17 5.72
N TRP D 341 15.10 36.59 4.44
CA TRP D 341 15.85 35.81 3.47
C TRP D 341 17.34 35.83 3.77
N ALA D 342 17.86 36.94 4.31
CA ALA D 342 19.26 37.00 4.69
C ALA D 342 19.57 36.06 5.85
N THR D 343 18.68 36.00 6.85
CA THR D 343 19.00 35.15 8.01
C THR D 343 18.69 33.69 7.75
N TYR D 344 17.87 33.37 6.76
CA TYR D 344 17.54 31.97 6.51
C TYR D 344 18.17 31.39 5.25
N LEU D 345 18.89 32.21 4.46
CA LEU D 345 19.67 31.69 3.34
C LEU D 345 21.15 31.57 3.66
N ASN D 346 21.66 32.39 4.58
CA ASN D 346 23.04 32.30 5.03
C ASN D 346 23.19 31.44 6.27
N ARG D 347 22.10 30.94 6.83
CA ARG D 347 22.10 30.11 8.02
C ARG D 347 22.82 28.79 7.80
N GLY E 62 34.69 -28.02 18.29
CA GLY E 62 35.22 -27.63 19.59
C GLY E 62 34.42 -28.20 20.74
N ASP E 63 34.46 -27.50 21.88
CA ASP E 63 33.72 -27.96 23.06
C ASP E 63 32.33 -27.34 23.18
N VAL E 64 32.13 -26.13 22.65
CA VAL E 64 30.82 -25.48 22.69
C VAL E 64 29.78 -26.26 21.88
N THR E 65 30.21 -26.86 20.75
CA THR E 65 29.30 -27.71 19.99
C THR E 65 28.90 -28.95 20.80
N VAL E 66 29.85 -29.52 21.54
CA VAL E 66 29.57 -30.68 22.40
C VAL E 66 28.57 -30.29 23.49
N ILE E 67 28.76 -29.11 24.09
CA ILE E 67 27.85 -28.61 25.12
C ILE E 67 26.45 -28.43 24.56
N LEU E 68 26.35 -27.78 23.39
CA LEU E 68 25.06 -27.51 22.78
C LEU E 68 24.36 -28.81 22.35
N ASN E 69 25.12 -29.79 21.88
CA ASN E 69 24.52 -31.06 21.48
C ASN E 69 24.10 -31.88 22.69
N ASN E 70 24.81 -31.74 23.82
CA ASN E 70 24.41 -32.46 25.02
C ASN E 70 23.22 -31.81 25.71
N LEU E 71 23.05 -30.49 25.54
CA LEU E 71 21.90 -29.83 26.15
C LEU E 71 20.60 -30.20 25.45
N LEU E 72 20.66 -30.44 24.14
CA LEU E 72 19.46 -30.68 23.35
C LEU E 72 19.14 -32.15 23.17
N GLU E 73 19.86 -33.05 23.83
CA GLU E 73 19.53 -34.46 23.76
C GLU E 73 18.49 -34.75 24.84
N GLY E 74 17.43 -35.46 24.46
CA GLY E 74 16.33 -35.74 25.37
C GLY E 74 15.61 -34.49 25.84
N TYR E 75 15.65 -33.42 25.05
CA TYR E 75 15.03 -32.15 25.39
C TYR E 75 13.69 -32.02 24.69
N ASP E 76 12.71 -31.53 25.43
CA ASP E 76 11.36 -31.32 24.90
C ASP E 76 11.04 -29.84 25.07
N ASN E 77 11.04 -29.11 23.96
CA ASN E 77 10.73 -27.69 23.93
C ASN E 77 9.23 -27.42 23.99
N LYS E 78 8.43 -28.45 24.18
CA LYS E 78 6.99 -28.33 24.34
C LYS E 78 6.58 -28.22 25.80
N LEU E 79 7.51 -28.44 26.71
CA LEU E 79 7.26 -28.43 28.15
C LEU E 79 8.11 -27.36 28.80
N ARG E 80 7.46 -26.50 29.59
CA ARG E 80 8.19 -25.48 30.33
C ARG E 80 9.02 -26.15 31.43
N PRO E 81 10.07 -25.49 31.93
CA PRO E 81 10.79 -26.03 33.08
C PRO E 81 9.89 -26.09 34.29
N ASP E 82 10.05 -27.15 35.08
CA ASP E 82 9.22 -27.46 36.26
C ASP E 82 7.74 -27.57 35.87
N ILE E 83 7.48 -28.46 34.90
CA ILE E 83 6.16 -28.60 34.29
C ILE E 83 5.12 -29.13 35.27
N GLY E 84 5.54 -29.78 36.35
CA GLY E 84 4.59 -30.25 37.34
C GLY E 84 5.11 -30.03 38.75
N VAL E 85 5.93 -29.01 38.92
CA VAL E 85 6.62 -28.76 40.19
C VAL E 85 6.21 -27.42 40.76
N LYS E 86 6.47 -26.35 40.02
CA LYS E 86 6.26 -25.00 40.49
C LYS E 86 6.12 -24.09 39.27
N PRO E 87 5.57 -22.88 39.43
CA PRO E 87 5.57 -21.95 38.30
C PRO E 87 6.98 -21.47 37.99
N THR E 88 7.16 -21.05 36.75
CA THR E 88 8.45 -20.51 36.33
C THR E 88 8.43 -19.01 36.55
N LEU E 89 9.49 -18.49 37.14
CA LEU E 89 9.60 -17.07 37.39
C LEU E 89 10.38 -16.48 36.22
N ILE E 90 9.79 -15.48 35.59
CA ILE E 90 10.38 -14.85 34.42
C ILE E 90 10.60 -13.40 34.78
N HIS E 91 11.83 -12.94 34.63
CA HIS E 91 12.16 -11.56 34.91
C HIS E 91 12.22 -10.83 33.58
N THR E 92 11.56 -9.69 33.50
CA THR E 92 11.41 -8.98 32.25
C THR E 92 12.02 -7.60 32.37
N ASP E 93 12.66 -7.18 31.29
CA ASP E 93 13.24 -5.86 31.15
C ASP E 93 12.86 -5.33 29.79
N MET E 94 12.80 -4.02 29.69
CA MET E 94 12.50 -3.36 28.44
C MET E 94 13.53 -2.26 28.25
N TYR E 95 13.73 -1.89 27.00
CA TYR E 95 14.54 -0.74 26.66
C TYR E 95 13.83 -0.06 25.52
N VAL E 96 13.21 1.08 25.81
CA VAL E 96 12.39 1.77 24.82
C VAL E 96 13.32 2.55 23.92
N ASN E 97 13.37 2.16 22.63
CA ASN E 97 14.17 2.90 21.67
C ASN E 97 13.49 4.20 21.30
N SER E 98 12.18 4.15 21.11
CA SER E 98 11.39 5.30 20.74
C SER E 98 9.93 4.97 20.97
N ILE E 99 9.16 6.00 21.30
CA ILE E 99 7.72 5.93 21.36
C ILE E 99 7.24 6.70 20.15
N GLY E 100 6.63 6.01 19.19
CA GLY E 100 6.27 6.57 17.92
C GLY E 100 5.13 7.56 17.99
N PRO E 101 4.52 7.86 16.86
CA PRO E 101 3.45 8.87 16.84
C PRO E 101 2.22 8.37 17.58
N VAL E 102 1.67 9.21 18.44
CA VAL E 102 0.49 8.86 19.19
C VAL E 102 -0.67 9.53 18.46
N ASN E 103 -1.21 8.82 17.48
CA ASN E 103 -2.34 9.35 16.73
C ASN E 103 -3.62 8.96 17.46
N ALA E 104 -4.52 9.91 17.60
CA ALA E 104 -5.74 9.63 18.32
C ALA E 104 -6.84 9.12 17.43
N ILE E 105 -6.64 9.14 16.11
CA ILE E 105 -7.66 8.71 15.15
C ILE E 105 -7.95 7.22 15.32
N ASN E 106 -6.92 6.40 15.31
CA ASN E 106 -7.13 4.97 15.47
C ASN E 106 -6.99 4.53 16.92
N MET E 107 -6.72 5.48 17.83
CA MET E 107 -6.56 5.24 19.27
C MET E 107 -5.43 4.23 19.52
N GLU E 108 -4.22 4.64 19.13
CA GLU E 108 -3.07 3.78 19.22
C GLU E 108 -1.82 4.64 19.29
N TYR E 109 -0.69 3.97 19.48
CA TYR E 109 0.62 4.61 19.52
C TYR E 109 1.65 3.54 19.23
N THR E 110 2.74 3.94 18.61
CA THR E 110 3.80 3.03 18.23
C THR E 110 4.90 3.09 19.28
N ILE E 111 5.59 1.97 19.46
CA ILE E 111 6.71 1.89 20.38
C ILE E 111 7.67 0.85 19.82
N ASP E 112 8.96 1.09 20.03
CA ASP E 112 10.01 0.19 19.61
C ASP E 112 10.82 -0.13 20.85
N ILE E 113 10.99 -1.42 21.14
CA ILE E 113 11.60 -1.84 22.39
C ILE E 113 12.57 -2.97 22.12
N PHE E 114 13.46 -3.18 23.08
CA PHE E 114 14.27 -4.38 23.13
C PHE E 114 13.71 -5.12 24.34
N PHE E 115 12.89 -6.14 24.08
CA PHE E 115 12.22 -6.86 25.14
C PHE E 115 13.13 -8.00 25.55
N ALA E 116 13.46 -8.06 26.83
CA ALA E 116 14.35 -9.08 27.35
C ALA E 116 13.63 -9.86 28.43
N GLN E 117 13.71 -11.17 28.36
CA GLN E 117 13.16 -12.03 29.38
C GLN E 117 14.26 -12.95 29.87
N THR E 118 14.16 -13.33 31.13
CA THR E 118 15.14 -14.25 31.69
C THR E 118 14.46 -15.12 32.73
N TRP E 119 14.82 -16.39 32.72
CA TRP E 119 14.21 -17.38 33.59
C TRP E 119 15.23 -18.47 33.83
N TYR E 120 14.82 -19.53 34.50
CA TYR E 120 15.70 -20.62 34.86
C TYR E 120 15.16 -21.89 34.24
N ASP E 121 16.03 -22.60 33.53
CA ASP E 121 15.69 -23.87 32.92
C ASP E 121 16.75 -24.85 33.38
N ARG E 122 16.36 -25.78 34.25
CA ARG E 122 17.30 -26.73 34.84
C ARG E 122 17.77 -27.80 33.86
N ARG E 123 17.24 -27.83 32.64
CA ARG E 123 17.70 -28.74 31.62
C ARG E 123 18.85 -28.17 30.83
N LEU E 124 18.95 -26.85 30.73
CA LEU E 124 20.05 -26.19 30.04
C LEU E 124 21.16 -25.85 31.02
N LYS E 125 21.59 -26.86 31.76
CA LYS E 125 22.62 -26.71 32.78
C LYS E 125 23.79 -27.58 32.35
N PHE E 126 24.95 -26.96 32.19
CA PHE E 126 26.13 -27.66 31.70
C PHE E 126 27.30 -27.40 32.64
N ASN E 127 28.25 -28.32 32.64
CA ASN E 127 29.48 -28.18 33.41
C ASN E 127 30.62 -27.96 32.43
N SER E 128 31.28 -26.80 32.55
CA SER E 128 32.38 -26.45 31.66
C SER E 128 33.15 -25.30 32.27
N THR E 129 34.27 -24.96 31.64
CA THR E 129 35.09 -23.84 32.07
C THR E 129 34.61 -22.52 31.50
N ILE E 130 33.72 -22.54 30.51
CA ILE E 130 33.07 -21.34 30.04
C ILE E 130 31.79 -21.13 30.85
N LYS E 131 31.48 -19.88 31.12
CA LYS E 131 30.37 -19.57 32.03
C LYS E 131 29.07 -19.31 31.30
N VAL E 132 29.13 -18.76 30.09
CA VAL E 132 27.95 -18.32 29.38
C VAL E 132 28.09 -18.70 27.91
N LEU E 133 27.01 -19.19 27.32
CA LEU E 133 26.92 -19.43 25.89
C LEU E 133 26.17 -18.26 25.28
N ARG E 134 26.81 -17.55 24.37
CA ARG E 134 26.18 -16.43 23.68
C ARG E 134 25.88 -16.88 22.27
N LEU E 135 24.59 -16.90 21.92
CA LEU E 135 24.10 -17.52 20.71
C LEU E 135 23.28 -16.54 19.89
N ASN E 136 22.95 -16.98 18.68
CA ASN E 136 22.10 -16.25 17.75
C ASN E 136 20.64 -16.59 18.01
N SER E 137 19.79 -16.24 17.06
CA SER E 137 18.40 -16.69 17.04
C SER E 137 18.24 -18.09 16.50
N ASN E 138 19.35 -18.77 16.15
CA ASN E 138 19.29 -20.12 15.59
C ASN E 138 18.77 -21.13 16.61
N MET E 139 19.11 -20.95 17.88
CA MET E 139 18.73 -21.90 18.92
C MET E 139 17.51 -21.43 19.72
N VAL E 140 16.90 -20.31 19.33
CA VAL E 140 15.72 -19.83 20.05
C VAL E 140 14.56 -20.81 19.85
N GLY E 141 14.42 -21.33 18.64
CA GLY E 141 13.35 -22.26 18.35
C GLY E 141 13.62 -23.69 18.75
N LYS E 142 14.74 -23.98 19.42
CA LYS E 142 15.07 -25.33 19.83
C LYS E 142 14.94 -25.56 21.31
N ILE E 143 14.76 -24.51 22.11
CA ILE E 143 14.57 -24.65 23.54
C ILE E 143 13.20 -24.08 23.86
N TRP E 144 12.82 -24.13 25.14
CA TRP E 144 11.53 -23.59 25.53
C TRP E 144 11.62 -22.08 25.65
N ILE E 145 10.66 -21.39 25.04
CA ILE E 145 10.56 -19.94 25.06
C ILE E 145 9.16 -19.62 25.55
N PRO E 146 8.99 -18.70 26.50
CA PRO E 146 7.65 -18.37 26.99
C PRO E 146 6.80 -17.72 25.93
N ASP E 147 5.49 -17.88 26.07
CA ASP E 147 4.56 -17.34 25.10
C ASP E 147 4.03 -16.00 25.60
N THR E 148 4.95 -15.05 25.67
CA THR E 148 4.60 -13.71 26.07
C THR E 148 3.91 -13.04 24.89
N PHE E 149 2.86 -12.29 25.19
CA PHE E 149 2.13 -11.58 24.16
C PHE E 149 1.64 -10.29 24.77
N PHE E 150 1.48 -9.28 23.94
CA PHE E 150 1.07 -7.97 24.42
C PHE E 150 -0.44 -7.85 24.27
N ARG E 151 -1.11 -7.64 25.40
CA ARG E 151 -2.56 -7.77 25.45
C ARG E 151 -3.28 -6.61 24.79
N ASN E 152 -2.62 -5.46 24.67
CA ASN E 152 -3.26 -4.26 24.17
C ASN E 152 -2.63 -3.81 22.86
N SER E 153 -2.12 -4.75 22.09
CA SER E 153 -1.47 -4.45 20.82
C SER E 153 -2.44 -4.71 19.68
N LYS E 154 -2.51 -3.76 18.75
CA LYS E 154 -3.30 -3.95 17.55
C LYS E 154 -2.49 -4.65 16.47
N LYS E 155 -1.21 -4.32 16.40
CA LYS E 155 -0.26 -4.91 15.48
C LYS E 155 1.07 -4.93 16.19
N ALA E 156 1.81 -6.00 16.03
CA ALA E 156 3.14 -6.10 16.62
C ALA E 156 3.96 -7.03 15.76
N ASP E 157 5.20 -6.63 15.50
CA ASP E 157 6.09 -7.46 14.71
C ASP E 157 7.47 -7.40 15.32
N ALA E 158 8.22 -8.47 15.13
CA ALA E 158 9.61 -8.49 15.52
C ALA E 158 10.41 -7.94 14.36
N HIS E 159 11.73 -8.06 14.42
CA HIS E 159 12.57 -7.55 13.35
C HIS E 159 13.38 -8.70 12.79
N TRP E 160 13.52 -8.70 11.47
CA TRP E 160 14.08 -9.83 10.75
C TRP E 160 15.20 -9.42 9.83
N ILE E 161 15.58 -8.15 9.80
CA ILE E 161 16.62 -7.64 8.93
C ILE E 161 17.84 -7.38 9.79
N THR E 162 18.98 -7.96 9.43
CA THR E 162 19.16 -8.77 8.23
C THR E 162 18.94 -10.26 8.50
N THR E 163 18.95 -10.59 9.78
CA THR E 163 18.76 -11.87 10.42
C THR E 163 17.83 -11.59 11.59
N PRO E 164 16.96 -12.58 11.99
CA PRO E 164 16.04 -12.39 13.12
C PRO E 164 16.68 -11.75 14.34
N ASN E 165 16.24 -10.54 14.69
CA ASN E 165 16.86 -9.77 15.77
C ASN E 165 16.42 -10.34 17.11
N ARG E 166 17.09 -11.43 17.48
CA ARG E 166 16.85 -12.14 18.72
C ARG E 166 18.20 -12.52 19.29
N MET E 167 18.21 -12.78 20.59
CA MET E 167 19.44 -13.10 21.29
C MET E 167 19.12 -14.13 22.35
N LEU E 168 20.00 -15.11 22.49
CA LEU E 168 19.83 -16.14 23.49
C LEU E 168 21.14 -16.25 24.22
N ARG E 169 21.07 -16.30 25.55
CA ARG E 169 22.27 -16.50 26.36
C ARG E 169 21.93 -17.44 27.48
N ILE E 170 22.67 -18.54 27.57
CA ILE E 170 22.48 -19.56 28.57
C ILE E 170 23.69 -19.51 29.49
N TRP E 171 23.46 -19.65 30.78
CA TRP E 171 24.53 -19.53 31.75
C TRP E 171 24.88 -20.89 32.32
N ASN E 172 25.82 -20.87 33.27
CA ASN E 172 26.43 -22.09 33.78
C ASN E 172 25.46 -22.84 34.68
N ASP E 173 24.53 -22.13 35.33
CA ASP E 173 23.59 -22.72 36.27
C ASP E 173 22.21 -22.94 35.66
N GLY E 174 22.05 -22.70 34.37
CA GLY E 174 20.79 -22.96 33.70
C GLY E 174 19.95 -21.73 33.47
N ARG E 175 20.45 -20.55 33.77
CA ARG E 175 19.70 -19.32 33.60
C ARG E 175 19.76 -18.91 32.13
N VAL E 176 18.60 -18.75 31.52
CA VAL E 176 18.49 -18.42 30.10
C VAL E 176 18.04 -16.98 30.02
N LEU E 177 18.67 -16.21 29.16
CA LEU E 177 18.25 -14.84 28.88
C LEU E 177 17.94 -14.74 27.40
N TYR E 178 16.74 -14.24 27.09
CA TYR E 178 16.26 -14.19 25.72
C TYR E 178 15.76 -12.79 25.46
N THR E 179 16.36 -12.13 24.48
CA THR E 179 16.08 -10.73 24.16
C THR E 179 15.68 -10.68 22.71
N LEU E 180 14.73 -9.81 22.37
CA LEU E 180 14.37 -9.61 20.98
C LEU E 180 13.86 -8.19 20.81
N ARG E 181 13.97 -7.69 19.59
CA ARG E 181 13.58 -6.33 19.26
C ARG E 181 12.19 -6.37 18.65
N LEU E 182 11.31 -5.51 19.15
CA LEU E 182 9.92 -5.51 18.75
C LEU E 182 9.48 -4.11 18.40
N THR E 183 8.52 -4.02 17.49
CA THR E 183 7.82 -2.77 17.21
C THR E 183 6.34 -3.06 17.40
N ILE E 184 5.76 -2.41 18.39
CA ILE E 184 4.38 -2.68 18.78
C ILE E 184 3.54 -1.48 18.41
N ASP E 185 2.30 -1.74 18.03
CA ASP E 185 1.32 -0.70 17.76
C ASP E 185 0.29 -0.99 18.83
N ALA E 186 0.50 -0.44 20.00
CA ALA E 186 -0.37 -0.78 21.11
C ALA E 186 -1.56 0.15 21.07
N GLU E 187 -2.62 -0.24 21.76
CA GLU E 187 -3.83 0.57 21.77
C GLU E 187 -4.10 1.06 23.16
N CYS E 188 -4.52 2.32 23.24
CA CYS E 188 -4.95 2.89 24.49
C CYS E 188 -6.05 3.88 24.18
N GLN E 189 -7.21 3.68 24.79
CA GLN E 189 -8.33 4.60 24.59
C GLN E 189 -7.98 5.92 25.23
N LEU E 190 -7.98 6.99 24.44
CA LEU E 190 -7.64 8.31 24.91
C LEU E 190 -8.94 9.03 25.21
N GLN E 191 -9.13 9.39 26.46
CA GLN E 191 -10.29 10.19 26.83
C GLN E 191 -10.00 11.60 26.34
N LEU E 192 -10.52 11.92 25.16
CA LEU E 192 -10.22 13.20 24.53
C LEU E 192 -11.15 14.31 25.00
N HIS E 193 -11.30 14.41 26.31
CA HIS E 193 -11.79 15.62 26.91
C HIS E 193 -10.54 16.44 27.22
N ASN E 194 -10.75 17.73 27.44
CA ASN E 194 -9.70 18.73 27.71
C ASN E 194 -8.69 18.85 26.57
N PHE E 195 -9.01 18.32 25.39
CA PHE E 195 -8.12 18.37 24.23
C PHE E 195 -8.06 19.79 23.67
N PRO E 196 -6.88 20.31 23.33
CA PRO E 196 -5.56 19.66 23.35
C PRO E 196 -4.70 19.91 24.59
N MET E 197 -5.31 20.36 25.68
CA MET E 197 -4.58 20.53 26.94
C MET E 197 -4.78 19.31 27.83
N ASP E 198 -4.46 18.15 27.28
CA ASP E 198 -4.74 16.91 27.97
C ASP E 198 -3.45 16.20 28.31
N GLU E 199 -3.56 15.27 29.25
CA GLU E 199 -2.46 14.42 29.65
C GLU E 199 -2.99 13.00 29.67
N HIS E 200 -2.20 12.08 29.16
CA HIS E 200 -2.59 10.69 29.14
C HIS E 200 -1.53 9.85 29.83
N SER E 201 -1.92 8.63 30.15
CA SER E 201 -1.02 7.64 30.68
C SER E 201 -1.60 6.32 30.20
N CYS E 202 -1.10 5.84 29.07
CA CYS E 202 -1.80 4.71 28.51
C CYS E 202 -0.80 3.59 28.29
N PRO E 203 -1.21 2.34 28.48
CA PRO E 203 -0.23 1.31 28.81
C PRO E 203 0.28 0.47 27.66
N LEU E 204 1.23 -0.37 28.04
CA LEU E 204 1.70 -1.48 27.25
C LEU E 204 1.68 -2.64 28.22
N GLU E 205 0.78 -3.58 28.00
CA GLU E 205 0.58 -4.69 28.91
C GLU E 205 1.04 -5.96 28.22
N PHE E 206 1.47 -6.92 29.02
CA PHE E 206 1.85 -8.21 28.47
C PHE E 206 1.67 -9.27 29.55
N SER E 207 1.56 -10.51 29.09
CA SER E 207 1.39 -11.67 29.95
C SER E 207 1.63 -12.90 29.09
N SER E 208 1.53 -14.07 29.70
CA SER E 208 1.65 -15.30 28.96
C SER E 208 0.32 -15.59 28.28
N TYR E 209 0.37 -16.28 27.15
CA TYR E 209 -0.89 -16.54 26.48
C TYR E 209 -1.53 -17.82 27.02
N GLY E 210 -0.76 -18.88 27.15
CA GLY E 210 -1.37 -20.14 27.51
C GLY E 210 -1.12 -20.58 28.93
N TYR E 211 -0.12 -20.02 29.58
CA TYR E 211 0.27 -20.48 30.89
C TYR E 211 -0.30 -19.56 31.95
N PRO E 212 -1.17 -20.06 32.82
CA PRO E 212 -1.74 -19.20 33.86
C PRO E 212 -0.78 -18.93 35.00
N ARG E 213 -1.29 -18.28 36.05
CA ARG E 213 -0.46 -17.87 37.19
C ARG E 213 0.21 -19.07 37.87
N GLU E 214 -0.44 -20.22 37.85
CA GLU E 214 0.08 -21.42 38.47
C GLU E 214 1.17 -22.10 37.66
N GLU E 215 1.49 -21.59 36.48
CA GLU E 215 2.49 -22.17 35.60
C GLU E 215 3.59 -21.20 35.23
N ILE E 216 3.26 -19.93 35.02
CA ILE E 216 4.24 -18.90 34.71
C ILE E 216 3.91 -17.66 35.51
N VAL E 217 4.91 -17.13 36.23
CA VAL E 217 4.79 -15.91 37.00
C VAL E 217 5.82 -14.94 36.44
N TYR E 218 5.39 -13.73 36.15
CA TYR E 218 6.29 -12.69 35.69
C TYR E 218 6.65 -11.78 36.86
N GLN E 219 7.77 -11.07 36.72
CA GLN E 219 8.26 -10.20 37.79
C GLN E 219 9.25 -9.20 37.21
N TRP E 220 9.08 -7.93 37.54
CA TRP E 220 10.02 -6.92 37.08
C TRP E 220 11.36 -7.08 37.80
N LYS E 221 12.39 -6.45 37.21
CA LYS E 221 13.74 -6.40 37.83
C LYS E 221 13.88 -5.08 38.62
N ARG E 222 15.07 -4.74 39.08
CA ARG E 222 15.30 -3.48 39.84
C ARG E 222 15.65 -2.34 38.88
N SER E 223 15.74 -2.67 37.59
CA SER E 223 16.09 -1.74 36.52
C SER E 223 15.27 -2.07 35.28
N SER E 224 13.96 -2.19 35.50
CA SER E 224 13.01 -2.80 34.57
C SER E 224 12.93 -2.09 33.21
N VAL E 225 12.43 -0.86 33.19
CA VAL E 225 12.17 -0.15 31.94
C VAL E 225 13.15 1.00 31.86
N GLU E 226 13.89 1.06 30.75
CA GLU E 226 14.92 2.09 30.55
C GLU E 226 14.65 2.80 29.23
N VAL E 227 14.51 4.11 29.27
CA VAL E 227 14.35 4.89 28.07
C VAL E 227 15.72 5.35 27.60
N GLY E 228 15.78 5.78 26.35
CA GLY E 228 17.03 6.21 25.77
C GLY E 228 17.27 7.70 26.00
N ASP E 229 17.33 8.46 24.93
CA ASP E 229 17.59 9.89 25.02
C ASP E 229 16.33 10.72 25.15
N THR E 230 15.19 10.19 24.72
CA THR E 230 13.82 10.73 24.76
C THR E 230 13.63 11.94 23.82
N ARG E 231 14.69 12.42 23.17
CA ARG E 231 14.57 13.52 22.23
C ARG E 231 14.56 13.07 20.79
N SER E 232 15.19 11.94 20.48
CA SER E 232 15.16 11.35 19.14
C SER E 232 13.90 10.51 18.89
N TRP E 233 12.88 10.67 19.72
CA TRP E 233 11.62 9.93 19.61
C TRP E 233 10.67 10.67 18.69
N ARG E 234 9.70 9.92 18.17
CA ARG E 234 8.77 10.42 17.17
C ARG E 234 7.55 11.09 17.80
N LEU E 235 7.66 11.58 19.02
CA LEU E 235 6.55 12.24 19.70
C LEU E 235 6.50 13.67 19.19
N TYR E 236 5.60 13.94 18.25
CA TYR E 236 5.42 15.29 17.77
C TYR E 236 4.51 16.07 18.72
N GLN E 237 3.29 15.60 18.88
CA GLN E 237 2.28 16.33 19.62
C GLN E 237 2.35 16.05 21.11
N PHE E 238 3.11 15.05 21.54
CA PHE E 238 3.17 14.70 22.95
C PHE E 238 4.58 14.81 23.47
N SER E 239 4.71 14.71 24.78
CA SER E 239 5.98 14.83 25.46
C SER E 239 6.02 13.81 26.59
N PHE E 240 7.06 12.99 26.59
CA PHE E 240 7.23 11.96 27.61
C PHE E 240 7.56 12.65 28.93
N VAL E 241 6.96 12.18 30.02
CA VAL E 241 7.19 12.81 31.32
C VAL E 241 7.67 11.77 32.33
N GLY E 242 7.30 10.52 32.12
CA GLY E 242 7.73 9.49 33.06
C GLY E 242 7.03 8.18 32.76
N LEU E 243 7.33 7.21 33.61
CA LEU E 243 6.73 5.90 33.45
C LEU E 243 6.59 5.24 34.82
N ARG E 244 5.83 4.16 34.84
CA ARG E 244 5.62 3.37 36.04
C ARG E 244 5.23 1.97 35.63
N ASN E 245 5.69 1.00 36.40
CA ASN E 245 5.40 -0.40 36.13
C ASN E 245 4.28 -0.87 37.04
N THR E 246 3.68 -2.02 36.69
CA THR E 246 2.55 -2.53 37.44
C THR E 246 2.45 -4.02 37.14
N THR E 247 2.03 -4.79 38.14
CA THR E 247 1.77 -6.21 38.00
C THR E 247 0.37 -6.45 38.55
N GLU E 248 -0.36 -7.38 37.93
CA GLU E 248 -1.71 -7.68 38.37
C GLU E 248 -2.05 -9.10 37.94
N VAL E 249 -3.23 -9.55 38.35
CA VAL E 249 -3.77 -10.85 37.96
C VAL E 249 -5.13 -10.59 37.33
N VAL E 250 -5.36 -11.18 36.16
CA VAL E 250 -6.55 -10.91 35.37
C VAL E 250 -7.32 -12.21 35.21
N LYS E 251 -8.64 -12.14 35.38
CA LYS E 251 -9.50 -13.29 35.19
C LYS E 251 -9.81 -13.46 33.72
N THR E 252 -9.62 -14.68 33.22
CA THR E 252 -9.84 -15.01 31.82
C THR E 252 -10.60 -16.33 31.84
N THR E 253 -11.28 -16.65 30.73
CA THR E 253 -12.01 -17.92 30.59
C THR E 253 -11.10 -19.13 30.75
N SER E 254 -9.82 -19.00 30.44
CA SER E 254 -8.88 -20.09 30.55
C SER E 254 -8.18 -20.14 31.91
N GLY E 255 -8.11 -19.04 32.64
CA GLY E 255 -7.51 -19.05 33.95
C GLY E 255 -7.03 -17.67 34.37
N ASP E 256 -6.33 -17.64 35.50
CA ASP E 256 -5.78 -16.41 36.05
C ASP E 256 -4.40 -16.18 35.46
N TYR E 257 -4.16 -15.00 34.93
CA TYR E 257 -2.89 -14.71 34.28
C TYR E 257 -2.21 -13.54 34.96
N VAL E 258 -0.90 -13.65 35.14
CA VAL E 258 -0.11 -12.56 35.69
C VAL E 258 0.19 -11.60 34.55
N VAL E 259 -0.33 -10.39 34.65
CA VAL E 259 -0.22 -9.38 33.61
C VAL E 259 0.67 -8.26 34.11
N MET E 260 1.59 -7.81 33.27
CA MET E 260 2.49 -6.74 33.66
C MET E 260 2.26 -5.57 32.74
N SER E 261 2.21 -4.38 33.32
CA SER E 261 1.87 -3.19 32.57
C SER E 261 2.97 -2.17 32.72
N VAL E 262 3.19 -1.41 31.65
CA VAL E 262 4.07 -0.25 31.69
C VAL E 262 3.25 0.91 31.20
N TYR E 263 3.08 1.90 32.06
CA TYR E 263 2.30 3.08 31.74
C TYR E 263 3.29 4.17 31.39
N PHE E 264 3.17 4.71 30.18
CA PHE E 264 3.93 5.87 29.78
C PHE E 264 3.04 7.08 29.94
N ASP E 265 3.54 8.09 30.63
CA ASP E 265 2.77 9.30 30.89
C ASP E 265 3.15 10.32 29.83
N LEU E 266 2.16 10.82 29.12
CA LEU E 266 2.37 11.79 28.06
C LEU E 266 1.54 13.03 28.33
N SER E 267 2.05 14.17 27.87
CA SER E 267 1.36 15.44 27.98
C SER E 267 1.40 16.08 26.61
N ARG E 268 0.27 16.58 26.14
CA ARG E 268 0.24 17.14 24.80
C ARG E 268 0.77 18.57 24.81
N ARG E 269 1.76 18.83 23.97
CA ARG E 269 2.38 20.14 23.81
C ARG E 269 1.62 20.92 22.73
N MET E 270 1.06 22.06 23.12
CA MET E 270 0.27 22.90 22.21
C MET E 270 1.19 23.80 21.39
N GLY E 271 1.83 23.20 20.42
CA GLY E 271 2.69 23.97 19.54
C GLY E 271 2.18 23.83 18.14
N TYR E 272 1.46 22.74 17.88
CA TYR E 272 0.85 22.56 16.57
C TYR E 272 -0.59 23.02 16.55
N PHE E 273 -1.37 22.66 17.57
CA PHE E 273 -2.76 23.07 17.65
C PHE E 273 -2.90 24.56 17.87
N THR E 274 -1.91 25.20 18.49
CA THR E 274 -1.86 26.64 18.69
C THR E 274 -1.88 27.34 17.33
N ILE E 275 -0.82 27.15 16.54
CA ILE E 275 -0.69 27.82 15.25
C ILE E 275 -1.62 27.22 14.20
N GLN E 276 -2.30 26.12 14.51
CA GLN E 276 -3.28 25.59 13.57
C GLN E 276 -4.66 26.17 13.80
N THR E 277 -5.08 26.30 15.06
CA THR E 277 -6.46 26.67 15.33
C THR E 277 -6.62 27.85 16.27
N TYR E 278 -5.79 27.95 17.32
CA TYR E 278 -6.10 28.95 18.35
C TYR E 278 -5.75 30.36 17.87
N ILE E 279 -4.61 30.49 17.20
CA ILE E 279 -4.18 31.77 16.63
C ILE E 279 -5.12 32.15 15.47
N PRO E 280 -5.37 31.29 14.44
CA PRO E 280 -6.25 31.76 13.35
C PRO E 280 -7.69 32.05 13.76
N CYS E 281 -8.29 31.26 14.68
CA CYS E 281 -9.67 31.54 15.09
C CYS E 281 -9.80 32.86 15.85
N THR E 282 -8.87 33.15 16.78
CA THR E 282 -8.90 34.45 17.45
C THR E 282 -8.64 35.57 16.45
N LEU E 283 -7.77 35.34 15.45
CA LEU E 283 -7.54 36.32 14.39
C LEU E 283 -8.82 36.58 13.60
N ILE E 284 -9.58 35.54 13.32
CA ILE E 284 -10.83 35.69 12.58
C ILE E 284 -11.88 36.41 13.43
N VAL E 285 -11.91 36.16 14.75
CA VAL E 285 -12.85 36.86 15.62
C VAL E 285 -12.50 38.36 15.72
N VAL E 286 -11.22 38.68 15.94
CA VAL E 286 -10.78 40.09 15.96
C VAL E 286 -11.04 40.73 14.59
N LEU E 287 -10.94 39.94 13.52
CA LEU E 287 -11.28 40.41 12.17
C LEU E 287 -12.76 40.77 12.08
N SER E 288 -13.64 39.90 12.58
CA SER E 288 -15.08 40.19 12.56
C SER E 288 -15.42 41.41 13.41
N TRP E 289 -14.60 41.70 14.41
CA TRP E 289 -14.81 42.87 15.26
C TRP E 289 -14.72 44.18 14.50
N VAL E 290 -13.90 44.24 13.44
CA VAL E 290 -13.58 45.52 12.80
C VAL E 290 -14.79 46.12 12.08
N SER E 291 -15.87 45.34 11.90
CA SER E 291 -17.08 45.82 11.24
C SER E 291 -17.78 46.93 12.02
N PHE E 292 -17.47 47.09 13.31
CA PHE E 292 -18.12 48.12 14.10
C PHE E 292 -17.58 49.50 13.75
N TRP E 293 -16.34 49.57 13.27
CA TRP E 293 -15.73 50.85 12.92
C TRP E 293 -16.19 51.37 11.58
N ILE E 294 -16.91 50.57 10.80
CA ILE E 294 -17.45 51.02 9.53
C ILE E 294 -18.75 51.76 9.81
N ASN E 295 -19.02 52.82 9.04
CA ASN E 295 -20.26 53.59 9.18
C ASN E 295 -21.46 52.70 8.90
N LYS E 296 -22.53 52.90 9.69
CA LYS E 296 -23.71 52.04 9.60
C LYS E 296 -24.53 52.26 8.33
N ASP E 297 -24.16 53.23 7.49
CA ASP E 297 -24.88 53.48 6.24
C ASP E 297 -24.39 52.60 5.11
N ALA E 298 -23.11 52.27 5.09
CA ALA E 298 -22.54 51.39 4.06
C ALA E 298 -22.97 49.98 4.40
N VAL E 299 -24.16 49.61 3.94
CA VAL E 299 -24.74 48.30 4.18
C VAL E 299 -23.99 47.16 3.46
N PRO E 300 -23.65 47.25 2.15
CA PRO E 300 -22.90 46.14 1.54
C PRO E 300 -21.54 45.89 2.18
N ALA E 301 -20.89 46.94 2.67
CA ALA E 301 -19.58 46.82 3.32
C ALA E 301 -19.64 45.93 4.56
N ARG E 302 -20.52 46.28 5.50
CA ARG E 302 -20.63 45.51 6.74
C ARG E 302 -21.18 44.11 6.51
N THR E 303 -22.17 43.96 5.63
CA THR E 303 -22.68 42.61 5.33
C THR E 303 -21.59 41.74 4.69
N SER E 304 -20.81 42.30 3.75
CA SER E 304 -19.76 41.55 3.09
C SER E 304 -18.67 41.12 4.06
N LEU E 305 -18.24 42.03 4.94
CA LEU E 305 -17.27 41.71 5.98
C LEU E 305 -17.77 40.57 6.85
N GLY E 306 -18.99 40.70 7.38
CA GLY E 306 -19.53 39.67 8.26
C GLY E 306 -19.67 38.31 7.60
N ILE E 307 -20.24 38.29 6.39
CA ILE E 307 -20.51 37.01 5.72
C ILE E 307 -19.20 36.36 5.25
N THR E 308 -18.21 37.17 4.85
CA THR E 308 -16.93 36.61 4.46
C THR E 308 -16.24 36.02 5.70
N THR E 309 -16.41 36.68 6.85
CA THR E 309 -15.88 36.14 8.09
C THR E 309 -16.55 34.82 8.48
N VAL E 310 -17.87 34.71 8.29
CA VAL E 310 -18.54 33.42 8.56
C VAL E 310 -18.00 32.34 7.61
N LEU E 311 -17.80 32.68 6.32
CA LEU E 311 -17.16 31.77 5.36
C LEU E 311 -15.81 31.23 5.87
N THR E 312 -14.91 32.14 6.25
CA THR E 312 -13.57 31.71 6.66
C THR E 312 -13.63 30.90 7.95
N MET E 313 -14.53 31.26 8.88
CA MET E 313 -14.68 30.49 10.12
C MET E 313 -15.20 29.08 9.84
N THR E 314 -16.16 28.97 8.91
CA THR E 314 -16.68 27.67 8.49
C THR E 314 -15.58 26.80 7.90
N THR E 315 -14.79 27.37 6.99
CA THR E 315 -13.68 26.65 6.37
C THR E 315 -12.67 26.19 7.43
N LEU E 316 -12.36 27.07 8.38
CA LEU E 316 -11.38 26.79 9.42
C LEU E 316 -11.85 25.70 10.39
N SER E 317 -13.16 25.67 10.68
CA SER E 317 -13.73 24.70 11.63
C SER E 317 -13.45 23.26 11.22
N THR E 318 -13.83 22.88 9.99
CA THR E 318 -13.69 21.49 9.54
C THR E 318 -12.22 21.05 9.50
N ILE E 319 -11.33 21.94 9.04
CA ILE E 319 -9.87 21.61 8.94
C ILE E 319 -9.32 21.23 10.33
N ALA E 320 -9.58 22.03 11.37
CA ALA E 320 -9.05 21.72 12.71
C ALA E 320 -9.60 20.39 13.25
N ARG E 321 -10.91 20.16 13.08
CA ARG E 321 -11.64 18.99 13.63
C ARG E 321 -11.12 17.65 13.08
N LYS E 322 -10.57 17.63 11.87
CA LYS E 322 -10.07 16.39 11.22
C LYS E 322 -8.97 15.73 12.08
N SER E 323 -8.10 16.54 12.69
CA SER E 323 -6.95 16.05 13.52
C SER E 323 -7.31 14.86 14.43
N LEU E 324 -8.34 15.02 15.27
CA LEU E 324 -8.76 14.03 16.24
C LEU E 324 -9.90 13.19 15.66
N PRO E 325 -10.23 12.00 16.25
CA PRO E 325 -11.32 11.17 15.69
C PRO E 325 -12.71 11.76 15.86
N LYS E 326 -13.70 11.01 15.39
CA LYS E 326 -15.08 11.49 15.36
C LYS E 326 -15.78 11.15 16.69
N VAL E 327 -15.16 11.60 17.79
CA VAL E 327 -15.76 11.42 19.10
C VAL E 327 -17.01 12.29 19.21
N SER E 328 -17.94 11.84 20.06
CA SER E 328 -19.25 12.44 20.14
C SER E 328 -19.39 13.48 21.24
N TYR E 329 -18.38 13.62 22.10
CA TYR E 329 -18.41 14.61 23.16
C TYR E 329 -17.65 15.85 22.71
N VAL E 330 -17.83 16.92 23.44
CA VAL E 330 -17.16 18.17 23.10
C VAL E 330 -15.80 18.20 23.78
N THR E 331 -14.81 18.65 23.04
CA THR E 331 -13.45 18.80 23.54
C THR E 331 -13.26 20.27 23.88
N ALA E 332 -12.05 20.65 24.24
CA ALA E 332 -11.79 22.06 24.48
C ALA E 332 -11.41 22.79 23.21
N MET E 333 -11.37 22.11 22.06
CA MET E 333 -11.03 22.76 20.81
C MET E 333 -12.22 22.94 19.89
N ASP E 334 -13.18 22.01 19.86
CA ASP E 334 -14.37 22.26 19.08
C ASP E 334 -15.32 23.19 19.82
N LEU E 335 -15.23 23.20 21.15
CA LEU E 335 -15.91 24.21 21.95
C LEU E 335 -15.39 25.60 21.61
N PHE E 336 -14.07 25.72 21.45
CA PHE E 336 -13.46 27.01 21.11
C PHE E 336 -13.93 27.51 19.75
N VAL E 337 -13.86 26.64 18.73
CA VAL E 337 -14.27 27.05 17.39
C VAL E 337 -15.78 27.27 17.34
N SER E 338 -16.55 26.53 18.16
CA SER E 338 -17.99 26.77 18.23
C SER E 338 -18.30 28.12 18.83
N VAL E 339 -17.57 28.51 19.89
CA VAL E 339 -17.78 29.83 20.49
C VAL E 339 -17.34 30.93 19.53
N CYS E 340 -16.25 30.70 18.80
CA CYS E 340 -15.83 31.68 17.80
C CYS E 340 -16.86 31.82 16.67
N PHE E 341 -17.39 30.70 16.16
CA PHE E 341 -18.42 30.76 15.11
C PHE E 341 -19.69 31.46 15.58
N ILE E 342 -20.15 31.17 16.81
CA ILE E 342 -21.31 31.88 17.34
C ILE E 342 -21.01 33.36 17.53
N PHE E 343 -19.77 33.70 17.93
CA PHE E 343 -19.39 35.10 18.09
C PHE E 343 -19.46 35.87 16.77
N VAL E 344 -18.92 35.28 15.69
CA VAL E 344 -18.98 35.90 14.37
C VAL E 344 -20.44 36.04 13.95
N PHE E 345 -21.21 34.97 14.14
CA PHE E 345 -22.65 34.96 13.88
C PHE E 345 -23.37 36.04 14.68
N SER E 346 -22.96 36.23 15.93
CA SER E 346 -23.56 37.21 16.82
C SER E 346 -23.28 38.62 16.34
N ALA E 347 -22.06 38.87 15.87
CA ALA E 347 -21.71 40.17 15.30
C ALA E 347 -22.56 40.46 14.07
N LEU E 348 -22.72 39.47 13.18
CA LEU E 348 -23.51 39.67 11.97
C LEU E 348 -24.99 39.90 12.29
N VAL E 349 -25.58 39.11 13.19
CA VAL E 349 -27.00 39.30 13.51
C VAL E 349 -27.18 40.60 14.28
N GLU E 350 -26.17 41.02 15.06
CA GLU E 350 -26.24 42.31 15.75
C GLU E 350 -26.29 43.45 14.75
N TYR E 351 -25.46 43.38 13.71
CA TYR E 351 -25.54 44.39 12.65
C TYR E 351 -26.91 44.32 11.95
N GLY E 352 -27.45 43.11 11.79
CA GLY E 352 -28.78 42.96 11.22
C GLY E 352 -29.84 43.70 12.01
N THR E 353 -29.84 43.50 13.33
CA THR E 353 -30.77 44.24 14.20
C THR E 353 -30.48 45.74 14.20
N LEU E 354 -29.21 46.14 14.05
CA LEU E 354 -28.86 47.55 13.93
C LEU E 354 -29.49 48.18 12.69
N HIS E 355 -29.36 47.50 11.55
CA HIS E 355 -29.95 48.00 10.31
C HIS E 355 -31.48 47.95 10.37
N TYR E 356 -32.04 47.00 11.11
CA TYR E 356 -33.49 46.97 11.27
C TYR E 356 -33.96 48.11 12.16
N PHE E 357 -33.18 48.44 13.19
CA PHE E 357 -33.58 49.43 14.18
C PHE E 357 -33.26 50.86 13.80
N VAL E 358 -32.36 51.09 12.83
CA VAL E 358 -32.05 52.47 12.43
C VAL E 358 -33.27 53.12 11.76
N SER E 359 -34.16 52.32 11.18
CA SER E 359 -35.34 52.88 10.54
C SER E 359 -36.46 53.09 11.56
N SER E 360 -36.57 52.19 12.53
CA SER E 360 -37.64 52.27 13.52
C SER E 360 -37.39 53.41 14.51
N GLN E 361 -36.32 53.32 15.28
CA GLN E 361 -35.94 54.41 16.17
C GLN E 361 -34.42 54.62 16.18
N PRO E 362 -33.95 55.79 15.75
CA PRO E 362 -32.51 56.05 15.74
C PRO E 362 -31.90 56.24 17.13
N ALA E 363 -32.71 56.57 18.14
CA ALA E 363 -32.19 56.78 19.49
C ALA E 363 -31.60 55.51 20.09
N ARG E 364 -32.14 54.34 19.73
CA ARG E 364 -31.60 53.08 20.20
C ARG E 364 -30.48 52.57 19.32
N ALA E 365 -30.54 52.86 18.02
CA ALA E 365 -29.53 52.39 17.07
C ALA E 365 -28.31 53.30 17.00
N ALA E 366 -28.33 54.46 17.66
CA ALA E 366 -27.18 55.34 17.63
C ALA E 366 -26.04 54.78 18.46
N LYS E 367 -26.34 54.38 19.70
CA LYS E 367 -25.34 53.91 20.64
C LYS E 367 -25.14 52.41 20.57
N MET E 368 -25.62 51.75 19.51
CA MET E 368 -25.44 50.31 19.40
C MET E 368 -23.99 49.96 19.05
N ASP E 369 -23.39 50.70 18.12
CA ASP E 369 -22.00 50.43 17.75
C ASP E 369 -21.04 50.79 18.88
N SER E 370 -21.30 51.91 19.56
CA SER E 370 -20.48 52.28 20.72
C SER E 370 -20.60 51.26 21.84
N TYR E 371 -21.76 50.60 21.95
CA TYR E 371 -21.90 49.53 22.92
C TYR E 371 -21.18 48.27 22.46
N ALA E 372 -21.29 47.93 21.17
CA ALA E 372 -20.68 46.71 20.64
C ALA E 372 -19.16 46.76 20.71
N ARG E 373 -18.57 47.92 20.38
CA ARG E 373 -17.11 48.10 20.41
C ARG E 373 -16.49 47.83 21.77
N ILE E 374 -17.26 47.93 22.84
CA ILE E 374 -16.79 47.62 24.17
C ILE E 374 -17.38 46.33 24.70
N PHE E 375 -18.50 45.85 24.15
CA PHE E 375 -19.12 44.64 24.67
C PHE E 375 -18.48 43.39 24.09
N PHE E 376 -18.12 43.42 22.80
CA PHE E 376 -17.55 42.22 22.18
C PHE E 376 -16.14 41.91 22.67
N PRO E 377 -15.14 42.84 22.66
CA PRO E 377 -13.80 42.45 23.16
C PRO E 377 -13.78 42.07 24.62
N THR E 378 -14.54 42.75 25.49
CA THR E 378 -14.56 42.37 26.90
C THR E 378 -15.18 40.99 27.10
N ALA E 379 -16.29 40.70 26.41
CA ALA E 379 -16.90 39.37 26.53
C ALA E 379 -15.96 38.29 26.04
N PHE E 380 -15.25 38.55 24.94
CA PHE E 380 -14.28 37.59 24.42
C PHE E 380 -13.09 37.41 25.37
N CYS E 381 -12.58 38.49 25.96
CA CYS E 381 -11.46 38.34 26.90
C CYS E 381 -11.90 37.59 28.16
N LEU E 382 -13.12 37.85 28.66
CA LEU E 382 -13.60 37.07 29.80
C LEU E 382 -13.81 35.60 29.43
N PHE E 383 -14.33 35.34 28.22
CA PHE E 383 -14.45 33.95 27.75
C PHE E 383 -13.09 33.28 27.68
N ASN E 384 -12.10 33.97 27.12
CA ASN E 384 -10.74 33.45 27.03
C ASN E 384 -10.16 33.20 28.41
N LEU E 385 -10.38 34.13 29.34
CA LEU E 385 -9.90 33.99 30.71
C LEU E 385 -10.50 32.77 31.37
N VAL E 386 -11.83 32.64 31.34
CA VAL E 386 -12.51 31.53 32.00
C VAL E 386 -12.15 30.21 31.35
N TYR E 387 -12.06 30.19 30.01
CA TYR E 387 -11.72 28.98 29.27
C TYR E 387 -10.30 28.52 29.58
N TRP E 388 -9.31 29.43 29.45
CA TRP E 388 -7.92 29.04 29.65
C TRP E 388 -7.64 28.68 31.10
N VAL E 389 -8.20 29.42 32.06
CA VAL E 389 -8.02 29.09 33.48
C VAL E 389 -8.68 27.75 33.80
N SER E 390 -9.92 27.56 33.35
CA SER E 390 -10.67 26.35 33.66
C SER E 390 -10.09 25.12 33.00
N TYR E 391 -9.44 25.28 31.84
CA TYR E 391 -8.87 24.13 31.14
C TYR E 391 -7.39 23.93 31.39
N LEU E 392 -6.69 24.92 31.97
CA LEU E 392 -5.31 24.74 32.40
C LEU E 392 -5.20 24.44 33.89
N TYR E 393 -6.28 24.58 34.65
CA TYR E 393 -6.29 24.10 36.02
C TYR E 393 -6.44 22.58 36.05
N LEU E 394 -7.18 22.02 35.10
CA LEU E 394 -7.36 20.58 35.01
C LEU E 394 -6.08 19.91 34.50
N ASN F 1 -36.18 -20.83 -20.87
CA ASN F 1 -35.95 -21.82 -21.91
C ASN F 1 -35.43 -21.19 -23.18
N ILE F 2 -34.15 -21.39 -23.45
CA ILE F 2 -33.51 -20.79 -24.62
C ILE F 2 -34.01 -21.49 -25.87
N VAL F 3 -34.48 -20.71 -26.83
CA VAL F 3 -35.02 -21.26 -28.07
C VAL F 3 -33.99 -21.06 -29.17
N MET F 4 -33.87 -22.05 -30.05
CA MET F 4 -32.91 -21.99 -31.16
C MET F 4 -33.71 -22.02 -32.46
N THR F 5 -33.52 -20.99 -33.28
CA THR F 5 -34.18 -20.89 -34.57
C THR F 5 -33.15 -21.15 -35.66
N GLN F 6 -33.36 -22.20 -36.45
CA GLN F 6 -32.41 -22.57 -37.48
C GLN F 6 -32.96 -22.17 -38.84
N SER F 7 -32.06 -21.78 -39.74
CA SER F 7 -32.50 -21.33 -41.04
C SER F 7 -31.52 -21.69 -42.15
N PRO F 8 -32.00 -22.13 -43.32
CA PRO F 8 -33.39 -22.41 -43.66
C PRO F 8 -33.76 -23.86 -43.36
N LYS F 9 -35.05 -24.17 -43.46
CA LYS F 9 -35.55 -25.53 -43.25
C LYS F 9 -35.06 -26.54 -44.29
N SER F 10 -34.87 -26.11 -45.54
CA SER F 10 -34.38 -27.01 -46.57
C SER F 10 -33.51 -26.28 -47.58
N MET F 11 -32.67 -27.04 -48.28
CA MET F 11 -31.70 -26.50 -49.23
C MET F 11 -31.36 -27.54 -50.29
N SER F 12 -31.48 -27.14 -51.56
CA SER F 12 -31.20 -28.01 -52.69
C SER F 12 -29.95 -27.46 -53.37
N MET F 13 -28.96 -28.33 -53.60
CA MET F 13 -27.72 -27.87 -54.20
C MET F 13 -27.03 -29.04 -54.88
N SER F 14 -26.06 -28.73 -55.74
CA SER F 14 -25.36 -29.75 -56.50
C SER F 14 -24.15 -30.19 -55.66
N VAL F 15 -23.25 -30.96 -56.26
CA VAL F 15 -22.10 -31.50 -55.54
C VAL F 15 -20.92 -30.58 -55.75
N GLY F 16 -20.18 -30.27 -54.68
CA GLY F 16 -18.90 -29.61 -54.78
C GLY F 16 -18.85 -28.17 -54.30
N GLU F 17 -19.98 -27.49 -54.21
CA GLU F 17 -19.97 -26.07 -53.87
C GLU F 17 -20.00 -25.87 -52.35
N ARG F 18 -19.98 -24.60 -51.94
CA ARG F 18 -19.97 -24.22 -50.54
C ARG F 18 -21.40 -23.92 -50.08
N VAL F 19 -21.73 -24.37 -48.89
CA VAL F 19 -23.07 -24.23 -48.33
C VAL F 19 -22.93 -23.68 -46.92
N THR F 20 -23.96 -23.00 -46.45
CA THR F 20 -23.94 -22.29 -45.18
C THR F 20 -25.28 -22.47 -44.51
N LEU F 21 -25.26 -22.80 -43.22
CA LEU F 21 -26.44 -22.97 -42.40
C LEU F 21 -26.35 -22.00 -41.23
N SER F 22 -27.50 -21.48 -40.81
CA SER F 22 -27.50 -20.47 -39.76
C SER F 22 -28.33 -20.96 -38.58
N CYS F 23 -27.96 -20.47 -37.39
CA CYS F 23 -28.67 -20.79 -36.16
C CYS F 23 -28.66 -19.57 -35.28
N LYS F 24 -29.78 -19.27 -34.65
CA LYS F 24 -29.93 -18.09 -33.81
C LYS F 24 -30.55 -18.50 -32.49
N ALA F 25 -30.12 -17.84 -31.42
CA ALA F 25 -30.64 -18.10 -30.09
C ALA F 25 -31.49 -16.95 -29.59
N SER F 26 -32.43 -17.27 -28.70
CA SER F 26 -33.23 -16.23 -28.08
C SER F 26 -32.44 -15.52 -27.00
N GLU F 27 -31.89 -16.27 -26.06
CA GLU F 27 -31.06 -15.76 -24.99
C GLU F 27 -29.59 -15.87 -25.39
N TYR F 28 -28.70 -15.68 -24.43
CA TYR F 28 -27.26 -15.76 -24.64
C TYR F 28 -26.83 -17.21 -24.47
N VAL F 29 -26.06 -17.72 -25.44
CA VAL F 29 -25.39 -19.02 -25.33
C VAL F 29 -23.95 -18.78 -25.78
N GLY F 30 -23.04 -18.70 -24.82
CA GLY F 30 -21.70 -18.30 -25.22
C GLY F 30 -20.84 -19.46 -25.65
N THR F 31 -20.78 -19.71 -26.96
CA THR F 31 -19.98 -20.77 -27.58
C THR F 31 -20.27 -22.14 -26.97
N TYR F 32 -21.54 -22.38 -26.67
CA TYR F 32 -21.96 -23.70 -26.20
C TYR F 32 -23.01 -24.27 -27.14
N VAL F 33 -22.75 -24.20 -28.42
CA VAL F 33 -23.70 -24.60 -29.44
C VAL F 33 -23.07 -25.71 -30.26
N SER F 34 -23.73 -26.85 -30.32
CA SER F 34 -23.22 -28.01 -31.02
C SER F 34 -23.98 -28.21 -32.32
N TRP F 35 -23.30 -28.80 -33.29
CA TRP F 35 -23.88 -29.10 -34.60
C TRP F 35 -23.86 -30.60 -34.80
N TYR F 36 -25.03 -31.17 -35.00
CA TYR F 36 -25.20 -32.60 -35.20
C TYR F 36 -25.69 -32.89 -36.60
N GLN F 37 -25.31 -34.05 -37.11
CA GLN F 37 -25.76 -34.52 -38.41
C GLN F 37 -26.48 -35.83 -38.20
N GLN F 38 -27.70 -35.94 -38.71
CA GLN F 38 -28.50 -37.15 -38.56
C GLN F 38 -28.97 -37.58 -39.94
N LYS F 39 -28.53 -38.75 -40.37
CA LYS F 39 -29.02 -39.34 -41.60
C LYS F 39 -30.37 -40.01 -41.32
N PRO F 40 -31.19 -40.25 -42.36
CA PRO F 40 -32.51 -40.86 -42.13
C PRO F 40 -32.42 -42.25 -41.50
N GLU F 41 -33.19 -42.44 -40.43
CA GLU F 41 -33.28 -43.68 -39.65
C GLU F 41 -31.91 -44.04 -39.05
N GLN F 42 -31.33 -43.05 -38.36
CA GLN F 42 -30.06 -43.22 -37.65
C GLN F 42 -30.06 -42.25 -36.47
N SER F 43 -29.03 -42.35 -35.67
CA SER F 43 -28.88 -41.48 -34.51
C SER F 43 -28.00 -40.28 -34.85
N PRO F 44 -28.24 -39.13 -34.21
CA PRO F 44 -27.41 -37.95 -34.51
C PRO F 44 -25.97 -38.15 -34.08
N LYS F 45 -25.05 -37.63 -34.90
CA LYS F 45 -23.63 -37.71 -34.63
C LYS F 45 -23.09 -36.30 -34.47
N LEU F 46 -22.23 -36.11 -33.48
CA LEU F 46 -21.68 -34.79 -33.21
C LEU F 46 -20.66 -34.43 -34.30
N LEU F 47 -20.87 -33.27 -34.93
CA LEU F 47 -19.92 -32.72 -35.88
C LEU F 47 -19.03 -31.65 -35.26
N ILE F 48 -19.66 -30.61 -34.71
CA ILE F 48 -18.96 -29.45 -34.17
C ILE F 48 -19.43 -29.26 -32.75
N TYR F 49 -18.48 -29.08 -31.83
CA TYR F 49 -18.79 -28.76 -30.44
C TYR F 49 -18.22 -27.39 -30.12
N GLY F 50 -18.41 -26.96 -28.88
CA GLY F 50 -18.05 -25.59 -28.51
C GLY F 50 -18.88 -24.62 -29.31
N ALA F 51 -18.22 -23.87 -30.14
CA ALA F 51 -18.84 -23.21 -31.28
C ALA F 51 -18.06 -23.48 -32.55
N SER F 52 -16.73 -23.58 -32.45
CA SER F 52 -15.85 -23.93 -33.57
C SER F 52 -14.84 -24.96 -33.07
N ASN F 53 -15.23 -26.24 -33.11
CA ASN F 53 -14.36 -27.31 -32.63
C ASN F 53 -14.79 -28.60 -33.33
N ARG F 54 -13.97 -29.06 -34.28
CA ARG F 54 -14.30 -30.28 -35.01
C ARG F 54 -14.16 -31.50 -34.12
N TYR F 55 -15.18 -32.35 -34.11
CA TYR F 55 -15.13 -33.60 -33.36
C TYR F 55 -14.13 -34.58 -33.97
N THR F 56 -13.54 -35.40 -33.11
CA THR F 56 -12.48 -36.32 -33.50
C THR F 56 -13.09 -37.44 -34.35
N GLY F 57 -12.97 -37.31 -35.67
CA GLY F 57 -13.48 -38.32 -36.56
C GLY F 57 -14.33 -37.70 -37.64
N VAL F 58 -14.29 -36.37 -37.72
CA VAL F 58 -15.07 -35.60 -38.68
C VAL F 58 -14.09 -35.06 -39.72
N PRO F 59 -14.49 -34.88 -40.98
CA PRO F 59 -13.59 -34.27 -41.95
C PRO F 59 -13.30 -32.81 -41.64
N ASP F 60 -12.37 -32.26 -42.41
CA ASP F 60 -11.94 -30.88 -42.22
C ASP F 60 -12.82 -29.91 -43.01
N ARG F 61 -13.75 -30.42 -43.82
CA ARG F 61 -14.56 -29.52 -44.61
C ARG F 61 -15.67 -28.87 -43.79
N PHE F 62 -15.96 -29.38 -42.59
CA PHE F 62 -16.90 -28.73 -41.70
C PHE F 62 -16.14 -27.72 -40.85
N THR F 63 -16.72 -26.53 -40.71
CA THR F 63 -16.14 -25.50 -39.88
C THR F 63 -17.28 -24.72 -39.23
N GLY F 64 -17.11 -24.40 -37.96
CA GLY F 64 -18.07 -23.63 -37.19
C GLY F 64 -17.59 -22.22 -36.93
N SER F 65 -18.53 -21.30 -36.84
CA SER F 65 -18.22 -19.91 -36.52
C SER F 65 -19.26 -19.46 -35.51
N GLY F 66 -18.80 -18.91 -34.38
CA GLY F 66 -19.66 -18.64 -33.26
C GLY F 66 -19.63 -17.20 -32.79
N SER F 67 -20.63 -16.87 -31.99
CA SER F 67 -20.81 -15.56 -31.40
C SER F 67 -21.53 -15.76 -30.07
N ALA F 68 -22.16 -14.70 -29.56
CA ALA F 68 -23.00 -14.87 -28.39
C ALA F 68 -24.40 -15.34 -28.72
N THR F 69 -24.91 -15.01 -29.91
CA THR F 69 -26.26 -15.35 -30.32
C THR F 69 -26.34 -15.99 -31.71
N ASP F 70 -25.50 -15.56 -32.64
CA ASP F 70 -25.58 -16.01 -34.03
C ASP F 70 -24.48 -17.02 -34.31
N PHE F 71 -24.86 -18.21 -34.75
CA PHE F 71 -23.92 -19.27 -35.04
C PHE F 71 -24.18 -19.79 -36.44
N THR F 72 -23.14 -20.35 -37.04
CA THR F 72 -23.28 -20.85 -38.39
C THR F 72 -22.37 -22.03 -38.63
N LEU F 73 -22.79 -22.90 -39.55
CA LEU F 73 -22.00 -24.05 -39.97
C LEU F 73 -21.86 -23.96 -41.47
N THR F 74 -20.62 -23.86 -41.94
CA THR F 74 -20.32 -23.74 -43.35
C THR F 74 -19.58 -25.00 -43.79
N ILE F 75 -20.04 -25.59 -44.89
CA ILE F 75 -19.39 -26.77 -45.45
C ILE F 75 -18.86 -26.40 -46.83
N GLY F 76 -17.55 -26.38 -46.97
CA GLY F 76 -16.91 -26.06 -48.23
C GLY F 76 -16.52 -27.36 -48.91
N SER F 77 -16.82 -27.45 -50.21
CA SER F 77 -16.56 -28.61 -51.07
C SER F 77 -17.25 -29.87 -50.51
N VAL F 78 -18.59 -29.79 -50.54
CA VAL F 78 -19.45 -30.87 -50.05
C VAL F 78 -19.23 -32.12 -50.93
N GLN F 79 -19.59 -33.28 -50.38
CA GLN F 79 -19.50 -34.54 -51.09
C GLN F 79 -20.91 -35.14 -51.23
N ALA F 80 -20.96 -36.38 -51.73
CA ALA F 80 -22.23 -37.07 -51.94
C ALA F 80 -22.79 -37.75 -50.70
N GLU F 81 -22.04 -37.81 -49.59
CA GLU F 81 -22.52 -38.41 -48.36
C GLU F 81 -22.87 -37.39 -47.28
N ASP F 82 -22.79 -36.10 -47.58
CA ASP F 82 -23.18 -35.06 -46.63
C ASP F 82 -24.64 -34.66 -46.74
N LEU F 83 -25.53 -35.54 -47.21
CA LEU F 83 -26.95 -35.25 -47.24
C LEU F 83 -27.57 -35.92 -46.02
N ALA F 84 -28.16 -35.11 -45.15
CA ALA F 84 -28.74 -35.56 -43.89
C ALA F 84 -29.50 -34.38 -43.28
N ASP F 85 -30.03 -34.60 -42.09
CA ASP F 85 -30.60 -33.54 -41.29
C ASP F 85 -29.51 -32.94 -40.42
N TYR F 86 -29.59 -31.64 -40.20
CA TYR F 86 -28.60 -30.95 -39.39
C TYR F 86 -29.30 -30.16 -38.30
N HIS F 87 -28.89 -30.38 -37.06
CA HIS F 87 -29.50 -29.74 -35.91
C HIS F 87 -28.46 -28.91 -35.18
N CYS F 88 -28.84 -27.73 -34.74
CA CYS F 88 -28.03 -26.92 -33.85
C CYS F 88 -28.66 -26.99 -32.47
N GLY F 89 -27.85 -27.22 -31.46
CA GLY F 89 -28.37 -27.32 -30.12
C GLY F 89 -27.49 -26.57 -29.15
N GLN F 90 -28.12 -25.83 -28.24
CA GLN F 90 -27.38 -25.09 -27.25
C GLN F 90 -27.22 -25.92 -25.98
N SER F 91 -26.19 -25.60 -25.23
CA SER F 91 -25.96 -26.29 -23.97
C SER F 91 -25.59 -25.35 -22.84
N TYR F 92 -25.72 -24.04 -23.05
CA TYR F 92 -25.47 -23.07 -21.99
C TYR F 92 -26.42 -23.28 -20.82
N SER F 93 -27.66 -23.62 -21.12
CA SER F 93 -28.69 -23.97 -20.16
C SER F 93 -29.06 -25.41 -20.46
N TYR F 94 -30.19 -25.85 -19.90
CA TYR F 94 -30.76 -27.13 -20.26
C TYR F 94 -30.93 -27.21 -21.78
N PRO F 95 -30.50 -28.31 -22.42
CA PRO F 95 -30.31 -28.29 -23.87
C PRO F 95 -31.61 -28.20 -24.64
N THR F 96 -31.62 -27.33 -25.64
CA THR F 96 -32.71 -27.20 -26.59
C THR F 96 -32.12 -27.18 -27.98
N PHE F 97 -32.81 -27.82 -28.91
CA PHE F 97 -32.34 -27.97 -30.26
C PHE F 97 -33.13 -27.06 -31.18
N GLY F 98 -32.68 -26.99 -32.43
CA GLY F 98 -33.40 -26.27 -33.45
C GLY F 98 -34.35 -27.19 -34.17
N ALA F 99 -35.08 -26.61 -35.11
CA ALA F 99 -36.11 -27.37 -35.82
C ALA F 99 -35.48 -28.39 -36.76
N GLY F 100 -34.28 -28.11 -37.23
CA GLY F 100 -33.58 -28.98 -38.15
C GLY F 100 -33.40 -28.32 -39.51
N THR F 101 -32.62 -28.98 -40.35
CA THR F 101 -32.35 -28.49 -41.69
C THR F 101 -32.03 -29.71 -42.54
N LYS F 102 -32.94 -30.05 -43.45
CA LYS F 102 -32.67 -31.12 -44.38
C LYS F 102 -31.73 -30.58 -45.45
N LEU F 103 -30.84 -31.44 -45.92
CA LEU F 103 -29.91 -31.06 -46.98
C LEU F 103 -29.97 -32.14 -48.05
N GLU F 104 -30.40 -31.77 -49.25
CA GLU F 104 -30.62 -32.73 -50.31
C GLU F 104 -29.83 -32.30 -51.54
N LEU F 105 -29.51 -33.27 -52.39
CA LEU F 105 -28.74 -33.02 -53.60
C LEU F 105 -29.64 -33.06 -54.83
N VAL G 2 -18.08 -44.83 -25.10
CA VAL G 2 -17.57 -45.47 -26.30
C VAL G 2 -18.71 -46.15 -27.03
N GLN G 3 -19.63 -46.72 -26.26
CA GLN G 3 -20.80 -47.36 -26.84
C GLN G 3 -21.99 -47.21 -25.90
N LEU G 4 -23.15 -46.92 -26.48
CA LEU G 4 -24.40 -46.87 -25.75
C LEU G 4 -25.37 -47.83 -26.43
N GLN G 5 -25.86 -48.80 -25.68
CA GLN G 5 -26.76 -49.82 -26.21
C GLN G 5 -28.14 -49.61 -25.61
N GLN G 6 -29.11 -49.37 -26.48
CA GLN G 6 -30.50 -49.17 -26.07
C GLN G 6 -31.28 -50.46 -26.27
N SER G 7 -32.53 -50.44 -25.81
CA SER G 7 -33.39 -51.60 -25.91
C SER G 7 -33.98 -51.71 -27.32
N GLY G 8 -34.92 -52.64 -27.49
CA GLY G 8 -35.54 -52.88 -28.78
C GLY G 8 -36.88 -52.18 -28.88
N ALA G 9 -37.27 -51.88 -30.12
CA ALA G 9 -38.56 -51.22 -30.38
C ALA G 9 -39.71 -52.11 -29.93
N GLU G 10 -40.82 -51.47 -29.55
CA GLU G 10 -41.97 -52.21 -29.03
C GLU G 10 -43.21 -51.33 -29.13
N LEU G 11 -44.37 -51.97 -28.93
CA LEU G 11 -45.66 -51.31 -28.88
C LEU G 11 -46.11 -51.19 -27.43
N VAL G 12 -47.08 -50.30 -27.22
CA VAL G 12 -47.66 -50.01 -25.90
C VAL G 12 -49.08 -49.50 -26.14
N LYS G 13 -50.02 -49.93 -25.25
CA LYS G 13 -51.43 -49.57 -25.29
C LYS G 13 -51.60 -48.16 -24.72
N PRO G 14 -52.50 -47.34 -25.28
CA PRO G 14 -52.70 -45.97 -24.77
C PRO G 14 -53.19 -45.95 -23.33
N GLY G 15 -52.39 -45.36 -22.45
CA GLY G 15 -52.70 -45.27 -21.04
C GLY G 15 -51.82 -46.12 -20.15
N ALA G 16 -50.90 -46.88 -20.72
CA ALA G 16 -50.01 -47.75 -19.96
C ALA G 16 -48.73 -47.01 -19.62
N SER G 17 -47.72 -47.74 -19.15
CA SER G 17 -46.42 -47.17 -18.86
C SER G 17 -45.33 -48.06 -19.46
N VAL G 18 -44.24 -47.43 -19.88
CA VAL G 18 -43.12 -48.13 -20.49
C VAL G 18 -41.85 -47.69 -19.75
N LYS G 19 -40.84 -48.55 -19.79
CA LYS G 19 -39.53 -48.27 -19.20
C LYS G 19 -38.46 -48.62 -20.22
N LEU G 20 -37.85 -47.60 -20.80
CA LEU G 20 -36.78 -47.81 -21.77
C LEU G 20 -35.44 -47.81 -21.07
N SER G 21 -34.51 -48.61 -21.59
CA SER G 21 -33.22 -48.80 -20.97
C SER G 21 -32.12 -48.40 -21.95
N CYS G 22 -30.97 -48.07 -21.37
CA CYS G 22 -29.81 -47.66 -22.16
C CYS G 22 -28.58 -48.15 -21.40
N THR G 23 -27.90 -49.15 -21.96
CA THR G 23 -26.76 -49.77 -21.32
C THR G 23 -25.48 -49.21 -21.92
N ALA G 24 -24.61 -48.69 -21.06
CA ALA G 24 -23.36 -48.09 -21.50
C ALA G 24 -22.22 -49.09 -21.37
N SER G 25 -21.33 -49.08 -22.35
CA SER G 25 -20.16 -49.95 -22.37
C SER G 25 -19.00 -49.17 -22.94
N GLY G 26 -17.90 -49.14 -22.22
CA GLY G 26 -16.71 -48.39 -22.60
C GLY G 26 -16.40 -47.22 -21.70
N PHE G 27 -17.28 -46.91 -20.76
CA PHE G 27 -17.07 -45.82 -19.82
C PHE G 27 -17.98 -46.07 -18.62
N ASN G 28 -17.84 -45.22 -17.61
CA ASN G 28 -18.64 -45.28 -16.40
C ASN G 28 -19.63 -44.13 -16.43
N ILE G 29 -20.91 -44.43 -16.21
CA ILE G 29 -21.92 -43.38 -16.27
C ILE G 29 -21.83 -42.42 -15.10
N LYS G 30 -21.16 -42.82 -14.01
CA LYS G 30 -20.93 -41.93 -12.87
C LYS G 30 -19.97 -40.78 -13.17
N ASP G 31 -19.37 -40.72 -14.35
CA ASP G 31 -18.42 -39.68 -14.70
C ASP G 31 -19.10 -38.53 -15.42
N THR G 32 -20.02 -38.83 -16.34
CA THR G 32 -20.66 -37.85 -17.19
C THR G 32 -22.13 -37.74 -16.84
N TYR G 33 -22.80 -36.82 -17.50
CA TYR G 33 -24.25 -36.74 -17.42
C TYR G 33 -24.86 -37.62 -18.51
N MET G 34 -26.10 -38.02 -18.30
CA MET G 34 -26.81 -38.84 -19.28
C MET G 34 -28.11 -38.14 -19.66
N TYR G 35 -28.29 -37.92 -20.95
CA TYR G 35 -29.44 -37.20 -21.48
C TYR G 35 -30.38 -38.16 -22.20
N TRP G 36 -31.66 -37.85 -22.14
CA TRP G 36 -32.66 -38.56 -22.91
C TRP G 36 -33.30 -37.55 -23.86
N VAL G 37 -33.28 -37.88 -25.16
CA VAL G 37 -33.78 -37.00 -26.20
C VAL G 37 -34.85 -37.76 -26.96
N LYS G 38 -35.89 -37.05 -27.40
CA LYS G 38 -36.99 -37.64 -28.14
C LYS G 38 -37.07 -36.98 -29.50
N GLN G 39 -37.26 -37.78 -30.55
CA GLN G 39 -37.37 -37.27 -31.90
C GLN G 39 -38.62 -37.87 -32.55
N ARG G 40 -39.45 -37.00 -33.07
CA ARG G 40 -40.64 -37.36 -33.83
C ARG G 40 -40.25 -37.55 -35.29
N PRO G 41 -41.05 -38.29 -36.08
CA PRO G 41 -40.71 -38.52 -37.49
C PRO G 41 -40.66 -37.22 -38.29
N GLU G 42 -39.46 -36.95 -38.86
CA GLU G 42 -39.16 -35.79 -39.70
C GLU G 42 -39.43 -34.48 -38.96
N GLN G 43 -39.04 -34.43 -37.69
CA GLN G 43 -39.14 -33.23 -36.87
C GLN G 43 -37.80 -33.02 -36.16
N GLY G 44 -37.73 -31.94 -35.38
CA GLY G 44 -36.52 -31.67 -34.64
C GLY G 44 -36.42 -32.46 -33.37
N LEU G 45 -35.21 -32.52 -32.82
CA LEU G 45 -35.00 -33.22 -31.57
C LEU G 45 -35.52 -32.38 -30.42
N GLU G 46 -36.02 -33.06 -29.38
CA GLU G 46 -36.51 -32.39 -28.19
C GLU G 46 -35.95 -33.12 -26.97
N TRP G 47 -35.40 -32.34 -26.05
CA TRP G 47 -34.77 -32.88 -24.84
C TRP G 47 -35.80 -33.20 -23.77
N ILE G 48 -35.75 -34.43 -23.27
CA ILE G 48 -36.69 -34.90 -22.26
C ILE G 48 -36.14 -34.57 -20.88
N GLY G 49 -34.98 -35.12 -20.54
CA GLY G 49 -34.48 -34.95 -19.19
C GLY G 49 -33.02 -35.32 -19.09
N ARG G 50 -32.50 -35.14 -17.88
CA ARG G 50 -31.08 -35.17 -17.59
C ARG G 50 -30.93 -35.89 -16.26
N ILE G 51 -29.94 -36.76 -16.15
CA ILE G 51 -29.64 -37.42 -14.88
C ILE G 51 -28.14 -37.32 -14.62
N ASP G 52 -27.79 -37.07 -13.36
CA ASP G 52 -26.41 -37.09 -12.89
C ASP G 52 -26.22 -38.36 -12.09
N PRO G 53 -25.68 -39.43 -12.70
CA PRO G 53 -25.63 -40.73 -12.02
C PRO G 53 -24.74 -40.78 -10.78
N ALA G 54 -23.75 -39.89 -10.67
CA ALA G 54 -22.87 -39.89 -9.50
C ALA G 54 -23.61 -39.43 -8.26
N ASN G 55 -24.33 -38.31 -8.38
CA ASN G 55 -25.09 -37.77 -7.26
C ASN G 55 -26.48 -38.39 -7.20
N GLY G 56 -27.22 -38.35 -8.30
CA GLY G 56 -28.56 -38.89 -8.37
C GLY G 56 -29.64 -37.87 -8.66
N ASP G 57 -29.30 -36.58 -8.72
CA ASP G 57 -30.32 -35.58 -8.98
C ASP G 57 -30.60 -35.49 -10.47
N THR G 58 -31.85 -35.20 -10.80
CA THR G 58 -32.30 -35.18 -12.18
C THR G 58 -33.01 -33.86 -12.46
N LYS G 59 -33.04 -33.50 -13.74
CA LYS G 59 -33.82 -32.37 -14.23
C LYS G 59 -34.63 -32.84 -15.42
N TYR G 60 -35.78 -32.20 -15.64
CA TYR G 60 -36.65 -32.56 -16.74
C TYR G 60 -37.11 -31.30 -17.46
N ASP G 61 -37.40 -31.47 -18.74
CA ASP G 61 -38.04 -30.43 -19.52
C ASP G 61 -39.41 -30.14 -18.92
N PRO G 62 -39.80 -28.85 -18.79
CA PRO G 62 -41.15 -28.52 -18.30
C PRO G 62 -42.29 -29.20 -19.06
N LYS G 63 -42.11 -29.49 -20.34
CA LYS G 63 -43.13 -30.24 -21.07
C LYS G 63 -43.20 -31.68 -20.59
N PHE G 64 -42.07 -32.25 -20.18
CA PHE G 64 -42.01 -33.63 -19.70
C PHE G 64 -41.95 -33.72 -18.19
N GLN G 65 -42.10 -32.60 -17.48
CA GLN G 65 -42.05 -32.62 -16.03
C GLN G 65 -43.27 -33.34 -15.47
N GLY G 66 -43.04 -34.36 -14.65
CA GLY G 66 -44.11 -35.12 -14.05
C GLY G 66 -44.58 -36.29 -14.87
N LYS G 67 -44.27 -36.32 -16.17
CA LYS G 67 -44.66 -37.42 -17.03
C LYS G 67 -43.58 -38.48 -17.11
N ALA G 68 -42.32 -38.08 -17.14
CA ALA G 68 -41.20 -39.00 -17.26
C ALA G 68 -40.38 -39.00 -15.98
N THR G 69 -39.76 -40.15 -15.70
CA THR G 69 -38.89 -40.29 -14.55
C THR G 69 -37.65 -41.08 -14.97
N ILE G 70 -36.49 -40.44 -14.85
CA ILE G 70 -35.22 -41.02 -15.25
C ILE G 70 -34.50 -41.52 -14.02
N THR G 71 -33.96 -42.74 -14.08
CA THR G 71 -33.21 -43.32 -13.00
C THR G 71 -32.01 -44.04 -13.57
N THR G 72 -31.13 -44.49 -12.70
CA THR G 72 -29.88 -45.11 -13.13
C THR G 72 -29.55 -46.31 -12.25
N ASP G 73 -28.62 -47.12 -12.75
CA ASP G 73 -28.08 -48.25 -11.99
C ASP G 73 -26.62 -48.35 -12.36
N THR G 74 -25.74 -48.01 -11.42
CA THR G 74 -24.31 -47.96 -11.71
C THR G 74 -23.66 -49.33 -11.74
N PHE G 75 -24.26 -50.32 -11.06
CA PHE G 75 -23.73 -51.69 -11.07
C PHE G 75 -23.72 -52.27 -12.48
N SER G 76 -24.86 -52.26 -13.15
CA SER G 76 -24.96 -52.76 -14.51
C SER G 76 -24.62 -51.71 -15.56
N ASN G 77 -24.30 -50.49 -15.14
CA ASN G 77 -23.92 -49.37 -16.02
C ASN G 77 -25.04 -49.06 -17.01
N THR G 78 -26.24 -48.85 -16.49
CA THR G 78 -27.41 -48.65 -17.33
C THR G 78 -28.11 -47.38 -16.86
N ALA G 79 -28.93 -46.81 -17.75
CA ALA G 79 -29.74 -45.65 -17.46
C ALA G 79 -31.14 -45.95 -17.96
N TYR G 80 -32.14 -45.65 -17.15
CA TYR G 80 -33.51 -45.98 -17.48
C TYR G 80 -34.36 -44.73 -17.62
N LEU G 81 -35.33 -44.80 -18.51
CA LEU G 81 -36.33 -43.75 -18.68
C LEU G 81 -37.69 -44.42 -18.59
N GLN G 82 -38.46 -44.02 -17.60
CA GLN G 82 -39.80 -44.56 -17.38
C GLN G 82 -40.80 -43.49 -17.76
N LEU G 83 -41.66 -43.81 -18.70
CA LEU G 83 -42.72 -42.92 -19.14
C LEU G 83 -44.04 -43.44 -18.61
N SER G 84 -44.87 -42.54 -18.10
CA SER G 84 -46.17 -42.91 -17.56
C SER G 84 -47.22 -42.00 -18.15
N SER G 85 -48.47 -42.47 -18.10
CA SER G 85 -49.67 -41.80 -18.62
C SER G 85 -49.46 -41.41 -20.08
N LEU G 86 -49.22 -42.42 -20.90
CA LEU G 86 -48.87 -42.19 -22.29
C LEU G 86 -50.09 -41.80 -23.11
N THR G 87 -49.82 -41.13 -24.22
CA THR G 87 -50.84 -40.70 -25.18
C THR G 87 -50.46 -41.14 -26.58
N SER G 88 -51.21 -40.67 -27.57
CA SER G 88 -50.94 -41.05 -28.95
C SER G 88 -49.86 -40.19 -29.59
N GLU G 89 -49.57 -39.02 -29.02
CA GLU G 89 -48.52 -38.14 -29.54
C GLU G 89 -47.15 -38.47 -28.97
N ASP G 90 -46.98 -39.65 -28.39
CA ASP G 90 -45.71 -40.10 -27.86
C ASP G 90 -45.02 -41.07 -28.81
N THR G 91 -45.63 -41.37 -29.95
CA THR G 91 -44.98 -42.23 -30.95
C THR G 91 -43.79 -41.50 -31.54
N ALA G 92 -42.60 -41.92 -31.15
CA ALA G 92 -41.38 -41.21 -31.51
C ALA G 92 -40.21 -42.18 -31.43
N VAL G 93 -39.01 -41.64 -31.55
CA VAL G 93 -37.76 -42.37 -31.38
C VAL G 93 -37.03 -41.71 -30.22
N TYR G 94 -36.65 -42.49 -29.22
CA TYR G 94 -36.04 -41.97 -28.01
C TYR G 94 -34.57 -42.31 -27.99
N TYR G 95 -33.74 -41.30 -27.77
CA TYR G 95 -32.30 -41.45 -27.78
C TYR G 95 -31.72 -41.24 -26.39
N CYS G 96 -30.64 -41.97 -26.12
CA CYS G 96 -29.90 -41.91 -24.87
C CYS G 96 -28.51 -41.39 -25.20
N ALA G 97 -28.17 -40.22 -24.67
CA ALA G 97 -26.95 -39.53 -25.03
C ALA G 97 -26.07 -39.34 -23.80
N ARG G 98 -24.78 -39.19 -24.05
CA ARG G 98 -23.77 -39.04 -23.02
C ARG G 98 -23.16 -37.66 -23.15
N LYS G 99 -23.03 -36.95 -22.03
CA LYS G 99 -22.44 -35.63 -22.09
C LYS G 99 -20.93 -35.77 -22.19
N GLY G 100 -20.31 -34.81 -22.87
CA GLY G 100 -18.87 -34.80 -22.90
C GLY G 100 -18.34 -33.80 -23.90
N LEU G 101 -17.11 -33.34 -23.67
CA LEU G 101 -16.36 -32.46 -24.57
C LEU G 101 -17.13 -31.16 -24.83
N ARG G 102 -17.20 -30.35 -23.76
CA ARG G 102 -17.74 -28.99 -23.75
C ARG G 102 -19.25 -28.98 -23.95
N TRP G 103 -19.94 -29.91 -23.28
CA TRP G 103 -21.41 -30.00 -23.23
C TRP G 103 -21.98 -30.18 -24.63
N ALA G 104 -21.65 -31.32 -25.21
CA ALA G 104 -21.93 -31.50 -26.62
C ALA G 104 -22.81 -32.69 -26.95
N MET G 105 -22.98 -33.65 -26.05
CA MET G 105 -23.69 -34.91 -26.30
C MET G 105 -23.05 -35.64 -27.48
N ASP G 106 -21.80 -36.04 -27.25
CA ASP G 106 -20.96 -36.57 -28.31
C ASP G 106 -21.35 -38.00 -28.69
N TYR G 107 -21.75 -38.81 -27.72
CA TYR G 107 -22.08 -40.20 -27.96
C TYR G 107 -23.58 -40.38 -27.79
N TRP G 108 -24.21 -40.97 -28.79
CA TRP G 108 -25.64 -41.23 -28.78
C TRP G 108 -25.87 -42.73 -28.81
N GLY G 109 -27.09 -43.13 -28.53
CA GLY G 109 -27.48 -44.52 -28.58
C GLY G 109 -27.86 -44.93 -29.97
N GLN G 110 -28.62 -46.02 -30.06
CA GLN G 110 -29.17 -46.46 -31.33
C GLN G 110 -30.61 -46.04 -31.52
N GLY G 111 -31.27 -45.64 -30.45
CA GLY G 111 -32.64 -45.17 -30.51
C GLY G 111 -33.65 -46.28 -30.51
N THR G 112 -34.65 -46.19 -29.65
CA THR G 112 -35.74 -47.15 -29.62
C THR G 112 -37.00 -46.51 -30.15
N SER G 113 -37.72 -47.26 -30.98
CA SER G 113 -38.97 -46.78 -31.53
C SER G 113 -40.08 -47.20 -30.59
N VAL G 114 -40.78 -46.21 -30.03
CA VAL G 114 -41.91 -46.45 -29.14
C VAL G 114 -43.16 -46.06 -29.90
N THR G 115 -44.06 -47.01 -30.09
CA THR G 115 -45.28 -46.76 -30.83
C THR G 115 -46.48 -47.04 -29.92
N VAL G 116 -47.49 -46.19 -30.02
CA VAL G 116 -48.69 -46.26 -29.20
C VAL G 116 -49.84 -46.60 -30.12
N SER G 117 -50.47 -47.75 -29.88
CA SER G 117 -51.58 -48.19 -30.72
C SER G 117 -52.91 -48.06 -29.99
N ASN H 1 42.76 15.27 -0.33
CA ASN H 1 43.79 14.88 0.61
C ASN H 1 43.62 15.65 1.92
N ILE H 2 43.10 14.97 2.93
CA ILE H 2 42.82 15.58 4.23
C ILE H 2 44.14 15.91 4.91
N VAL H 3 44.32 17.18 5.29
CA VAL H 3 45.57 17.64 5.88
C VAL H 3 45.39 17.68 7.38
N MET H 4 46.33 17.08 8.11
CA MET H 4 46.32 17.07 9.56
C MET H 4 47.39 18.02 10.05
N THR H 5 47.01 18.98 10.88
CA THR H 5 47.94 19.95 11.44
C THR H 5 48.11 19.65 12.91
N GLN H 6 49.35 19.41 13.32
CA GLN H 6 49.66 19.02 14.68
C GLN H 6 50.34 20.17 15.38
N SER H 7 50.00 20.38 16.66
CA SER H 7 50.55 21.50 17.37
C SER H 7 50.87 21.10 18.81
N PRO H 8 51.98 21.60 19.36
CA PRO H 8 53.00 22.42 18.70
C PRO H 8 54.05 21.61 17.93
N LYS H 9 54.84 22.30 17.11
CA LYS H 9 55.86 21.63 16.30
C LYS H 9 57.04 21.15 17.14
N SER H 10 57.24 21.78 18.30
CA SER H 10 58.31 21.45 19.21
C SER H 10 57.90 22.02 20.55
N MET H 11 58.11 21.24 21.62
CA MET H 11 57.72 21.66 22.94
C MET H 11 58.73 21.14 23.94
N SER H 12 58.75 21.77 25.12
CA SER H 12 59.59 21.35 26.22
C SER H 12 58.71 21.21 27.45
N MET H 13 59.12 20.32 28.35
CA MET H 13 58.31 19.97 29.50
C MET H 13 59.15 19.18 30.51
N SER H 14 58.74 19.23 31.77
CA SER H 14 59.44 18.57 32.86
C SER H 14 58.82 17.19 33.12
N VAL H 15 59.21 16.56 34.22
CA VAL H 15 58.78 15.20 34.57
C VAL H 15 57.57 15.26 35.49
N GLY H 16 56.62 14.35 35.31
CA GLY H 16 55.51 14.21 36.24
C GLY H 16 54.41 15.25 36.15
N GLU H 17 54.13 15.75 34.95
CA GLU H 17 53.12 16.78 34.76
C GLU H 17 52.24 16.43 33.57
N ARG H 18 51.01 16.90 33.59
CA ARG H 18 50.07 16.61 32.53
C ARG H 18 50.46 17.38 31.27
N VAL H 19 50.27 16.75 30.11
CA VAL H 19 50.59 17.37 28.82
C VAL H 19 49.48 16.99 27.84
N THR H 20 49.19 17.91 26.93
CA THR H 20 48.12 17.75 25.96
C THR H 20 48.67 18.16 24.60
N LEU H 21 48.50 17.27 23.62
CA LEU H 21 48.91 17.51 22.24
C LEU H 21 47.64 17.58 21.41
N SER H 22 47.67 18.40 20.36
CA SER H 22 46.47 18.63 19.57
C SER H 22 46.71 18.33 18.11
N CYS H 23 45.66 17.85 17.45
CA CYS H 23 45.68 17.56 16.03
C CYS H 23 44.38 18.07 15.44
N LYS H 24 44.47 18.82 14.35
CA LYS H 24 43.32 19.43 13.71
C LYS H 24 43.28 18.98 12.26
N ALA H 25 42.11 18.57 11.80
CA ALA H 25 41.91 18.11 10.44
C ALA H 25 41.24 19.17 9.59
N SER H 26 41.61 19.19 8.30
CA SER H 26 41.00 20.14 7.40
C SER H 26 39.58 19.72 7.03
N GLU H 27 39.39 18.44 6.70
CA GLU H 27 38.09 17.91 6.33
C GLU H 27 37.65 16.99 7.48
N TYR H 28 36.51 16.33 7.32
CA TYR H 28 35.97 15.48 8.37
C TYR H 28 36.71 14.14 8.43
N VAL H 29 37.18 13.79 9.62
CA VAL H 29 37.70 12.45 9.90
C VAL H 29 37.00 11.99 11.19
N GLY H 30 36.13 11.00 11.06
CA GLY H 30 35.14 10.70 12.09
C GLY H 30 35.70 10.37 13.46
N THR H 31 36.28 9.19 13.59
CA THR H 31 36.99 8.76 14.78
C THR H 31 38.19 7.95 14.36
N TYR H 32 38.68 8.17 13.15
CA TYR H 32 39.72 7.35 12.55
C TYR H 32 41.08 8.01 12.66
N VAL H 33 41.31 8.71 13.75
CA VAL H 33 42.58 9.36 14.01
C VAL H 33 43.37 8.47 14.96
N SER H 34 44.62 8.22 14.62
CA SER H 34 45.47 7.37 15.42
C SER H 34 46.71 8.14 15.84
N TRP H 35 47.25 7.77 17.00
CA TRP H 35 48.41 8.42 17.57
C TRP H 35 49.54 7.41 17.63
N TYR H 36 50.65 7.74 17.01
CA TYR H 36 51.83 6.89 17.03
C TYR H 36 52.95 7.58 17.79
N GLN H 37 53.83 6.78 18.39
CA GLN H 37 54.99 7.29 19.10
C GLN H 37 56.23 6.74 18.40
N GLN H 38 57.21 7.61 18.18
CA GLN H 38 58.41 7.22 17.45
C GLN H 38 59.65 7.73 18.16
N LYS H 39 60.45 6.82 18.68
CA LYS H 39 61.74 7.17 19.21
C LYS H 39 62.70 7.30 18.02
N PRO H 40 63.84 8.00 18.18
CA PRO H 40 64.76 8.16 17.05
C PRO H 40 65.35 6.84 16.55
N GLU H 41 65.32 6.67 15.21
CA GLU H 41 65.87 5.51 14.51
C GLU H 41 65.16 4.22 14.93
N GLN H 42 63.84 4.29 15.07
CA GLN H 42 63.00 3.14 15.41
C GLN H 42 61.71 3.27 14.64
N SER H 43 60.95 2.18 14.56
CA SER H 43 59.68 2.26 13.88
C SER H 43 58.60 2.80 14.81
N PRO H 44 57.61 3.52 14.27
CA PRO H 44 56.55 4.08 15.11
C PRO H 44 55.75 2.98 15.78
N LYS H 45 55.25 3.29 16.96
CA LYS H 45 54.44 2.35 17.72
C LYS H 45 53.05 2.95 17.89
N LEU H 46 52.04 2.15 17.59
CA LEU H 46 50.67 2.61 17.74
C LEU H 46 50.32 2.74 19.21
N LEU H 47 49.95 3.94 19.63
CA LEU H 47 49.54 4.22 21.00
C LEU H 47 48.03 4.19 21.14
N ILE H 48 47.34 4.99 20.34
CA ILE H 48 45.90 5.19 20.43
C ILE H 48 45.34 4.89 19.05
N TYR H 49 44.60 3.82 18.91
CA TYR H 49 43.94 3.49 17.65
C TYR H 49 42.52 3.98 17.72
N GLY H 50 42.05 4.65 16.67
CA GLY H 50 40.79 5.34 16.77
C GLY H 50 40.78 6.50 17.75
N ALA H 51 39.70 7.28 17.80
CA ALA H 51 39.62 8.32 18.80
C ALA H 51 39.19 7.67 20.10
N SER H 52 40.05 7.76 21.13
CA SER H 52 39.83 7.26 22.49
C SER H 52 39.65 5.74 22.54
N ASN H 53 40.70 5.02 22.10
CA ASN H 53 40.81 3.59 22.31
C ASN H 53 42.28 3.24 22.41
N ARG H 54 42.70 2.68 23.54
CA ARG H 54 44.10 2.36 23.75
C ARG H 54 44.45 1.01 23.13
N TYR H 55 45.64 0.94 22.54
CA TYR H 55 46.12 -0.29 21.94
C TYR H 55 46.62 -1.26 23.02
N THR H 56 46.71 -2.53 22.66
CA THR H 56 47.14 -3.57 23.58
C THR H 56 48.62 -3.39 23.92
N GLY H 57 48.90 -3.15 25.19
CA GLY H 57 50.25 -2.95 25.67
C GLY H 57 50.63 -1.52 25.94
N VAL H 58 49.66 -0.61 25.92
CA VAL H 58 49.88 0.82 26.17
C VAL H 58 49.48 1.11 27.61
N PRO H 59 50.29 1.86 28.37
CA PRO H 59 49.90 2.21 29.74
C PRO H 59 48.62 3.05 29.80
N ASP H 60 48.06 3.11 30.99
CA ASP H 60 46.79 3.80 31.20
C ASP H 60 46.94 5.31 31.37
N ARG H 61 48.10 5.87 31.05
CA ARG H 61 48.31 7.30 31.16
C ARG H 61 48.05 8.04 29.85
N PHE H 62 48.09 7.33 28.72
CA PHE H 62 47.71 7.90 27.44
C PHE H 62 46.20 7.81 27.28
N THR H 63 45.59 8.90 26.83
CA THR H 63 44.17 8.90 26.56
C THR H 63 43.90 9.91 25.44
N GLY H 64 43.02 9.53 24.52
CA GLY H 64 42.69 10.36 23.39
C GLY H 64 41.29 10.91 23.51
N SER H 65 41.02 12.04 22.87
CA SER H 65 39.70 12.66 22.90
C SER H 65 39.37 13.10 21.49
N GLY H 66 38.21 12.69 20.98
CA GLY H 66 37.89 12.85 19.59
C GLY H 66 36.70 13.77 19.35
N SER H 67 36.56 14.15 18.08
CA SER H 67 35.48 14.98 17.58
C SER H 67 35.42 14.75 16.08
N ALA H 68 34.74 15.63 15.36
CA ALA H 68 34.73 15.51 13.91
C ALA H 68 36.03 15.99 13.29
N THR H 69 36.65 17.02 13.86
CA THR H 69 37.87 17.61 13.32
C THR H 69 38.97 17.84 14.34
N ASP H 70 38.66 18.00 15.62
CA ASP H 70 39.65 18.35 16.64
C ASP H 70 39.91 17.12 17.50
N PHE H 71 41.18 16.80 17.70
CA PHE H 71 41.59 15.61 18.43
C PHE H 71 42.72 15.97 19.36
N THR H 72 42.73 15.33 20.54
CA THR H 72 43.73 15.58 21.56
C THR H 72 44.30 14.27 22.07
N LEU H 73 45.56 14.32 22.48
CA LEU H 73 46.24 13.21 23.14
C LEU H 73 46.79 13.72 24.45
N THR H 74 46.37 13.11 25.55
CA THR H 74 46.75 13.54 26.88
C THR H 74 47.55 12.44 27.56
N ILE H 75 48.68 12.81 28.18
CA ILE H 75 49.47 11.90 28.98
C ILE H 75 49.39 12.37 30.42
N GLY H 76 49.29 11.42 31.36
CA GLY H 76 49.14 11.75 32.76
C GLY H 76 50.48 11.80 33.46
N SER H 77 50.77 10.81 34.29
CA SER H 77 52.09 10.73 34.95
C SER H 77 53.11 10.39 33.88
N VAL H 78 53.82 11.40 33.39
CA VAL H 78 54.78 11.19 32.32
C VAL H 78 56.10 10.69 32.88
N GLN H 79 56.57 9.56 32.38
CA GLN H 79 57.79 8.93 32.83
C GLN H 79 58.98 9.44 32.00
N ALA H 80 60.11 8.76 32.12
CA ALA H 80 61.35 9.16 31.48
C ALA H 80 61.60 8.48 30.13
N GLU H 81 60.67 7.65 29.66
CA GLU H 81 60.81 7.01 28.36
C GLU H 81 60.00 7.68 27.27
N ASP H 82 59.32 8.78 27.57
CA ASP H 82 58.51 9.47 26.58
C ASP H 82 59.27 10.56 25.83
N LEU H 83 60.60 10.48 25.77
CA LEU H 83 61.38 11.44 24.99
C LEU H 83 61.40 10.93 23.55
N ALA H 84 60.33 11.26 22.82
CA ALA H 84 60.14 10.73 21.48
C ALA H 84 59.24 11.67 20.70
N ASP H 85 58.94 11.29 19.46
CA ASP H 85 58.05 12.01 18.59
C ASP H 85 56.65 11.41 18.68
N TYR H 86 55.65 12.25 18.45
CA TYR H 86 54.26 11.81 18.49
C TYR H 86 53.57 12.32 17.24
N HIS H 87 53.03 11.39 16.45
CA HIS H 87 52.37 11.72 15.20
C HIS H 87 50.90 11.41 15.32
N CYS H 88 50.08 12.26 14.71
CA CYS H 88 48.67 11.98 14.55
C CYS H 88 48.43 11.70 13.08
N GLY H 89 47.62 10.69 12.80
CA GLY H 89 47.34 10.36 11.43
C GLY H 89 45.88 10.00 11.27
N GLN H 90 45.30 10.38 10.15
CA GLN H 90 43.91 10.09 9.88
C GLN H 90 43.78 8.87 8.99
N SER H 91 42.66 8.17 9.15
CA SER H 91 42.41 6.97 8.36
C SER H 91 41.03 6.98 7.74
N TYR H 92 40.32 8.11 7.77
CA TYR H 92 39.02 8.20 7.13
C TYR H 92 39.13 8.09 5.61
N SER H 93 40.16 8.68 5.05
CA SER H 93 40.49 8.60 3.64
C SER H 93 41.84 7.91 3.56
N TYR H 94 42.45 7.98 2.38
CA TYR H 94 43.83 7.54 2.23
C TYR H 94 44.70 8.24 3.27
N PRO H 95 45.51 7.51 4.02
CA PRO H 95 46.08 8.05 5.27
C PRO H 95 47.05 9.20 5.04
N THR H 96 46.90 10.24 5.84
CA THR H 96 47.83 11.35 5.92
C THR H 96 48.17 11.57 7.38
N PHE H 97 49.43 11.87 7.65
CA PHE H 97 49.92 12.04 9.00
C PHE H 97 50.12 13.53 9.29
N GLY H 98 50.35 13.82 10.56
CA GLY H 98 50.64 15.17 10.97
C GLY H 98 52.13 15.46 10.82
N ALA H 99 52.50 16.68 11.21
CA ALA H 99 53.88 17.10 11.06
C ALA H 99 54.78 16.50 12.13
N GLY H 100 54.23 16.20 13.29
CA GLY H 100 54.98 15.63 14.38
C GLY H 100 55.16 16.62 15.52
N THR H 101 55.37 16.08 16.71
CA THR H 101 55.59 16.88 17.90
C THR H 101 56.72 16.25 18.70
N LYS H 102 57.76 17.03 18.98
CA LYS H 102 58.93 16.54 19.70
C LYS H 102 58.78 16.94 21.17
N LEU H 103 58.55 15.94 22.02
CA LEU H 103 58.54 16.14 23.45
C LEU H 103 59.98 16.22 23.95
N GLU H 104 60.26 17.13 24.87
CA GLU H 104 61.61 17.35 25.34
C GLU H 104 61.62 17.42 26.87
N LEU H 105 62.82 17.40 27.43
CA LEU H 105 63.02 17.36 28.88
C LEU H 105 63.80 18.60 29.31
N LYS H 106 63.20 19.39 30.20
CA LYS H 106 63.85 20.58 30.76
C LYS H 106 63.18 20.97 32.07
N VAL I 2 52.07 -9.70 13.40
CA VAL I 2 52.90 -10.09 14.52
C VAL I 2 54.32 -9.53 14.35
N GLN I 3 54.85 -9.68 13.15
CA GLN I 3 56.18 -9.17 12.85
C GLN I 3 56.27 -8.86 11.36
N LEU I 4 56.94 -7.75 11.04
CA LEU I 4 57.26 -7.36 9.67
C LEU I 4 58.75 -7.16 9.57
N GLN I 5 59.37 -7.78 8.56
CA GLN I 5 60.81 -7.71 8.38
C GLN I 5 61.11 -7.05 7.04
N GLN I 6 61.92 -6.00 7.08
CA GLN I 6 62.35 -5.29 5.90
C GLN I 6 63.80 -5.62 5.57
N SER I 7 64.26 -5.13 4.42
CA SER I 7 65.61 -5.38 3.96
C SER I 7 66.56 -4.34 4.53
N GLY I 8 67.85 -4.47 4.20
CA GLY I 8 68.86 -3.57 4.69
C GLY I 8 68.91 -2.28 3.88
N ALA I 9 69.78 -1.36 4.33
CA ALA I 9 69.92 -0.09 3.65
C ALA I 9 70.58 -0.26 2.29
N GLU I 10 70.22 0.64 1.37
CA GLU I 10 70.75 0.65 0.01
C GLU I 10 71.43 1.99 -0.28
N LEU I 11 72.51 1.92 -1.06
CA LEU I 11 73.27 3.08 -1.48
C LEU I 11 73.38 3.02 -3.00
N VAL I 12 72.51 3.76 -3.67
CA VAL I 12 72.38 3.72 -5.11
C VAL I 12 72.69 5.10 -5.69
N LYS I 13 72.82 5.15 -7.01
CA LYS I 13 73.11 6.39 -7.71
C LYS I 13 71.83 6.99 -8.26
N PRO I 14 71.67 8.31 -8.12
CA PRO I 14 70.45 8.99 -8.60
C PRO I 14 70.20 8.81 -10.09
N GLY I 15 69.05 8.21 -10.41
CA GLY I 15 68.66 7.92 -11.77
C GLY I 15 68.40 6.45 -12.03
N ALA I 16 68.66 5.58 -11.07
CA ALA I 16 68.44 4.15 -11.21
C ALA I 16 67.15 3.76 -10.49
N SER I 17 66.89 2.46 -10.38
CA SER I 17 65.71 1.97 -9.70
C SER I 17 66.09 1.07 -8.54
N VAL I 18 65.28 1.13 -7.49
CA VAL I 18 65.47 0.37 -6.27
C VAL I 18 64.19 -0.43 -6.02
N LYS I 19 64.32 -1.57 -5.35
CA LYS I 19 63.19 -2.41 -4.99
C LYS I 19 63.34 -2.80 -3.53
N LEU I 20 62.38 -2.37 -2.72
CA LEU I 20 62.38 -2.67 -1.30
C LEU I 20 61.39 -3.78 -1.00
N SER I 21 61.69 -4.58 0.02
CA SER I 21 60.86 -5.72 0.37
C SER I 21 60.45 -5.64 1.83
N CYS I 22 59.31 -6.24 2.12
CA CYS I 22 58.77 -6.30 3.48
C CYS I 22 58.15 -7.67 3.66
N THR I 23 58.77 -8.51 4.50
CA THR I 23 58.33 -9.88 4.69
C THR I 23 57.58 -9.97 6.01
N ALA I 24 56.39 -10.56 5.97
CA ALA I 24 55.53 -10.66 7.14
C ALA I 24 55.63 -12.04 7.77
N SER I 25 55.73 -12.07 9.10
CA SER I 25 55.81 -13.31 9.85
C SER I 25 54.79 -13.25 10.97
N GLY I 26 53.90 -14.23 11.04
CA GLY I 26 52.89 -14.28 12.07
C GLY I 26 51.47 -14.10 11.61
N PHE I 27 51.24 -13.82 10.33
CA PHE I 27 49.89 -13.63 9.81
C PHE I 27 49.93 -13.78 8.30
N ASN I 28 48.75 -13.95 7.72
CA ASN I 28 48.59 -14.02 6.28
C ASN I 28 48.28 -12.62 5.76
N ILE I 29 49.06 -12.16 4.78
CA ILE I 29 48.89 -10.80 4.28
C ILE I 29 47.66 -10.60 3.42
N LYS I 30 46.96 -11.67 3.05
CA LYS I 30 45.71 -11.57 2.31
C LYS I 30 44.54 -11.12 3.17
N ASP I 31 44.75 -10.89 4.47
CA ASP I 31 43.67 -10.55 5.38
C ASP I 31 43.60 -9.06 5.68
N THR I 32 44.69 -8.33 5.46
CA THR I 32 44.79 -6.91 5.78
C THR I 32 45.32 -6.17 4.57
N TYR I 33 45.51 -4.87 4.73
CA TYR I 33 46.21 -4.05 3.75
C TYR I 33 47.66 -3.89 4.20
N MET I 34 48.52 -3.55 3.26
CA MET I 34 49.92 -3.30 3.54
C MET I 34 50.26 -1.90 3.07
N TYR I 35 50.84 -1.11 3.96
CA TYR I 35 51.15 0.29 3.70
C TYR I 35 52.64 0.51 3.62
N TRP I 36 53.03 1.45 2.77
CA TRP I 36 54.40 1.90 2.69
C TRP I 36 54.41 3.37 3.08
N VAL I 37 55.29 3.72 4.01
CA VAL I 37 55.38 5.08 4.53
C VAL I 37 56.85 5.48 4.40
N LYS I 38 57.10 6.76 4.18
CA LYS I 38 58.45 7.28 4.15
C LYS I 38 58.59 8.36 5.23
N GLN I 39 59.81 8.50 5.75
CA GLN I 39 60.10 9.47 6.79
C GLN I 39 61.48 10.04 6.51
N ARG I 40 61.55 11.32 6.19
CA ARG I 40 62.81 11.99 5.96
C ARG I 40 63.48 12.26 7.31
N PRO I 41 64.81 12.48 7.32
CA PRO I 41 65.48 12.82 8.59
C PRO I 41 64.96 14.10 9.21
N GLU I 42 64.41 13.96 10.43
CA GLU I 42 63.85 15.04 11.24
C GLU I 42 62.72 15.75 10.50
N GLN I 43 61.66 14.99 10.23
CA GLN I 43 60.44 15.48 9.61
C GLN I 43 59.33 14.48 9.92
N GLY I 44 58.15 14.68 9.34
CA GLY I 44 57.02 13.82 9.59
C GLY I 44 56.84 12.74 8.55
N LEU I 45 56.00 11.77 8.88
CA LEU I 45 55.74 10.64 8.01
C LEU I 45 54.97 11.06 6.76
N GLU I 46 55.15 10.27 5.70
CA GLU I 46 54.49 10.52 4.42
C GLU I 46 54.03 9.19 3.86
N TRP I 47 52.75 9.09 3.55
CA TRP I 47 52.18 7.85 3.05
C TRP I 47 52.47 7.71 1.56
N ILE I 48 53.08 6.59 1.18
CA ILE I 48 53.42 6.34 -0.22
C ILE I 48 52.22 5.73 -0.92
N GLY I 49 51.79 4.56 -0.45
CA GLY I 49 50.68 3.89 -1.06
C GLY I 49 50.34 2.63 -0.30
N ARG I 50 49.26 1.98 -0.72
CA ARG I 50 48.81 0.77 -0.10
C ARG I 50 48.44 -0.25 -1.16
N ILE I 51 48.41 -1.51 -0.77
CA ILE I 51 48.05 -2.58 -1.67
C ILE I 51 47.09 -3.51 -0.94
N ASP I 52 46.09 -4.02 -1.65
CA ASP I 52 45.18 -5.03 -1.13
C ASP I 52 45.67 -6.38 -1.65
N PRO I 53 46.42 -7.17 -0.86
CA PRO I 53 47.05 -8.38 -1.41
C PRO I 53 46.06 -9.46 -1.83
N ALA I 54 44.87 -9.50 -1.22
CA ALA I 54 43.87 -10.48 -1.59
C ALA I 54 43.23 -10.17 -2.94
N ASN I 55 43.36 -8.94 -3.42
CA ASN I 55 42.77 -8.50 -4.66
C ASN I 55 43.82 -8.05 -5.66
N GLY I 56 44.78 -7.25 -5.21
CA GLY I 56 45.76 -6.66 -6.09
C GLY I 56 45.55 -5.18 -6.31
N ASP I 57 44.46 -4.63 -5.79
CA ASP I 57 44.15 -3.21 -5.91
C ASP I 57 45.19 -2.40 -5.18
N THR I 58 45.71 -1.36 -5.83
CA THR I 58 46.69 -0.48 -5.24
C THR I 58 46.19 0.95 -5.37
N LYS I 59 46.52 1.76 -4.37
CA LYS I 59 46.28 3.20 -4.41
C LYS I 59 47.58 3.88 -4.03
N TYR I 60 47.81 5.06 -4.59
CA TYR I 60 49.05 5.77 -4.35
C TYR I 60 48.77 7.22 -3.96
N ASP I 61 49.76 7.81 -3.34
CA ASP I 61 49.73 9.22 -3.03
C ASP I 61 49.92 10.01 -4.32
N PRO I 62 49.19 11.13 -4.50
CA PRO I 62 49.38 11.96 -5.71
C PRO I 62 50.82 12.43 -5.92
N LYS I 63 51.60 12.58 -4.85
CA LYS I 63 53.00 12.93 -4.96
C LYS I 63 53.88 11.72 -5.23
N PHE I 64 53.28 10.54 -5.43
CA PHE I 64 54.02 9.33 -5.76
C PHE I 64 53.45 8.56 -6.94
N GLN I 65 52.38 9.05 -7.56
CA GLN I 65 51.80 8.35 -8.70
C GLN I 65 52.76 8.38 -9.87
N GLY I 66 53.07 7.21 -10.40
CA GLY I 66 54.01 7.07 -11.50
C GLY I 66 55.42 6.76 -11.05
N LYS I 67 55.80 7.22 -9.86
CA LYS I 67 57.15 6.98 -9.35
C LYS I 67 57.26 5.60 -8.72
N ALA I 68 56.43 5.35 -7.70
CA ALA I 68 56.51 4.10 -6.95
C ALA I 68 55.44 3.13 -7.44
N THR I 69 55.74 1.84 -7.28
CA THR I 69 54.81 0.77 -7.63
C THR I 69 54.91 -0.32 -6.57
N ILE I 70 53.77 -0.73 -6.05
CA ILE I 70 53.69 -1.69 -4.95
C ILE I 70 53.11 -2.99 -5.49
N THR I 71 53.83 -4.09 -5.29
CA THR I 71 53.38 -5.41 -5.68
C THR I 71 53.43 -6.32 -4.47
N THR I 72 52.82 -7.50 -4.61
CA THR I 72 52.74 -8.45 -3.51
C THR I 72 52.95 -9.87 -4.02
N ASP I 73 53.53 -10.70 -3.15
CA ASP I 73 53.69 -12.13 -3.40
C ASP I 73 53.07 -12.84 -2.21
N THR I 74 51.96 -13.54 -2.44
CA THR I 74 51.19 -14.11 -1.35
C THR I 74 51.85 -15.35 -0.76
N PHE I 75 52.47 -16.17 -1.62
CA PHE I 75 53.01 -17.46 -1.23
C PHE I 75 54.10 -17.37 -0.17
N SER I 76 54.79 -16.23 -0.07
CA SER I 76 55.86 -16.06 0.91
C SER I 76 55.59 -14.92 1.89
N ASN I 77 54.40 -14.31 1.82
CA ASN I 77 53.97 -13.19 2.68
C ASN I 77 54.95 -12.02 2.59
N THR I 78 55.06 -11.46 1.40
CA THR I 78 56.00 -10.38 1.13
C THR I 78 55.30 -9.28 0.37
N ALA I 79 55.63 -8.04 0.68
CA ALA I 79 55.17 -6.86 -0.03
C ALA I 79 56.37 -6.13 -0.59
N TYR I 80 56.31 -5.78 -1.87
CA TYR I 80 57.42 -5.14 -2.57
C TYR I 80 57.07 -3.72 -2.95
N LEU I 81 58.04 -2.82 -2.80
CA LEU I 81 57.91 -1.44 -3.23
C LEU I 81 59.07 -1.12 -4.16
N GLN I 82 58.75 -0.73 -5.39
CA GLN I 82 59.77 -0.41 -6.39
C GLN I 82 59.64 1.06 -6.74
N LEU I 83 60.72 1.81 -6.55
CA LEU I 83 60.81 3.21 -6.93
C LEU I 83 61.61 3.34 -8.23
N SER I 84 61.05 4.07 -9.19
CA SER I 84 61.50 4.05 -10.58
C SER I 84 62.72 4.93 -10.83
N SER I 85 62.59 6.24 -10.58
CA SER I 85 63.64 7.22 -10.88
C SER I 85 63.81 8.13 -9.68
N LEU I 86 64.84 7.88 -8.88
CA LEU I 86 65.03 8.57 -7.61
C LEU I 86 66.01 9.72 -7.79
N THR I 87 65.62 10.89 -7.30
CA THR I 87 66.43 12.09 -7.42
C THR I 87 67.30 12.23 -6.17
N SER I 88 67.92 13.40 -5.97
CA SER I 88 68.87 13.60 -4.89
C SER I 88 68.23 14.13 -3.61
N GLU I 89 66.94 13.86 -3.38
CA GLU I 89 66.29 14.30 -2.14
C GLU I 89 65.59 13.19 -1.37
N ASP I 90 65.25 12.07 -1.99
CA ASP I 90 64.53 10.98 -1.32
C ASP I 90 65.49 10.01 -0.63
N THR I 91 66.30 10.55 0.28
CA THR I 91 67.13 9.77 1.18
C THR I 91 66.38 9.77 2.49
N ALA I 92 65.52 8.79 2.68
CA ALA I 92 64.67 8.75 3.85
C ALA I 92 64.67 7.34 4.41
N VAL I 93 63.79 7.10 5.38
CA VAL I 93 63.56 5.78 5.92
C VAL I 93 62.20 5.33 5.43
N TYR I 94 62.13 4.12 4.91
CA TYR I 94 60.91 3.59 4.30
C TYR I 94 60.35 2.52 5.20
N TYR I 95 59.16 2.77 5.73
CA TYR I 95 58.50 1.85 6.64
C TYR I 95 57.41 1.06 5.92
N CYS I 96 57.24 -0.17 6.36
CA CYS I 96 56.19 -1.06 5.89
C CYS I 96 55.25 -1.32 7.05
N ALA I 97 53.96 -1.05 6.84
CA ALA I 97 52.98 -1.16 7.89
C ALA I 97 51.80 -1.99 7.39
N ARG I 98 50.97 -2.43 8.34
CA ARG I 98 49.77 -3.18 8.04
C ARG I 98 48.61 -2.53 8.78
N LYS I 99 47.41 -2.66 8.22
CA LYS I 99 46.27 -2.02 8.85
C LYS I 99 45.86 -2.77 10.11
N GLY I 100 45.28 -2.04 11.05
CA GLY I 100 44.97 -2.62 12.34
C GLY I 100 43.49 -2.67 12.62
N LEU I 101 43.09 -2.25 13.82
CA LEU I 101 41.69 -2.42 14.20
C LEU I 101 40.83 -1.32 13.61
N ARG I 102 41.04 -0.09 14.04
CA ARG I 102 40.25 1.05 13.54
C ARG I 102 41.01 1.78 12.44
N TRP I 103 41.38 1.00 11.42
CA TRP I 103 42.11 1.43 10.22
C TRP I 103 43.44 2.14 10.55
N ALA I 104 44.03 1.81 11.68
CA ALA I 104 45.34 2.32 12.06
C ALA I 104 46.43 1.35 11.64
N MET I 105 47.67 1.83 11.66
CA MET I 105 48.81 0.99 11.31
C MET I 105 49.41 0.48 12.60
N ASP I 106 48.96 -0.71 13.01
CA ASP I 106 49.31 -1.22 14.34
C ASP I 106 50.69 -1.84 14.39
N TYR I 107 51.13 -2.47 13.29
CA TYR I 107 52.44 -3.10 13.23
C TYR I 107 53.23 -2.42 12.13
N TRP I 108 54.46 -2.03 12.46
CA TRP I 108 55.35 -1.39 11.52
C TRP I 108 56.57 -2.28 11.33
N GLY I 109 57.31 -2.01 10.26
CA GLY I 109 58.51 -2.78 9.98
C GLY I 109 59.68 -2.40 10.84
N GLN I 110 60.87 -2.37 10.24
CA GLN I 110 62.08 -1.98 10.93
C GLN I 110 62.78 -0.82 10.25
N GLY I 111 62.28 -0.38 9.11
CA GLY I 111 62.85 0.76 8.43
C GLY I 111 63.88 0.33 7.41
N THR I 112 63.83 0.97 6.25
CA THR I 112 64.80 0.74 5.18
C THR I 112 65.28 2.10 4.72
N SER I 113 66.56 2.40 4.95
CA SER I 113 67.12 3.72 4.67
C SER I 113 67.74 3.71 3.29
N VAL I 114 67.05 4.29 2.31
CA VAL I 114 67.64 4.42 0.99
C VAL I 114 68.55 5.65 1.02
N THR I 115 69.63 5.61 0.24
CA THR I 115 70.61 6.68 0.21
C THR I 115 71.10 6.86 -1.22
N VAL I 116 71.03 8.08 -1.73
CA VAL I 116 71.54 8.39 -3.07
C VAL I 116 72.76 9.30 -2.91
N SER I 117 73.85 8.91 -3.56
CA SER I 117 75.13 9.63 -3.52
C SER I 117 75.97 9.14 -4.69
N THR I 118 77.24 9.52 -4.68
CA THR I 118 78.19 9.09 -5.72
C THR I 118 79.37 8.37 -5.11
C1 NAG J . -29.13 -8.88 13.52
C2 NAG J . -30.20 -9.17 14.57
C3 NAG J . -30.30 -10.68 14.81
C4 NAG J . -30.59 -11.38 13.49
C5 NAG J . -29.50 -11.02 12.48
C6 NAG J . -29.76 -11.59 11.11
C7 NAG J . -28.96 -8.50 16.66
C8 NAG J . -29.04 -7.63 17.87
N2 NAG J . -30.00 -8.44 15.83
O3 NAG J . -31.34 -10.94 15.76
O4 NAG J . -30.65 -12.79 13.68
O5 NAG J . -29.44 -9.59 12.32
O6 NAG J . -30.67 -10.78 10.37
O7 NAG J . -27.98 -9.22 16.46
C1 NAG J . -31.89 -13.38 13.56
C2 NAG J . -31.66 -14.75 12.93
C3 NAG J . -32.87 -15.66 13.21
C4 NAG J . -33.15 -15.72 14.71
C5 NAG J . -33.32 -14.31 15.27
C6 NAG J . -33.49 -14.27 16.76
C7 NAG J . -30.34 -15.11 10.90
C8 NAG J . -30.27 -14.91 9.41
N2 NAG J . -31.44 -14.65 11.50
O3 NAG J . -32.60 -16.97 12.72
O4 NAG J . -34.34 -16.46 14.95
O5 NAG J . -32.14 -13.53 14.97
O6 NAG J . -32.84 -13.16 17.34
O7 NAG J . -29.45 -15.68 11.52
C1 BMA J . -35.62 -16.95 15.07
C2 BMA J . -36.83 -17.11 16.01
C3 BMA J . -36.80 -18.50 16.66
C4 BMA J . -36.59 -19.63 15.63
C5 BMA J . -35.34 -19.33 14.77
C6 BMA J . -35.10 -20.34 13.69
O2 BMA J . -38.04 -17.03 15.28
O3 BMA J . -38.00 -18.76 17.38
O4 BMA J . -36.41 -20.87 16.29
O5 BMA J . -35.52 -18.03 14.15
O6 BMA J . -35.11 -21.63 14.28
C1 NAG K . -1.19 -18.70 6.67
C2 NAG K . -0.70 -18.94 8.07
C3 NAG K . 0.47 -18.00 8.35
C4 NAG K . 1.44 -17.96 7.18
C5 NAG K . 0.76 -17.77 5.84
C6 NAG K . 1.76 -17.80 4.70
C7 NAG K . -2.48 -19.68 9.55
C8 NAG K . -3.41 -19.28 10.66
N2 NAG K . -1.76 -18.70 9.03
O3 NAG K . 1.16 -18.45 9.53
O4 NAG K . 2.39 -16.90 7.37
O5 NAG K . -0.16 -18.84 5.69
O6 NAG K . 2.11 -19.16 4.39
O7 NAG K . -2.41 -20.83 9.15
C1 NAG K . 3.64 -17.56 7.65
C2 NAG K . 4.82 -16.74 7.18
C3 NAG K . 6.09 -17.56 7.37
C4 NAG K . 6.15 -18.15 8.77
C5 NAG K . 4.85 -18.81 9.18
C6 NAG K . 4.87 -19.31 10.61
C7 NAG K . 4.29 -15.16 5.40
C8 NAG K . 4.64 -14.80 3.99
N2 NAG K . 4.68 -16.38 5.78
O3 NAG K . 7.23 -16.74 7.13
O4 NAG K . 7.18 -19.13 8.82
O5 NAG K . 3.79 -17.89 9.01
O6 NAG K . 4.58 -18.24 11.51
O7 NAG K . 3.69 -14.40 6.14
C1 BMA K . 8.13 -18.74 9.82
C2 BMA K . 9.27 -19.75 9.82
C3 BMA K . 10.39 -19.32 10.75
C4 BMA K . 10.78 -17.87 10.49
C5 BMA K . 9.55 -16.99 10.56
C6 BMA K . 9.93 -15.54 10.31
O2 BMA K . 9.76 -19.89 8.49
O3 BMA K . 11.53 -20.15 10.49
O4 BMA K . 11.73 -17.46 11.47
O5 BMA K . 8.63 -17.42 9.56
O6 BMA K . 8.74 -14.78 10.01
C1 MAN K . 11.64 -21.11 11.56
C2 MAN K . 12.65 -22.21 11.28
C3 MAN K . 12.00 -23.39 10.56
C4 MAN K . 10.75 -23.84 11.30
C5 MAN K . 9.81 -22.65 11.50
C6 MAN K . 8.55 -23.08 12.24
O2 MAN K . 13.23 -22.65 12.51
O3 MAN K . 12.94 -24.48 10.49
O4 MAN K . 10.08 -24.85 10.55
O5 MAN K . 10.48 -21.63 12.22
O6 MAN K . 8.92 -23.63 13.52
C1 MAN K . 14.66 -22.57 12.50
C2 MAN K . 15.13 -23.54 13.58
C3 MAN K . 14.64 -23.05 14.93
C4 MAN K . 14.99 -21.59 15.13
C5 MAN K . 14.55 -20.74 13.95
C6 MAN K . 14.95 -19.28 14.11
O2 MAN K . 16.54 -23.61 13.61
O3 MAN K . 15.25 -23.84 15.95
O4 MAN K . 14.33 -21.11 16.32
O5 MAN K . 15.15 -21.27 12.78
O6 MAN K . 14.13 -18.66 15.11
C1 MAN K . 17.13 -24.42 12.54
C2 MAN K . 18.56 -24.79 12.90
C3 MAN K . 19.50 -23.67 12.48
C4 MAN K . 19.28 -23.31 11.02
C5 MAN K . 17.80 -23.08 10.72
C6 MAN K . 17.55 -22.82 9.25
O2 MAN K . 18.92 -26.00 12.22
O3 MAN K . 20.85 -24.09 12.67
O4 MAN K . 20.00 -22.12 10.69
O5 MAN K . 17.06 -24.24 11.13
O6 MAN K . 16.15 -22.65 9.02
C1 MAN K . 9.18 -13.47 9.59
C2 MAN K . 7.99 -12.54 9.46
C3 MAN K . 7.12 -12.88 8.26
C4 MAN K . 7.99 -13.06 7.02
C5 MAN K . 9.05 -14.09 7.35
C6 MAN K . 9.92 -14.50 6.17
O2 MAN K . 8.44 -11.19 9.30
O3 MAN K . 6.18 -11.81 8.06
O4 MAN K . 7.19 -13.51 5.92
O5 MAN K . 9.89 -13.54 8.36
O6 MAN K . 10.72 -15.61 6.60
C1 MAN K . 12.03 -15.63 6.01
C2 MAN K . 12.35 -17.10 5.78
C3 MAN K . 12.37 -17.80 7.12
C4 MAN K . 13.41 -17.12 7.99
C5 MAN K . 13.09 -15.63 8.13
C6 MAN K . 14.16 -14.92 8.96
O2 MAN K . 13.68 -17.24 5.27
O3 MAN K . 12.72 -19.18 6.94
O4 MAN K . 13.44 -17.73 9.29
O5 MAN K . 13.01 -15.04 6.83
O6 MAN K . 15.27 -14.58 8.12
C1 MAN K . 13.76 -17.06 3.81
C2 MAN K . 15.14 -17.45 3.31
C3 MAN K . 16.09 -16.26 3.35
C4 MAN K . 15.45 -15.04 2.68
C5 MAN K . 14.06 -14.79 3.27
C6 MAN K . 13.41 -13.57 2.62
O2 MAN K . 15.03 -17.95 1.97
O3 MAN K . 17.31 -16.59 2.67
O4 MAN K . 16.27 -13.89 2.89
O5 MAN K . 13.27 -15.95 3.07
O6 MAN K . 12.15 -13.33 3.25
C1 MAN K . 4.85 -12.30 8.30
C2 MAN K . 3.85 -11.15 8.20
C3 MAN K . 3.80 -10.31 9.47
C4 MAN K . 3.69 -11.21 10.69
C5 MAN K . 4.83 -12.20 10.68
C6 MAN K . 4.83 -13.06 11.94
O2 MAN K . 2.54 -11.68 7.94
O3 MAN K . 2.67 -9.43 9.42
O4 MAN K . 3.74 -10.43 11.89
O5 MAN K . 4.71 -13.03 9.52
O6 MAN K . 5.24 -12.24 13.05
C1 NAG L . 14.79 4.90 -22.50
C2 NAG L . 15.20 4.99 -23.97
C3 NAG L . 16.21 3.91 -24.31
C4 NAG L . 17.42 4.04 -23.38
C5 NAG L . 16.94 3.96 -21.93
C6 NAG L . 18.05 4.17 -20.92
C7 NAG L . 13.16 3.99 -25.06
C8 NAG L . 12.11 4.24 -26.09
N2 NAG L . 14.06 4.97 -24.90
O3 NAG L . 16.63 4.05 -25.66
O4 NAG L . 18.37 3.02 -23.64
O5 NAG L . 15.97 4.99 -21.68
O6 NAG L . 18.38 5.54 -20.80
O7 NAG L . 13.19 2.94 -24.42
C1 NAG L . 19.56 3.38 -24.22
C2 NAG L . 20.71 2.52 -23.68
C3 NAG L . 21.86 2.50 -24.68
C4 NAG L . 21.36 2.00 -26.03
C5 NAG L . 20.20 2.88 -26.50
C6 NAG L . 19.58 2.41 -27.79
C7 NAG L . 21.10 2.30 -21.27
C8 NAG L . 21.60 2.97 -20.03
N2 NAG L . 21.16 3.02 -22.39
O3 NAG L . 22.89 1.65 -24.20
O4 NAG L . 22.42 2.06 -26.98
O5 NAG L . 19.16 2.87 -25.51
O6 NAG L . 19.07 1.09 -27.67
O7 NAG L . 20.65 1.16 -21.26
C1 BMA L . 23.34 2.32 -27.96
C2 BMA L . 23.47 1.97 -29.46
C3 BMA L . 23.91 0.50 -29.57
C4 BMA L . 25.24 0.32 -28.82
C5 BMA L . 25.04 0.73 -27.35
C6 BMA L . 26.32 0.59 -26.53
O2 BMA L . 24.48 2.74 -30.08
O3 BMA L . 24.08 0.12 -30.92
O4 BMA L . 25.63 -1.04 -28.87
O5 BMA L . 24.59 2.12 -27.31
O6 BMA L . 26.88 -0.68 -26.80
C1 NAG M . 11.74 -16.48 -0.31
C2 NAG M . 10.60 -17.01 0.54
C3 NAG M . 10.88 -18.45 0.98
C4 NAG M . 11.27 -19.32 -0.22
C5 NAG M . 12.37 -18.64 -1.05
C6 NAG M . 12.68 -19.37 -2.32
C7 NAG M . 9.21 -15.53 1.92
C8 NAG M . 9.15 -14.70 3.16
N2 NAG M . 10.36 -16.16 1.70
O3 NAG M . 9.72 -18.99 1.61
O4 NAG M . 11.73 -20.59 0.23
O5 NAG M . 11.93 -17.33 -1.42
O6 NAG M . 11.92 -18.85 -3.40
O7 NAG M . 8.25 -15.64 1.16
C1 NAG M . 11.03 -21.77 0.04
C2 NAG M . 11.66 -23.15 -0.21
C3 NAG M . 10.60 -24.25 -0.11
C4 NAG M . 9.85 -24.16 1.20
C5 NAG M . 9.25 -22.77 1.36
C6 NAG M . 8.55 -22.56 2.69
C7 NAG M . 13.62 -22.95 -1.68
C8 NAG M . 14.13 -23.03 -3.08
N2 NAG M . 12.32 -23.20 -1.51
O3 NAG M . 11.24 -25.52 -0.22
O4 NAG M . 8.81 -25.13 1.23
O5 NAG M . 10.28 -21.78 1.28
O6 NAG M . 9.49 -22.54 3.75
O7 NAG M . 14.36 -22.65 -0.73
C1 BMA M . 8.69 -26.35 1.87
C2 BMA M . 7.97 -26.24 3.22
C3 BMA M . 8.83 -26.83 4.33
C4 BMA M . 9.30 -28.26 3.96
C5 BMA M . 10.01 -28.23 2.59
C6 BMA M . 10.46 -29.62 2.16
O2 BMA M . 6.76 -26.99 3.20
O3 BMA M . 8.13 -26.88 5.56
O4 BMA M . 10.20 -28.73 4.95
O5 BMA M . 9.11 -27.68 1.60
O6 BMA M . 11.18 -29.50 0.94
C1 NAG N . 9.34 -1.22 39.01
C2 NAG N . 9.06 -0.16 40.07
C3 NAG N . 10.08 -0.29 41.20
C4 NAG N . 10.10 -1.71 41.75
C5 NAG N . 10.25 -2.74 40.64
C6 NAG N . 10.00 -4.15 41.17
C7 NAG N . 8.08 1.85 39.13
C8 NAG N . 6.87 1.66 39.98
N2 NAG N . 9.16 1.17 39.49
O3 NAG N . 9.75 0.62 42.24
O4 NAG N . 11.22 -1.86 42.63
O5 NAG N . 9.32 -2.53 39.58
O6 NAG N . 8.59 -4.34 41.35
O7 NAG N . 8.09 2.59 38.16
C1 NAG N . 10.81 -1.85 44.00
C2 NAG N . 11.70 -2.81 44.80
C3 NAG N . 11.42 -2.75 46.30
C4 NAG N . 11.51 -1.30 46.75
C5 NAG N . 10.53 -0.47 45.95
C6 NAG N . 10.51 0.98 46.40
C7 NAG N . 12.39 -4.73 43.50
C8 NAG N . 12.56 -6.21 43.64
N2 NAG N . 11.51 -4.17 44.33
O3 NAG N . 12.38 -3.55 47.00
O4 NAG N . 11.21 -1.20 48.15
O5 NAG N . 10.86 -0.54 44.56
O6 NAG N . 9.40 1.65 45.79
O7 NAG N . 13.02 -4.07 42.69
C1 NAG O . -8.10 -28.55 34.54
C2 NAG O . -8.10 -28.37 36.05
C3 NAG O . -9.49 -28.64 36.62
C4 NAG O . -10.54 -27.80 35.90
C5 NAG O . -10.45 -28.01 34.40
C6 NAG O . -11.37 -27.13 33.61
C7 NAG O . -6.32 -28.83 37.68
C8 NAG O . -5.36 -29.85 38.21
N2 NAG O . -7.11 -29.23 36.68
O3 NAG O . -9.50 -28.33 38.02
O4 NAG O . -11.84 -28.16 36.35
O5 NAG O . -9.12 -27.71 33.95
O6 NAG O . -10.68 -26.04 33.02
O7 NAG O . -6.38 -27.70 38.14
N ABU P . -18.26 -23.65 4.40
CD ABU P . -17.69 -24.64 3.48
CB ABU P . -18.51 -24.60 2.20
CG ABU P . -17.75 -25.26 1.04
C ABU P . -18.54 -25.00 -0.22
O ABU P . -18.09 -25.39 -1.41
OXT ABU P . -19.61 -24.48 -0.15
C1 NAG Q . 8.65 -30.29 -26.77
C2 NAG Q . 7.83 -30.91 -27.90
C3 NAG Q . 8.44 -30.55 -29.25
C4 NAG Q . 8.64 -29.04 -29.39
C5 NAG Q . 9.45 -28.51 -28.20
C6 NAG Q . 9.59 -27.02 -28.20
C7 NAG Q . 6.65 -33.05 -28.06
C8 NAG Q . 6.72 -34.53 -27.84
N2 NAG Q . 7.74 -32.35 -27.74
O3 NAG Q . 7.60 -31.01 -30.29
O4 NAG Q . 9.32 -28.74 -30.59
O5 NAG Q . 8.79 -28.87 -26.98
O6 NAG Q . 8.68 -26.41 -27.29
O7 NAG Q . 5.63 -32.51 -28.50
N ABU R . 23.56 -7.71 -8.78
CD ABU R . 24.36 -8.28 -7.70
CB ABU R . 25.31 -7.20 -7.18
CG ABU R . 26.06 -7.68 -5.95
C ABU R . 26.83 -6.49 -5.41
O ABU R . 27.06 -5.55 -6.13
OXT ABU R . 27.30 -6.49 -4.16
C01 RI5 S . -19.53 42.93 -2.59
C02 RI5 S . -19.83 41.69 -1.81
C03 RI5 S . -20.11 41.78 -0.52
C04 RI5 S . -19.83 40.40 -2.61
C05 RI5 S . -19.88 39.07 -1.85
C06 RI5 S . -18.87 39.23 -0.71
C07 RI5 S . -17.48 39.70 -1.29
C08 RI5 S . -17.32 40.39 -2.70
C09 RI5 S . -18.62 40.14 -3.50
C10 RI5 S . -18.77 38.69 -3.85
O11 RI5 S . -18.41 38.09 -4.82
O12 RI5 S . -19.44 38.08 -2.84
C13 RI5 S . -16.07 39.74 -3.32
C14 RI5 S . -16.14 38.32 -2.83
C15 RI5 S . -16.85 38.33 -1.54
O16 RI5 S . -15.42 38.13 -1.60
C17 RI5 S . -17.70 37.28 -0.93
O18 RI5 S . -17.63 36.10 -1.06
O19 RI5 S . -18.64 37.88 -0.18
O20 RI5 S . -17.08 41.79 -2.55
C21 RI5 S . -16.64 40.38 -0.24
#